data_7ZZZ
#
_entry.id   7ZZZ
#
_cell.length_a   1.00
_cell.length_b   1.00
_cell.length_c   1.00
_cell.angle_alpha   90.00
_cell.angle_beta   90.00
_cell.angle_gamma   90.00
#
_symmetry.space_group_name_H-M   'P 1'
#
loop_
_entity.id
_entity.type
_entity.pdbx_description
1 polymer 'Major capsid protein P5'
2 polymer 'Spike protein P13 N-terminal, capsid internal domain'
3 polymer 'Unknown vertex protein'
#
loop_
_entity_poly.entity_id
_entity_poly.type
_entity_poly.pdbx_seq_one_letter_code
_entity_poly.pdbx_strand_id
1 'polypeptide(L)'
;MKIATITGVTKSPELQVTKAIGALILSSDVALSALTTEKISIYIERGNGSNVILANKVLLKDFILASTYGTENTQSDADN
AMIALCELADEGSIYLADKESIKITLEDLISDKRYDLHGIEEPQQTNNLFFFEQKSVASEEFNKKIDVQGFDLAIMTVDD
SVSDLSYQYSNGQVVKYLPFELQTLSRDIDPIQAVLSDGKVVQGLTDRLTLPLVAVVGIEINKSQGSIINFVVRCLKTV
;
J,D,E,F,G,H,I,A,B,C
2 'polypeptide(L)'
;MNFIQYIDDSYAVKVKEINSSEGFYINGIQTPFFILSVFIGNKRVTGVEFNNYDSLPMLSVINDLGNIDLNVIPQNYFAT
AFTEIYFNIPF
;
P
3 'polypeptide(L)' (UNK)(UNK)(UNK)(UNK)(UNK) X
#
# COMPACT_ATOMS: atom_id res chain seq x y z
N MET A 1 58.09 -17.02 49.54
CA MET A 1 58.83 -16.86 48.30
C MET A 1 58.58 -15.48 47.69
N LYS A 2 59.46 -15.06 46.79
CA LYS A 2 59.35 -13.78 46.12
C LYS A 2 58.81 -14.00 44.71
N ILE A 3 57.79 -13.23 44.34
CA ILE A 3 57.15 -13.40 43.04
C ILE A 3 57.72 -12.41 42.04
N ALA A 4 57.55 -11.11 42.31
CA ALA A 4 58.01 -10.10 41.37
C ALA A 4 58.19 -8.76 42.06
N THR A 5 58.99 -7.91 41.43
CA THR A 5 59.18 -6.51 41.82
C THR A 5 59.00 -5.67 40.57
N ILE A 6 58.02 -4.79 40.58
CA ILE A 6 57.61 -4.01 39.41
C ILE A 6 57.90 -2.53 39.67
N THR A 7 58.64 -1.91 38.76
CA THR A 7 58.90 -0.49 38.81
C THR A 7 59.24 -0.01 37.39
N GLY A 8 58.93 1.24 37.11
CA GLY A 8 59.20 1.85 35.82
C GLY A 8 58.15 1.63 34.76
N VAL A 9 57.64 0.40 34.65
CA VAL A 9 56.66 0.05 33.62
C VAL A 9 55.25 0.21 34.20
N THR A 10 54.33 0.66 33.35
CA THR A 10 52.95 0.91 33.78
C THR A 10 52.11 -0.35 33.87
N LYS A 11 52.58 -1.47 33.30
CA LYS A 11 51.84 -2.72 33.35
C LYS A 11 52.78 -3.85 33.74
N SER A 12 52.27 -4.79 34.52
CA SER A 12 53.12 -5.90 34.94
C SER A 12 52.91 -7.11 34.05
N PRO A 13 53.97 -7.88 33.79
CA PRO A 13 53.81 -9.10 33.00
C PRO A 13 52.99 -10.14 33.75
N GLU A 14 52.38 -11.05 32.98
CA GLU A 14 51.58 -12.12 33.54
C GLU A 14 52.49 -13.05 34.33
N LEU A 15 52.38 -13.01 35.66
CA LEU A 15 53.25 -13.80 36.53
C LEU A 15 52.60 -15.15 36.83
N GLN A 16 53.34 -16.22 36.59
CA GLN A 16 52.85 -17.58 36.76
C GLN A 16 53.50 -18.21 37.99
N VAL A 17 52.67 -18.82 38.83
CA VAL A 17 53.13 -19.50 40.05
C VAL A 17 52.68 -20.95 39.96
N THR A 18 53.65 -21.86 40.12
CA THR A 18 53.37 -23.29 40.11
C THR A 18 53.34 -23.90 41.51
N LYS A 19 53.87 -23.20 42.51
CA LYS A 19 53.84 -23.68 43.88
C LYS A 19 52.51 -23.33 44.54
N ALA A 20 51.96 -24.29 45.28
CA ALA A 20 50.68 -24.08 45.96
C ALA A 20 50.87 -23.09 47.10
N ILE A 21 50.37 -21.87 46.93
CA ILE A 21 50.49 -20.84 47.93
C ILE A 21 49.14 -20.68 48.63
N GLY A 22 49.14 -19.95 49.74
CA GLY A 22 47.93 -19.77 50.51
C GLY A 22 47.57 -18.32 50.76
N ALA A 23 48.52 -17.41 50.58
CA ALA A 23 48.26 -15.99 50.79
C ALA A 23 49.20 -15.15 49.94
N LEU A 24 48.82 -13.90 49.74
CA LEU A 24 49.62 -12.95 48.99
C LEU A 24 50.02 -11.78 49.88
N ILE A 25 51.20 -11.24 49.64
CA ILE A 25 51.72 -10.09 50.36
C ILE A 25 52.00 -8.98 49.35
N LEU A 26 51.32 -7.85 49.54
CA LEU A 26 51.50 -6.66 48.71
C LEU A 26 52.36 -5.67 49.48
N SER A 27 53.44 -5.20 48.88
CA SER A 27 54.24 -4.16 49.50
C SER A 27 54.48 -3.02 48.52
N SER A 28 54.35 -1.80 49.00
CA SER A 28 54.53 -0.63 48.16
C SER A 28 55.03 0.54 49.02
N ASP A 29 55.64 1.51 48.35
CA ASP A 29 56.19 2.68 49.01
C ASP A 29 55.20 3.84 49.10
N VAL A 30 53.99 3.66 48.60
CA VAL A 30 52.96 4.68 48.69
C VAL A 30 52.01 4.34 49.83
N ALA A 31 51.36 5.35 50.36
CA ALA A 31 50.41 5.13 51.44
C ALA A 31 49.15 4.45 50.92
N LEU A 32 48.38 3.87 51.85
CA LEU A 32 47.14 3.21 51.46
C LEU A 32 46.15 4.19 50.86
N SER A 33 46.05 5.39 51.43
CA SER A 33 45.15 6.42 50.90
C SER A 33 45.63 7.01 49.59
N ALA A 34 46.88 6.76 49.19
CA ALA A 34 47.42 7.31 47.96
C ALA A 34 47.14 6.46 46.74
N LEU A 35 46.61 5.25 46.91
CA LEU A 35 46.26 4.41 45.78
C LEU A 35 45.10 5.02 45.01
N THR A 36 45.24 5.10 43.69
CA THR A 36 44.25 5.77 42.85
C THR A 36 43.56 4.81 41.88
N THR A 37 44.32 4.09 41.05
CA THR A 37 43.70 3.29 39.99
C THR A 37 44.36 1.93 39.79
N GLU A 38 45.21 1.48 40.71
CA GLU A 38 45.87 0.19 40.54
C GLU A 38 44.85 -0.94 40.60
N LYS A 39 44.96 -1.89 39.68
CA LYS A 39 44.04 -3.02 39.60
C LYS A 39 44.84 -4.31 39.57
N ILE A 40 44.24 -5.38 40.11
CA ILE A 40 44.87 -6.68 40.17
C ILE A 40 43.91 -7.72 39.62
N SER A 41 44.47 -8.79 39.05
CA SER A 41 43.68 -9.91 38.55
C SER A 41 44.41 -11.21 38.83
N ILE A 42 43.74 -12.14 39.49
CA ILE A 42 44.30 -13.44 39.86
C ILE A 42 43.36 -14.53 39.36
N TYR A 43 43.91 -15.55 38.70
CA TYR A 43 43.08 -16.65 38.25
C TYR A 43 43.91 -17.93 38.15
N ILE A 44 43.24 -19.05 38.42
CA ILE A 44 43.87 -20.37 38.36
C ILE A 44 43.51 -21.01 37.02
N GLU A 45 44.53 -21.44 36.29
CA GLU A 45 44.34 -22.04 34.98
C GLU A 45 44.55 -23.56 35.07
N ARG A 46 43.63 -24.30 34.46
CA ARG A 46 43.73 -25.74 34.36
C ARG A 46 44.51 -26.10 33.10
N GLY A 47 44.45 -27.37 32.70
CA GLY A 47 45.06 -27.81 31.46
C GLY A 47 44.04 -27.83 30.34
N ASN A 48 43.59 -29.03 29.96
CA ASN A 48 42.56 -29.18 28.93
C ASN A 48 41.20 -28.89 29.57
N GLY A 49 40.95 -27.61 29.80
CA GLY A 49 39.71 -27.21 30.44
C GLY A 49 39.59 -25.71 30.49
N SER A 50 38.60 -25.25 31.25
CA SER A 50 38.30 -23.83 31.40
C SER A 50 38.94 -23.27 32.65
N ASN A 51 39.32 -22.01 32.59
CA ASN A 51 39.99 -21.35 33.70
C ASN A 51 39.00 -21.00 34.81
N VAL A 52 39.54 -20.71 35.99
CA VAL A 52 38.77 -20.30 37.15
C VAL A 52 39.24 -18.91 37.54
N ILE A 53 38.30 -17.96 37.60
CA ILE A 53 38.62 -16.56 37.86
C ILE A 53 38.19 -16.23 39.28
N LEU A 54 39.16 -15.86 40.12
CA LEU A 54 38.87 -15.42 41.48
C LEU A 54 38.75 -13.91 41.58
N ALA A 55 39.65 -13.17 40.91
CA ALA A 55 39.59 -11.72 40.85
C ALA A 55 39.81 -11.29 39.41
N ASN A 56 38.92 -10.44 38.90
CA ASN A 56 38.97 -9.97 37.52
C ASN A 56 38.99 -8.44 37.54
N LYS A 57 40.19 -7.87 37.50
CA LYS A 57 40.40 -6.42 37.48
C LYS A 57 39.72 -5.76 38.68
N VAL A 58 40.13 -6.16 39.86
CA VAL A 58 39.62 -5.61 41.11
C VAL A 58 40.55 -4.51 41.58
N LEU A 59 39.96 -3.43 42.11
CA LEU A 59 40.76 -2.30 42.58
C LEU A 59 41.65 -2.74 43.74
N LEU A 60 42.85 -2.17 43.80
CA LEU A 60 43.81 -2.56 44.83
C LEU A 60 43.31 -2.20 46.22
N LYS A 61 42.71 -1.02 46.37
CA LYS A 61 42.19 -0.61 47.67
C LYS A 61 41.10 -1.54 48.15
N ASP A 62 40.17 -1.90 47.26
CA ASP A 62 39.09 -2.81 47.63
C ASP A 62 39.63 -4.19 47.96
N PHE A 63 40.60 -4.68 47.19
CA PHE A 63 41.19 -5.99 47.46
C PHE A 63 41.90 -5.99 48.81
N ILE A 64 42.59 -4.90 49.14
CA ILE A 64 43.29 -4.82 50.42
C ILE A 64 42.30 -4.76 51.58
N LEU A 65 41.26 -3.92 51.44
CA LEU A 65 40.32 -3.74 52.53
C LEU A 65 39.38 -4.94 52.71
N ALA A 66 39.22 -5.77 51.68
CA ALA A 66 38.35 -6.94 51.79
C ALA A 66 39.04 -8.13 52.43
N SER A 67 40.34 -8.05 52.70
CA SER A 67 41.08 -9.14 53.30
C SER A 67 41.74 -8.79 54.62
N THR A 68 41.73 -7.52 55.02
CA THR A 68 42.35 -7.07 56.26
C THR A 68 41.31 -6.47 57.20
N TYR A 69 40.14 -7.09 57.28
CA TYR A 69 39.06 -6.63 58.15
C TYR A 69 39.02 -7.51 59.39
N GLY A 70 39.09 -6.88 60.57
CA GLY A 70 39.08 -7.61 61.81
C GLY A 70 40.23 -7.23 62.73
N THR A 71 40.82 -8.24 63.39
CA THR A 71 41.93 -7.97 64.29
C THR A 71 43.14 -7.43 63.53
N GLU A 72 43.43 -8.00 62.36
CA GLU A 72 44.60 -7.60 61.59
C GLU A 72 44.34 -6.27 60.88
N ASN A 73 45.41 -5.67 60.39
CA ASN A 73 45.34 -4.43 59.65
C ASN A 73 46.60 -4.28 58.81
N THR A 74 46.53 -3.41 57.81
CA THR A 74 47.68 -3.14 56.96
C THR A 74 48.75 -2.40 57.75
N GLN A 75 49.99 -2.83 57.61
CA GLN A 75 51.10 -2.28 58.39
C GLN A 75 52.02 -1.45 57.50
N SER A 76 53.09 -0.95 58.10
CA SER A 76 54.08 -0.14 57.40
C SER A 76 55.47 -0.56 57.87
N ASP A 77 56.48 0.04 57.26
CA ASP A 77 57.87 -0.28 57.59
C ASP A 77 58.74 0.92 57.21
N ALA A 78 60.02 0.83 57.57
CA ALA A 78 60.95 1.90 57.22
C ALA A 78 61.13 2.01 55.71
N ASP A 79 61.21 0.88 55.02
CA ASP A 79 61.39 0.88 53.57
C ASP A 79 60.06 0.96 52.83
N ASN A 80 59.11 0.10 53.18
CA ASN A 80 57.80 0.06 52.52
C ASN A 80 56.79 0.83 53.36
N ALA A 81 56.05 1.73 52.71
CA ALA A 81 55.04 2.52 53.40
C ALA A 81 53.70 1.83 53.46
N MET A 82 53.54 0.67 52.84
CA MET A 82 52.28 -0.06 52.87
C MET A 82 52.57 -1.54 52.68
N ILE A 83 52.21 -2.36 53.66
CA ILE A 83 52.33 -3.80 53.59
C ILE A 83 50.99 -4.41 53.96
N ALA A 84 50.47 -5.27 53.08
CA ALA A 84 49.17 -5.89 53.29
C ALA A 84 49.26 -7.39 53.01
N LEU A 85 48.51 -8.17 53.78
CA LEU A 85 48.43 -9.61 53.60
C LEU A 85 46.99 -9.97 53.24
N CYS A 86 46.82 -10.67 52.12
CA CYS A 86 45.50 -11.04 51.61
C CYS A 86 45.41 -12.55 51.52
N GLU A 87 44.35 -13.11 52.13
CA GLU A 87 44.16 -14.54 52.13
C GLU A 87 43.42 -14.98 50.87
N LEU A 88 43.85 -16.11 50.31
CA LEU A 88 43.19 -16.68 49.14
C LEU A 88 42.42 -17.96 49.43
N ALA A 89 42.63 -18.57 50.60
CA ALA A 89 41.93 -19.77 51.01
C ALA A 89 41.35 -19.56 52.40
N ASP A 90 40.66 -20.58 52.90
CA ASP A 90 40.02 -20.47 54.22
C ASP A 90 41.03 -20.69 55.34
N GLU A 91 41.62 -21.88 55.40
CA GLU A 91 42.59 -22.19 56.45
C GLU A 91 43.80 -22.96 55.92
N GLY A 92 43.90 -23.18 54.62
CA GLY A 92 45.00 -23.92 54.04
C GLY A 92 45.51 -23.24 52.78
N SER A 93 45.96 -24.07 51.84
CA SER A 93 46.46 -23.62 50.56
C SER A 93 45.65 -24.26 49.44
N ILE A 94 45.80 -23.70 48.23
CA ILE A 94 45.06 -24.18 47.08
C ILE A 94 45.64 -25.52 46.64
N TYR A 95 44.78 -26.52 46.48
CA TYR A 95 45.21 -27.85 46.04
C TYR A 95 45.27 -27.87 44.52
N LEU A 96 46.48 -27.79 43.99
CA LEU A 96 46.68 -27.78 42.55
C LEU A 96 46.57 -29.19 41.98
N ALA A 97 45.92 -29.30 40.82
CA ALA A 97 45.80 -30.57 40.13
C ALA A 97 47.01 -30.78 39.23
N ASP A 98 46.92 -31.76 38.32
CA ASP A 98 48.05 -32.15 37.49
C ASP A 98 48.51 -31.05 36.53
N LYS A 99 47.62 -30.11 36.17
CA LYS A 99 47.99 -29.10 35.20
C LYS A 99 47.49 -27.70 35.57
N GLU A 100 47.35 -27.40 36.86
CA GLU A 100 46.88 -26.10 37.30
C GLU A 100 48.04 -25.19 37.66
N SER A 101 47.85 -23.90 37.47
CA SER A 101 48.85 -22.91 37.87
C SER A 101 48.15 -21.58 38.12
N ILE A 102 48.67 -20.83 39.08
CA ILE A 102 48.09 -19.53 39.41
C ILE A 102 48.72 -18.48 38.51
N LYS A 103 47.92 -17.49 38.12
CA LYS A 103 48.43 -16.40 37.28
C LYS A 103 47.92 -15.08 37.83
N ILE A 104 48.85 -14.15 38.04
CA ILE A 104 48.56 -12.85 38.64
C ILE A 104 49.07 -11.77 37.72
N THR A 105 48.25 -10.74 37.49
CA THR A 105 48.63 -9.60 36.68
C THR A 105 48.17 -8.31 37.35
N LEU A 106 48.91 -7.23 37.07
CA LEU A 106 48.65 -5.91 37.62
C LEU A 106 48.45 -4.93 36.47
N GLU A 107 47.53 -3.99 36.65
CA GLU A 107 47.17 -3.04 35.61
C GLU A 107 47.04 -1.65 36.20
N ASP A 108 47.33 -0.64 35.36
CA ASP A 108 47.21 0.77 35.74
C ASP A 108 48.11 1.10 36.93
N LEU A 109 49.42 0.95 36.71
CA LEU A 109 50.41 1.25 37.74
C LEU A 109 50.92 2.68 37.54
N ILE A 110 51.95 3.04 38.30
CA ILE A 110 52.58 4.36 38.21
C ILE A 110 54.05 4.17 37.88
N SER A 111 54.57 5.02 37.00
CA SER A 111 55.92 4.82 36.47
C SER A 111 56.98 4.92 37.56
N ASP A 112 56.88 5.91 38.44
CA ASP A 112 57.90 6.18 39.44
C ASP A 112 57.61 5.52 40.78
N LYS A 113 56.87 4.41 40.78
CA LYS A 113 56.53 3.70 42.00
C LYS A 113 56.96 2.24 41.90
N ARG A 114 57.08 1.60 43.06
CA ARG A 114 57.54 0.23 43.16
C ARG A 114 56.49 -0.62 43.86
N TYR A 115 56.25 -1.83 43.35
CA TYR A 115 55.31 -2.77 43.94
C TYR A 115 55.94 -4.15 43.98
N ASP A 116 55.93 -4.77 45.16
CA ASP A 116 56.53 -6.08 45.34
C ASP A 116 55.47 -7.09 45.79
N LEU A 117 55.55 -8.27 45.20
CA LEU A 117 54.62 -9.37 45.48
C LEU A 117 55.35 -10.49 46.21
N HIS A 118 54.70 -11.06 47.22
CA HIS A 118 55.24 -12.21 47.93
C HIS A 118 54.15 -13.26 48.09
N GLY A 119 54.57 -14.52 48.16
CA GLY A 119 53.65 -15.65 48.31
C GLY A 119 53.87 -16.33 49.65
N ILE A 120 52.77 -16.80 50.25
CA ILE A 120 52.79 -17.49 51.54
C ILE A 120 52.13 -18.84 51.37
N GLU A 121 52.83 -19.90 51.78
CA GLU A 121 52.33 -21.26 51.71
C GLU A 121 52.37 -21.90 53.09
N GLU A 122 51.39 -22.75 53.36
CA GLU A 122 51.27 -23.44 54.63
C GLU A 122 51.00 -24.91 54.38
N PRO A 123 51.37 -25.80 55.31
CA PRO A 123 51.27 -27.23 55.05
C PRO A 123 49.85 -27.71 54.77
N GLN A 124 48.84 -27.11 55.40
CA GLN A 124 47.47 -27.55 55.20
C GLN A 124 46.97 -27.16 53.81
N GLN A 125 46.17 -28.04 53.22
CA GLN A 125 45.56 -27.81 51.93
C GLN A 125 44.03 -27.82 52.06
N THR A 126 43.37 -27.00 51.26
CA THR A 126 41.92 -26.89 51.31
C THR A 126 41.40 -26.55 49.91
N ASN A 127 40.11 -26.82 49.72
CA ASN A 127 39.44 -26.55 48.45
C ASN A 127 38.59 -25.29 48.48
N ASN A 128 38.30 -24.75 49.67
CA ASN A 128 37.48 -23.54 49.76
C ASN A 128 38.30 -22.33 49.33
N LEU A 129 37.79 -21.58 48.38
CA LEU A 129 38.46 -20.41 47.84
C LEU A 129 37.57 -19.19 47.93
N PHE A 130 38.20 -18.02 47.81
CA PHE A 130 37.53 -16.74 47.88
C PHE A 130 37.31 -16.18 46.48
N PHE A 131 36.09 -15.72 46.21
CA PHE A 131 35.71 -15.14 44.94
C PHE A 131 35.27 -13.69 45.16
N PHE A 132 35.71 -12.81 44.27
CA PHE A 132 35.40 -11.39 44.35
C PHE A 132 34.50 -10.99 43.19
N GLU A 133 33.46 -10.22 43.50
CA GLU A 133 32.51 -9.75 42.50
C GLU A 133 32.26 -8.26 42.69
N GLN A 134 31.82 -7.61 41.61
CA GLN A 134 31.62 -6.17 41.61
C GLN A 134 30.20 -5.85 41.16
N LYS A 135 29.63 -4.81 41.77
CA LYS A 135 28.31 -4.30 41.43
C LYS A 135 28.38 -2.78 41.33
N SER A 136 27.55 -2.21 40.47
CA SER A 136 27.58 -0.78 40.20
C SER A 136 26.18 -0.20 40.24
N VAL A 137 26.08 1.02 40.76
CA VAL A 137 24.86 1.82 40.74
C VAL A 137 25.17 3.11 39.99
N ALA A 138 24.41 3.37 38.93
CA ALA A 138 24.71 4.48 38.04
C ALA A 138 24.39 5.82 38.72
N SER A 139 24.84 6.90 38.08
CA SER A 139 24.63 8.24 38.59
C SER A 139 23.27 8.83 38.21
N GLU A 140 22.47 8.11 37.44
CA GLU A 140 21.15 8.58 37.02
C GLU A 140 20.01 7.99 37.85
N GLU A 141 20.16 6.74 38.29
CA GLU A 141 19.10 6.09 39.05
C GLU A 141 19.00 6.67 40.46
N PHE A 142 17.77 6.71 40.98
CA PHE A 142 17.53 7.20 42.33
C PHE A 142 17.57 6.08 43.35
N ASN A 143 16.80 5.01 43.13
CA ASN A 143 16.74 3.88 44.03
C ASN A 143 17.21 2.62 43.32
N LYS A 144 18.06 1.85 43.98
CA LYS A 144 18.60 0.63 43.38
C LYS A 144 18.55 -0.51 44.39
N LYS A 145 18.10 -1.67 43.94
CA LYS A 145 18.02 -2.87 44.77
C LYS A 145 19.04 -3.89 44.27
N ILE A 146 19.84 -4.42 45.20
CA ILE A 146 20.86 -5.42 44.87
C ILE A 146 20.72 -6.59 45.82
N ASP A 147 21.19 -7.75 45.35
CA ASP A 147 21.13 -8.99 46.11
C ASP A 147 22.53 -9.33 46.59
N VAL A 148 22.67 -9.55 47.90
CA VAL A 148 23.95 -9.87 48.51
C VAL A 148 23.87 -11.19 49.28
N GLN A 149 22.96 -12.08 48.91
CA GLN A 149 22.82 -13.35 49.59
C GLN A 149 24.05 -14.23 49.34
N GLY A 150 24.52 -14.89 50.40
CA GLY A 150 25.66 -15.75 50.33
C GLY A 150 27.00 -15.07 50.56
N PHE A 151 27.03 -13.75 50.68
CA PHE A 151 28.26 -13.01 50.92
C PHE A 151 28.39 -12.67 52.40
N ASP A 152 29.63 -12.40 52.82
CA ASP A 152 29.94 -12.12 54.21
C ASP A 152 30.62 -10.78 54.43
N LEU A 153 30.96 -10.06 53.36
CA LEU A 153 31.60 -8.76 53.48
C LEU A 153 31.31 -7.95 52.23
N ALA A 154 31.32 -6.62 52.38
CA ALA A 154 31.15 -5.73 51.24
C ALA A 154 31.95 -4.47 51.47
N ILE A 155 32.32 -3.81 50.37
CA ILE A 155 33.01 -2.53 50.41
C ILE A 155 32.29 -1.59 49.45
N MET A 156 31.84 -0.45 49.96
CA MET A 156 31.06 0.51 49.18
C MET A 156 31.82 1.83 49.05
N THR A 157 31.69 2.44 47.87
CA THR A 157 32.26 3.75 47.64
C THR A 157 31.47 4.79 48.42
N VAL A 158 32.17 5.67 49.13
CA VAL A 158 31.54 6.67 49.99
C VAL A 158 31.38 7.96 49.21
N ASP A 159 30.17 8.51 49.22
CA ASP A 159 29.89 9.79 48.58
C ASP A 159 28.80 10.50 49.37
N ASP A 160 28.74 11.82 49.21
CA ASP A 160 27.79 12.64 49.93
C ASP A 160 26.38 12.59 49.34
N SER A 161 26.20 11.98 48.17
CA SER A 161 24.89 11.91 47.55
C SER A 161 24.04 10.76 48.06
N VAL A 162 24.63 9.85 48.85
CA VAL A 162 23.88 8.71 49.36
C VAL A 162 23.03 9.15 50.53
N SER A 163 21.73 8.82 50.48
CA SER A 163 20.78 9.23 51.51
C SER A 163 20.49 8.11 52.51
N ASP A 164 19.98 6.98 52.02
CA ASP A 164 19.57 5.89 52.90
C ASP A 164 20.05 4.56 52.33
N LEU A 165 20.24 3.59 53.22
CA LEU A 165 20.62 2.24 52.82
C LEU A 165 19.91 1.25 53.73
N SER A 166 19.06 0.40 53.15
CA SER A 166 18.21 -0.49 53.92
C SER A 166 18.60 -1.94 53.69
N TYR A 167 18.72 -2.69 54.78
CA TYR A 167 19.03 -4.11 54.75
C TYR A 167 17.74 -4.93 54.64
N GLN A 168 17.90 -6.16 54.18
CA GLN A 168 16.82 -7.15 54.24
C GLN A 168 17.39 -8.42 54.87
N TYR A 169 16.90 -8.77 56.06
CA TYR A 169 17.44 -9.89 56.81
C TYR A 169 16.74 -11.19 56.42
N SER A 170 17.29 -12.31 56.91
CA SER A 170 16.74 -13.62 56.57
C SER A 170 15.34 -13.81 57.16
N ASN A 171 15.05 -13.18 58.29
CA ASN A 171 13.75 -13.31 58.94
C ASN A 171 12.70 -12.37 58.37
N GLY A 172 13.06 -11.53 57.40
CA GLY A 172 12.10 -10.66 56.74
C GLY A 172 12.10 -9.22 57.21
N GLN A 173 12.71 -8.92 58.36
CA GLN A 173 12.73 -7.56 58.87
C GLN A 173 13.60 -6.67 57.99
N VAL A 174 13.19 -5.42 57.84
CA VAL A 174 13.90 -4.43 57.05
C VAL A 174 14.30 -3.27 57.97
N VAL A 175 15.59 -2.96 57.99
CA VAL A 175 16.13 -1.89 58.82
C VAL A 175 16.87 -0.91 57.91
N LYS A 176 16.55 0.38 58.06
CA LYS A 176 17.16 1.43 57.25
C LYS A 176 18.22 2.17 58.07
N TYR A 177 19.34 2.48 57.42
CA TYR A 177 20.46 3.14 58.07
C TYR A 177 20.91 4.34 57.25
N LEU A 178 21.49 5.31 57.94
CA LEU A 178 22.16 6.46 57.36
C LEU A 178 23.64 6.16 57.16
N PRO A 179 24.32 6.90 56.28
CA PRO A 179 25.76 6.67 56.11
C PRO A 179 26.56 6.84 57.38
N PHE A 180 26.21 7.82 58.21
CA PHE A 180 26.90 8.02 59.48
C PHE A 180 26.69 6.83 60.41
N GLU A 181 25.46 6.32 60.49
CA GLU A 181 25.19 5.15 61.32
C GLU A 181 25.94 3.94 60.81
N LEU A 182 25.99 3.75 59.49
CA LEU A 182 26.73 2.63 58.93
C LEU A 182 28.22 2.73 59.24
N GLN A 183 28.77 3.93 59.12
CA GLN A 183 30.19 4.13 59.45
C GLN A 183 30.47 3.84 60.92
N THR A 184 29.58 4.30 61.81
CA THR A 184 29.76 4.03 63.23
C THR A 184 29.70 2.54 63.52
N LEU A 185 28.74 1.83 62.91
CA LEU A 185 28.65 0.39 63.11
C LEU A 185 29.87 -0.32 62.57
N SER A 186 30.39 0.12 61.42
CA SER A 186 31.59 -0.47 60.86
C SER A 186 32.80 -0.28 61.76
N ARG A 187 32.96 0.93 62.30
CA ARG A 187 34.09 1.20 63.19
C ARG A 187 33.92 0.57 64.56
N ASP A 188 32.70 0.18 64.93
CA ASP A 188 32.50 -0.50 66.21
C ASP A 188 33.20 -1.86 66.24
N ILE A 189 33.22 -2.57 65.11
CA ILE A 189 33.84 -3.89 65.06
C ILE A 189 35.35 -3.78 64.86
N ASP A 190 35.79 -3.02 63.87
CA ASP A 190 37.22 -2.83 63.60
C ASP A 190 37.59 -1.38 63.88
N PRO A 191 38.20 -1.08 65.03
CA PRO A 191 38.50 0.33 65.33
C PRO A 191 39.63 0.90 64.49
N ILE A 192 40.68 0.13 64.23
CA ILE A 192 41.86 0.59 63.51
C ILE A 192 41.91 -0.12 62.17
N GLN A 193 42.01 0.67 61.10
CA GLN A 193 42.12 0.13 59.74
C GLN A 193 43.55 0.08 59.24
N ALA A 194 44.38 1.06 59.59
CA ALA A 194 45.77 1.04 59.14
C ALA A 194 46.63 1.82 60.12
N VAL A 195 47.92 1.51 60.10
CA VAL A 195 48.92 2.17 60.94
C VAL A 195 49.97 2.80 60.04
N LEU A 196 50.24 4.08 60.25
CA LEU A 196 51.22 4.79 59.45
C LEU A 196 52.63 4.52 59.96
N SER A 197 53.62 5.00 59.20
CA SER A 197 55.01 4.74 59.54
C SER A 197 55.47 5.58 60.73
N ASP A 198 55.03 6.84 60.79
CA ASP A 198 55.49 7.72 61.86
C ASP A 198 54.93 7.30 63.22
N GLY A 199 53.79 6.62 63.24
CA GLY A 199 53.20 6.19 64.49
C GLY A 199 51.71 6.45 64.56
N LYS A 200 51.21 7.33 63.69
CA LYS A 200 49.80 7.64 63.67
C LYS A 200 49.00 6.47 63.08
N VAL A 201 47.72 6.41 63.44
CA VAL A 201 46.82 5.36 62.98
C VAL A 201 45.62 6.01 62.30
N VAL A 202 45.05 5.31 61.33
CA VAL A 202 43.85 5.76 60.63
C VAL A 202 42.78 4.68 60.77
N GLN A 203 41.57 5.13 61.13
CA GLN A 203 40.45 4.24 61.40
C GLN A 203 39.64 3.89 60.16
N GLY A 204 39.98 4.46 59.01
CA GLY A 204 39.27 4.17 57.79
C GLY A 204 39.54 5.16 56.69
N LEU A 205 39.23 4.81 55.45
CA LEU A 205 39.45 5.69 54.33
C LEU A 205 38.33 6.72 54.22
N THR A 206 38.60 7.78 53.48
CA THR A 206 37.63 8.85 53.28
C THR A 206 36.67 8.59 52.12
N ASP A 207 36.85 7.49 51.39
CA ASP A 207 35.99 7.19 50.25
C ASP A 207 35.57 5.72 50.18
N ARG A 208 35.94 4.89 51.14
CA ARG A 208 35.56 3.48 51.15
C ARG A 208 35.00 3.12 52.52
N LEU A 209 33.93 2.32 52.52
CA LEU A 209 33.31 1.88 53.76
C LEU A 209 33.11 0.37 53.72
N THR A 210 33.48 -0.31 54.80
CA THR A 210 33.38 -1.76 54.89
C THR A 210 32.13 -2.15 55.68
N LEU A 211 31.28 -2.97 55.08
CA LEU A 211 30.05 -3.42 55.70
C LEU A 211 30.12 -4.93 55.90
N PRO A 212 30.08 -5.41 57.15
CA PRO A 212 29.99 -6.87 57.38
C PRO A 212 28.56 -7.34 57.23
N LEU A 213 28.32 -8.21 56.25
CA LEU A 213 27.00 -8.71 55.95
C LEU A 213 26.81 -10.06 56.63
N VAL A 214 25.95 -10.09 57.64
CA VAL A 214 25.59 -11.32 58.35
C VAL A 214 24.09 -11.51 58.22
N ALA A 215 23.68 -12.64 57.61
CA ALA A 215 22.28 -12.96 57.40
C ALA A 215 21.54 -11.85 56.66
N VAL A 216 22.18 -11.32 55.62
CA VAL A 216 21.63 -10.26 54.79
C VAL A 216 21.41 -10.81 53.39
N VAL A 217 20.20 -10.62 52.86
CA VAL A 217 19.84 -11.15 51.56
C VAL A 217 19.65 -10.07 50.51
N GLY A 218 19.51 -8.81 50.89
CA GLY A 218 19.31 -7.75 49.93
C GLY A 218 19.62 -6.39 50.53
N ILE A 219 20.04 -5.48 49.66
CA ILE A 219 20.37 -4.11 50.06
C ILE A 219 19.70 -3.15 49.09
N GLU A 220 18.98 -2.18 49.63
CA GLU A 220 18.31 -1.15 48.84
C GLU A 220 18.93 0.19 49.15
N ILE A 221 19.47 0.85 48.12
CA ILE A 221 20.18 2.12 48.29
C ILE A 221 19.34 3.23 47.65
N ASN A 222 19.12 4.29 48.42
CA ASN A 222 18.39 5.47 47.97
C ASN A 222 19.33 6.67 48.04
N LYS A 223 19.48 7.35 46.91
CA LYS A 223 20.45 8.45 46.79
C LYS A 223 19.92 9.45 45.77
N SER A 224 20.77 10.40 45.41
CA SER A 224 20.48 11.38 44.37
C SER A 224 21.50 11.26 43.25
N GLN A 225 21.28 12.04 42.19
CA GLN A 225 22.17 11.99 41.04
C GLN A 225 23.49 12.69 41.34
N GLY A 226 24.54 12.29 40.63
CA GLY A 226 25.82 12.95 40.74
C GLY A 226 27.03 12.05 40.76
N SER A 227 26.90 10.82 41.27
CA SER A 227 28.04 9.94 41.42
C SER A 227 27.63 8.50 41.17
N ILE A 228 28.62 7.68 40.82
CA ILE A 228 28.44 6.25 40.60
C ILE A 228 28.93 5.51 41.84
N ILE A 229 28.10 4.62 42.36
CA ILE A 229 28.42 3.90 43.60
C ILE A 229 28.91 2.50 43.23
N ASN A 230 30.06 2.11 43.81
CA ASN A 230 30.67 0.82 43.53
C ASN A 230 30.63 -0.05 44.77
N PHE A 231 30.25 -1.31 44.60
CA PHE A 231 30.21 -2.31 45.65
C PHE A 231 31.12 -3.47 45.26
N VAL A 232 31.96 -3.91 46.19
CA VAL A 232 32.82 -5.06 46.00
C VAL A 232 32.45 -6.09 47.07
N VAL A 233 32.13 -7.31 46.64
CA VAL A 233 31.69 -8.36 47.54
C VAL A 233 32.63 -9.55 47.43
N ARG A 234 32.79 -10.25 48.54
CA ARG A 234 33.65 -11.42 48.62
C ARG A 234 32.86 -12.59 49.19
N CYS A 235 33.03 -13.77 48.58
CA CYS A 235 32.33 -14.97 49.01
C CYS A 235 33.33 -16.12 49.10
N LEU A 236 32.96 -17.12 49.91
CA LEU A 236 33.76 -18.33 50.09
C LEU A 236 32.98 -19.51 49.54
N LYS A 237 33.61 -20.28 48.65
CA LYS A 237 32.92 -21.42 48.05
C LYS A 237 33.94 -22.46 47.61
N THR A 238 33.44 -23.67 47.38
CA THR A 238 34.27 -24.80 46.97
C THR A 238 34.21 -24.96 45.46
N VAL A 239 35.38 -25.07 44.84
CA VAL A 239 35.46 -25.23 43.39
C VAL A 239 35.43 -26.71 43.02
N MET B 1 -8.36 16.48 60.62
CA MET B 1 -7.97 17.65 61.40
C MET B 1 -6.72 18.30 60.81
N LYS B 2 -6.48 19.56 61.16
CA LYS B 2 -5.30 20.26 60.68
C LYS B 2 -4.04 19.58 61.21
N ILE B 3 -3.08 19.36 60.31
CA ILE B 3 -1.86 18.65 60.67
C ILE B 3 -0.72 19.64 60.87
N ALA B 4 -0.39 20.40 59.82
CA ALA B 4 0.75 21.31 59.91
C ALA B 4 0.61 22.42 58.88
N THR B 5 1.34 23.50 59.12
CA THR B 5 1.50 24.61 58.19
C THR B 5 2.99 24.91 58.08
N ILE B 6 3.51 24.85 56.86
CA ILE B 6 4.94 25.00 56.59
C ILE B 6 5.15 26.25 55.77
N THR B 7 6.06 27.11 56.22
CA THR B 7 6.44 28.30 55.50
C THR B 7 7.79 28.78 56.02
N GLY B 8 8.58 29.36 55.12
CA GLY B 8 9.86 29.93 55.49
C GLY B 8 11.00 28.94 55.68
N VAL B 9 10.77 27.66 55.41
CA VAL B 9 11.80 26.64 55.59
C VAL B 9 11.82 25.73 54.36
N THR B 10 13.01 25.27 54.00
CA THR B 10 13.16 24.42 52.82
C THR B 10 12.67 23.00 53.09
N LYS B 11 12.91 22.47 54.29
CA LYS B 11 12.56 21.11 54.64
C LYS B 11 11.58 21.11 55.80
N SER B 12 10.48 20.37 55.66
CA SER B 12 9.48 20.25 56.70
C SER B 12 9.91 19.22 57.74
N PRO B 13 9.54 19.43 59.00
CA PRO B 13 9.88 18.45 60.05
C PRO B 13 9.07 17.17 59.90
N GLU B 14 9.54 16.12 60.54
CA GLU B 14 8.84 14.85 60.58
C GLU B 14 7.48 15.02 61.25
N LEU B 15 6.40 14.85 60.50
CA LEU B 15 5.05 15.02 61.02
C LEU B 15 4.47 13.66 61.37
N GLN B 16 3.91 13.54 62.57
CA GLN B 16 3.39 12.28 63.07
C GLN B 16 1.90 12.41 63.34
N VAL B 17 1.15 11.41 62.87
CA VAL B 17 -0.29 11.32 63.09
C VAL B 17 -0.57 10.01 63.81
N THR B 18 -1.20 10.11 64.98
CA THR B 18 -1.59 8.95 65.77
C THR B 18 -3.07 8.62 65.62
N LYS B 19 -3.79 9.37 64.80
CA LYS B 19 -5.21 9.16 64.56
C LYS B 19 -5.41 8.52 63.20
N ALA B 20 -6.29 7.52 63.14
CA ALA B 20 -6.55 6.83 61.89
C ALA B 20 -7.27 7.75 60.92
N ILE B 21 -6.60 8.07 59.80
CA ILE B 21 -7.15 8.97 58.81
C ILE B 21 -7.38 8.20 57.50
N GLY B 22 -8.07 8.85 56.57
CA GLY B 22 -8.40 8.21 55.32
C GLY B 22 -7.94 8.99 54.10
N ALA B 23 -7.69 10.29 54.26
CA ALA B 23 -7.26 11.10 53.13
C ALA B 23 -6.46 12.29 53.62
N LEU B 24 -5.73 12.92 52.69
CA LEU B 24 -4.91 14.08 52.99
C LEU B 24 -5.30 15.22 52.06
N ILE B 25 -5.48 16.41 52.64
CA ILE B 25 -5.76 17.61 51.87
C ILE B 25 -4.50 18.45 51.84
N LEU B 26 -4.01 18.73 50.62
CA LEU B 26 -2.86 19.59 50.39
C LEU B 26 -3.35 20.92 49.82
N SER B 27 -3.05 22.01 50.52
CA SER B 27 -3.43 23.34 50.09
C SER B 27 -2.20 24.23 50.09
N SER B 28 -2.00 24.95 48.99
CA SER B 28 -0.85 25.83 48.87
C SER B 28 -1.18 27.00 47.95
N ASP B 29 -0.45 28.09 48.12
CA ASP B 29 -0.62 29.27 47.28
C ASP B 29 0.09 29.15 45.94
N VAL B 30 0.85 28.08 45.73
CA VAL B 30 1.52 27.84 44.46
C VAL B 30 0.57 27.09 43.54
N ALA B 31 0.39 27.59 42.33
CA ALA B 31 -0.46 26.92 41.36
C ALA B 31 0.12 25.56 40.98
N LEU B 32 -0.75 24.66 40.53
CA LEU B 32 -0.32 23.31 40.20
C LEU B 32 0.72 23.32 39.09
N SER B 33 0.55 24.19 38.09
CA SER B 33 1.53 24.29 37.02
C SER B 33 2.85 24.90 37.48
N ALA B 34 2.84 25.64 38.59
CA ALA B 34 4.05 26.28 39.08
C ALA B 34 4.86 25.40 40.03
N LEU B 35 4.34 24.25 40.44
CA LEU B 35 5.10 23.35 41.29
C LEU B 35 6.28 22.78 40.51
N THR B 36 7.47 22.83 41.11
CA THR B 36 8.70 22.47 40.39
C THR B 36 9.37 21.24 40.98
N THR B 37 9.75 21.24 42.26
CA THR B 37 10.58 20.19 42.82
C THR B 37 10.10 19.65 44.15
N GLU B 38 8.91 20.05 44.61
CA GLU B 38 8.42 19.61 45.91
C GLU B 38 8.20 18.11 45.92
N LYS B 39 8.60 17.46 47.01
CA LYS B 39 8.49 16.01 47.16
C LYS B 39 7.84 15.67 48.49
N ILE B 40 7.14 14.53 48.53
CA ILE B 40 6.46 14.06 49.73
C ILE B 40 6.91 12.64 50.01
N SER B 41 6.79 12.25 51.29
CA SER B 41 7.14 10.90 51.71
C SER B 41 6.26 10.53 52.89
N ILE B 42 5.40 9.53 52.71
CA ILE B 42 4.45 9.10 53.73
C ILE B 42 4.64 7.61 53.96
N TYR B 43 4.60 7.19 55.22
CA TYR B 43 4.70 5.77 55.53
C TYR B 43 4.04 5.50 56.87
N ILE B 44 3.99 4.22 57.24
CA ILE B 44 3.37 3.77 58.48
C ILE B 44 4.46 3.12 59.32
N GLU B 45 4.63 3.60 60.54
CA GLU B 45 5.67 3.13 61.44
C GLU B 45 5.07 2.18 62.46
N ARG B 46 5.76 1.06 62.68
CA ARG B 46 5.38 0.05 63.66
C ARG B 46 6.40 0.01 64.79
N GLY B 47 5.92 -0.19 66.01
CA GLY B 47 6.81 -0.17 67.16
C GLY B 47 7.80 -1.32 67.18
N ASN B 48 7.34 -2.53 66.84
CA ASN B 48 8.14 -3.74 66.94
C ASN B 48 8.12 -4.52 65.63
N GLY B 49 8.36 -3.83 64.53
CA GLY B 49 8.39 -4.48 63.24
C GLY B 49 8.91 -3.57 62.17
N SER B 50 8.93 -4.08 60.95
CA SER B 50 9.36 -3.30 59.79
C SER B 50 8.27 -2.33 59.37
N ASN B 51 8.69 -1.14 58.92
CA ASN B 51 7.76 -0.11 58.50
C ASN B 51 7.09 -0.50 57.19
N VAL B 52 5.97 0.17 56.90
CA VAL B 52 5.23 -0.04 55.66
C VAL B 52 5.28 1.27 54.88
N ILE B 53 6.03 1.28 53.79
CA ILE B 53 6.25 2.50 53.01
C ILE B 53 5.24 2.55 51.87
N LEU B 54 4.42 3.60 51.87
CA LEU B 54 3.45 3.83 50.81
C LEU B 54 3.97 4.75 49.73
N ALA B 55 4.65 5.85 50.10
CA ALA B 55 5.27 6.75 49.15
C ALA B 55 6.68 7.06 49.62
N ASN B 56 7.57 7.29 48.66
CA ASN B 56 8.99 7.56 48.96
C ASN B 56 9.48 8.64 48.03
N LYS B 57 9.49 9.88 48.53
CA LYS B 57 9.99 11.04 47.77
C LYS B 57 9.30 11.18 46.43
N VAL B 58 7.98 11.00 46.42
CA VAL B 58 7.20 11.17 45.20
C VAL B 58 6.96 12.64 44.95
N LEU B 59 7.07 13.05 43.68
CA LEU B 59 6.85 14.44 43.32
C LEU B 59 5.41 14.85 43.62
N LEU B 60 5.23 16.10 44.03
CA LEU B 60 3.91 16.58 44.41
C LEU B 60 2.95 16.58 43.22
N LYS B 61 3.44 16.99 42.05
CA LYS B 61 2.58 17.00 40.86
C LYS B 61 2.12 15.59 40.53
N ASP B 62 3.04 14.62 40.56
CA ASP B 62 2.68 13.24 40.24
C ASP B 62 1.72 12.67 41.27
N PHE B 63 1.95 12.94 42.55
CA PHE B 63 1.05 12.47 43.60
C PHE B 63 -0.35 13.03 43.40
N ILE B 64 -0.45 14.34 43.16
CA ILE B 64 -1.75 14.98 42.99
C ILE B 64 -2.46 14.46 41.76
N LEU B 65 -1.75 14.36 40.63
CA LEU B 65 -2.38 13.90 39.40
C LEU B 65 -2.84 12.45 39.51
N ALA B 66 -2.03 11.59 40.14
CA ALA B 66 -2.44 10.21 40.32
C ALA B 66 -3.65 10.11 41.24
N SER B 67 -3.71 10.91 42.29
CA SER B 67 -4.79 10.78 43.26
C SER B 67 -6.06 11.53 42.87
N THR B 68 -6.02 12.41 41.87
CA THR B 68 -7.20 13.17 41.52
C THR B 68 -7.61 12.98 40.07
N TYR B 69 -7.64 11.73 39.61
CA TYR B 69 -8.04 11.40 38.25
C TYR B 69 -9.43 10.78 38.26
N GLY B 70 -10.34 11.36 37.48
CA GLY B 70 -11.70 10.86 37.42
C GLY B 70 -12.73 11.97 37.39
N THR B 71 -13.86 11.78 38.06
CA THR B 71 -14.89 12.82 38.11
C THR B 71 -14.39 14.06 38.84
N GLU B 72 -13.55 13.88 39.86
CA GLU B 72 -13.04 14.99 40.66
C GLU B 72 -11.91 15.71 39.93
N ASN B 73 -11.57 16.88 40.45
CA ASN B 73 -10.43 17.64 39.96
C ASN B 73 -9.95 18.57 41.07
N THR B 74 -8.69 18.98 40.97
CA THR B 74 -8.13 19.90 41.97
C THR B 74 -8.79 21.27 41.84
N GLN B 75 -9.08 21.88 42.98
CA GLN B 75 -9.82 23.14 42.98
C GLN B 75 -8.96 24.26 43.56
N SER B 76 -9.58 25.44 43.68
CA SER B 76 -8.89 26.64 44.12
C SER B 76 -9.80 27.40 45.07
N ASP B 77 -9.28 28.50 45.62
CA ASP B 77 -10.00 29.31 46.57
C ASP B 77 -9.48 30.73 46.48
N ALA B 78 -10.10 31.63 47.25
CA ALA B 78 -9.65 33.02 47.27
C ALA B 78 -8.31 33.17 47.97
N ASP B 79 -7.99 32.27 48.91
CA ASP B 79 -6.73 32.32 49.64
C ASP B 79 -5.74 31.25 49.23
N ASN B 80 -6.20 30.14 48.67
CA ASN B 80 -5.33 29.05 48.22
C ASN B 80 -5.46 28.90 46.71
N ALA B 81 -4.32 28.93 46.02
CA ALA B 81 -4.31 28.74 44.57
C ALA B 81 -4.34 27.26 44.19
N MET B 82 -4.15 26.36 45.13
CA MET B 82 -4.22 24.93 44.84
C MET B 82 -4.75 24.19 46.06
N ILE B 83 -5.82 23.43 45.87
CA ILE B 83 -6.39 22.56 46.89
C ILE B 83 -6.64 21.20 46.26
N ALA B 84 -6.06 20.16 46.85
CA ALA B 84 -6.21 18.80 46.34
C ALA B 84 -6.50 17.85 47.48
N LEU B 85 -7.30 16.83 47.20
CA LEU B 85 -7.61 15.77 48.13
C LEU B 85 -7.06 14.46 47.58
N CYS B 86 -6.24 13.77 48.37
CA CYS B 86 -5.58 12.54 47.95
C CYS B 86 -5.90 11.45 48.97
N GLU B 87 -6.55 10.37 48.50
CA GLU B 87 -6.95 9.30 49.38
C GLU B 87 -5.84 8.26 49.51
N LEU B 88 -5.74 7.66 50.70
CA LEU B 88 -4.72 6.67 50.99
C LEU B 88 -5.26 5.25 51.07
N ALA B 89 -6.57 5.07 50.96
CA ALA B 89 -7.17 3.74 51.03
C ALA B 89 -8.47 3.74 50.26
N ASP B 90 -8.91 2.54 49.87
CA ASP B 90 -10.18 2.38 49.17
C ASP B 90 -11.32 2.38 50.18
N GLU B 91 -12.36 3.17 49.88
CA GLU B 91 -13.52 3.30 50.76
C GLU B 91 -13.13 3.78 52.15
N GLY B 92 -12.94 2.85 53.08
CA GLY B 92 -12.70 3.19 54.47
C GLY B 92 -11.37 3.85 54.77
N SER B 93 -10.97 3.81 56.03
CA SER B 93 -9.74 4.42 56.51
C SER B 93 -8.72 3.33 56.86
N ILE B 94 -7.58 3.76 57.37
CA ILE B 94 -6.49 2.86 57.72
C ILE B 94 -6.68 2.38 59.15
N TYR B 95 -6.63 1.07 59.34
CA TYR B 95 -6.71 0.49 60.68
C TYR B 95 -5.34 0.49 61.33
N LEU B 96 -5.25 1.04 62.54
CA LEU B 96 -4.00 1.15 63.26
C LEU B 96 -4.00 0.16 64.42
N ALA B 97 -2.99 -0.71 64.44
CA ALA B 97 -2.81 -1.65 65.53
C ALA B 97 -1.99 -0.99 66.63
N ASP B 98 -1.53 -1.78 67.60
CA ASP B 98 -0.75 -1.24 68.71
C ASP B 98 0.62 -0.76 68.23
N LYS B 99 1.06 0.37 68.79
CA LYS B 99 2.37 0.95 68.48
C LYS B 99 2.53 1.23 66.99
N GLU B 100 1.45 1.71 66.36
CA GLU B 100 1.44 1.97 64.93
C GLU B 100 0.95 3.39 64.68
N SER B 101 1.69 4.13 63.84
CA SER B 101 1.34 5.51 63.55
C SER B 101 1.68 5.81 62.09
N ILE B 102 1.34 7.03 61.66
CA ILE B 102 1.59 7.47 60.29
C ILE B 102 2.58 8.63 60.34
N LYS B 103 3.53 8.64 59.41
CA LYS B 103 4.55 9.68 59.36
C LYS B 103 4.60 10.29 57.96
N ILE B 104 4.57 11.61 57.90
CA ILE B 104 4.56 12.38 56.66
C ILE B 104 5.69 13.39 56.71
N THR B 105 6.43 13.51 55.62
CA THR B 105 7.50 14.49 55.48
C THR B 105 7.43 15.13 54.11
N LEU B 106 7.88 16.39 54.05
CA LEU B 106 7.96 17.16 52.82
C LEU B 106 9.40 17.62 52.60
N GLU B 107 9.84 17.60 51.34
CA GLU B 107 11.20 17.95 51.01
C GLU B 107 11.22 18.84 49.78
N ASP B 108 12.29 19.63 49.66
CA ASP B 108 12.54 20.51 48.52
C ASP B 108 11.40 21.53 48.35
N LEU B 109 11.22 22.36 49.36
CA LEU B 109 10.20 23.40 49.35
C LEU B 109 10.83 24.77 49.05
N ILE B 110 10.00 25.69 48.59
CA ILE B 110 10.42 27.04 48.28
C ILE B 110 10.34 27.88 49.54
N SER B 111 11.33 28.76 49.74
CA SER B 111 11.43 29.51 50.99
C SER B 111 10.25 30.43 51.21
N ASP B 112 9.83 31.17 50.18
CA ASP B 112 8.83 32.21 50.33
C ASP B 112 7.42 31.76 49.91
N LYS B 113 7.08 30.50 50.15
CA LYS B 113 5.77 29.97 49.83
C LYS B 113 5.13 29.40 51.08
N ARG B 114 3.92 28.86 50.91
CA ARG B 114 3.14 28.32 52.01
C ARG B 114 2.61 26.94 51.63
N TYR B 115 2.48 26.08 52.64
CA TYR B 115 1.92 24.75 52.46
C TYR B 115 1.12 24.38 53.70
N ASP B 116 0.02 23.66 53.51
CA ASP B 116 -0.80 23.19 54.62
C ASP B 116 -1.10 21.71 54.44
N LEU B 117 -1.36 21.03 55.55
CA LEU B 117 -1.77 19.64 55.52
C LEU B 117 -3.02 19.45 56.37
N HIS B 118 -3.98 18.70 55.85
CA HIS B 118 -5.18 18.36 56.60
C HIS B 118 -5.43 16.86 56.52
N GLY B 119 -5.93 16.29 57.60
CA GLY B 119 -6.26 14.87 57.66
C GLY B 119 -7.76 14.67 57.60
N ILE B 120 -8.19 13.61 56.91
CA ILE B 120 -9.59 13.30 56.70
C ILE B 120 -9.84 11.90 57.22
N GLU B 121 -10.68 11.78 58.24
CA GLU B 121 -11.05 10.51 58.85
C GLU B 121 -12.29 9.93 58.18
N GLU B 122 -12.52 8.65 58.43
CA GLU B 122 -13.64 7.93 57.86
C GLU B 122 -14.34 7.12 58.94
N PRO B 123 -15.62 6.81 58.75
CA PRO B 123 -16.35 5.97 59.72
C PRO B 123 -16.08 4.48 59.58
N GLN B 124 -15.07 4.08 58.80
CA GLN B 124 -14.77 2.67 58.58
C GLN B 124 -13.27 2.47 58.54
N GLN B 125 -12.84 1.23 58.71
CA GLN B 125 -11.45 0.83 58.60
C GLN B 125 -11.32 -0.28 57.58
N THR B 126 -10.29 -0.21 56.74
CA THR B 126 -10.10 -1.18 55.68
C THR B 126 -8.63 -1.58 55.60
N ASN B 127 -8.39 -2.77 55.06
CA ASN B 127 -7.04 -3.29 54.90
C ASN B 127 -6.41 -2.96 53.55
N ASN B 128 -7.17 -2.41 52.61
CA ASN B 128 -6.63 -2.06 51.30
C ASN B 128 -5.97 -0.70 51.35
N LEU B 129 -4.76 -0.61 50.81
CA LEU B 129 -3.97 0.61 50.86
C LEU B 129 -3.36 0.88 49.48
N PHE B 130 -3.01 2.14 49.26
CA PHE B 130 -2.46 2.60 47.99
C PHE B 130 -0.94 2.72 48.10
N PHE B 131 -0.24 2.22 47.09
CA PHE B 131 1.21 2.27 47.02
C PHE B 131 1.62 2.98 45.74
N PHE B 132 2.69 3.76 45.81
CA PHE B 132 3.22 4.49 44.66
C PHE B 132 4.64 4.03 44.39
N GLU B 133 4.92 3.68 43.13
CA GLU B 133 6.24 3.24 42.71
C GLU B 133 6.70 4.09 41.52
N GLN B 134 8.00 4.04 41.25
CA GLN B 134 8.60 4.83 40.18
C GLN B 134 9.41 3.95 39.27
N LYS B 135 9.28 4.17 37.95
CA LYS B 135 10.04 3.45 36.94
C LYS B 135 10.66 4.46 35.99
N SER B 136 11.95 4.32 35.73
CA SER B 136 12.68 5.31 34.95
C SER B 136 13.28 4.68 33.69
N VAL B 137 13.20 5.41 32.59
CA VAL B 137 13.86 5.08 31.34
C VAL B 137 15.00 6.07 31.16
N ALA B 138 16.23 5.57 31.10
CA ALA B 138 17.40 6.41 31.10
C ALA B 138 17.56 7.13 29.77
N SER B 139 18.39 8.19 29.78
CA SER B 139 18.57 9.01 28.60
C SER B 139 19.48 8.36 27.57
N GLU B 140 20.48 7.59 28.01
CA GLU B 140 21.44 7.03 27.06
C GLU B 140 20.79 5.96 26.18
N GLU B 141 19.89 5.15 26.74
CA GLU B 141 19.29 4.06 25.98
C GLU B 141 18.20 4.58 25.05
N PHE B 142 17.80 3.72 24.12
CA PHE B 142 16.84 4.07 23.08
C PHE B 142 15.43 3.56 23.36
N ASN B 143 15.30 2.27 23.66
CA ASN B 143 14.00 1.67 23.91
C ASN B 143 14.04 0.82 25.17
N LYS B 144 12.88 0.68 25.82
CA LYS B 144 12.83 -0.08 27.06
C LYS B 144 11.44 -0.64 27.30
N LYS B 145 11.38 -1.84 27.87
CA LYS B 145 10.14 -2.49 28.24
C LYS B 145 10.02 -2.53 29.76
N ILE B 146 8.87 -2.10 30.28
CA ILE B 146 8.61 -2.11 31.71
C ILE B 146 7.30 -2.85 31.95
N ASP B 147 7.30 -3.72 32.95
CA ASP B 147 6.14 -4.55 33.26
C ASP B 147 5.27 -3.84 34.28
N VAL B 148 4.02 -3.58 33.92
CA VAL B 148 3.11 -2.82 34.77
C VAL B 148 1.92 -3.67 35.16
N GLN B 149 2.14 -4.98 35.29
CA GLN B 149 1.06 -5.88 35.70
C GLN B 149 0.64 -5.58 37.13
N GLY B 150 -0.67 -5.52 37.35
CA GLY B 150 -1.22 -5.24 38.66
C GLY B 150 -1.44 -3.78 38.96
N PHE B 151 -0.98 -2.87 38.12
CA PHE B 151 -1.16 -1.45 38.32
C PHE B 151 -2.37 -0.96 37.51
N ASP B 152 -3.00 0.11 38.00
CA ASP B 152 -4.20 0.64 37.39
C ASP B 152 -4.08 2.08 36.94
N LEU B 153 -2.94 2.74 37.16
CA LEU B 153 -2.79 4.14 36.77
C LEU B 153 -1.30 4.48 36.73
N ALA B 154 -0.90 5.25 35.73
CA ALA B 154 0.48 5.68 35.59
C ALA B 154 0.52 7.15 35.23
N ILE B 155 1.65 7.79 35.53
CA ILE B 155 1.91 9.17 35.18
C ILE B 155 3.21 9.21 34.39
N MET B 156 3.13 9.67 33.15
CA MET B 156 4.27 9.80 32.25
C MET B 156 4.77 11.24 32.25
N THR B 157 6.08 11.40 32.31
CA THR B 157 6.65 12.72 32.01
C THR B 157 6.64 12.95 30.51
N VAL B 158 6.05 14.07 30.09
CA VAL B 158 5.85 14.36 28.68
C VAL B 158 7.10 15.03 28.11
N ASP B 159 7.64 14.47 27.04
CA ASP B 159 8.79 15.04 26.37
C ASP B 159 8.64 14.82 24.86
N ASP B 160 9.25 15.70 24.08
CA ASP B 160 9.15 15.63 22.63
C ASP B 160 10.12 14.63 22.01
N SER B 161 10.99 14.01 22.79
CA SER B 161 11.89 12.99 22.28
C SER B 161 11.28 11.59 22.30
N VAL B 162 10.13 11.41 22.94
CA VAL B 162 9.44 10.13 22.96
C VAL B 162 8.59 10.03 21.70
N SER B 163 8.78 8.95 20.94
CA SER B 163 8.13 8.78 19.66
C SER B 163 7.02 7.73 19.69
N ASP B 164 7.25 6.58 20.31
CA ASP B 164 6.34 5.46 20.17
C ASP B 164 6.06 4.80 21.51
N LEU B 165 4.81 4.37 21.70
CA LEU B 165 4.41 3.56 22.85
C LEU B 165 3.79 2.26 22.35
N SER B 166 3.96 1.19 23.12
CA SER B 166 3.40 -0.11 22.77
C SER B 166 2.75 -0.71 24.00
N TYR B 167 1.48 -1.06 23.88
CA TYR B 167 0.71 -1.68 24.95
C TYR B 167 0.50 -3.15 24.64
N GLN B 168 0.87 -4.01 25.58
CA GLN B 168 0.59 -5.44 25.48
C GLN B 168 -0.48 -5.79 26.51
N TYR B 169 -1.60 -6.33 26.04
CA TYR B 169 -2.74 -6.59 26.90
C TYR B 169 -2.69 -8.01 27.46
N SER B 170 -3.69 -8.35 28.26
CA SER B 170 -3.73 -9.67 28.89
C SER B 170 -3.83 -10.77 27.85
N ASN B 171 -4.64 -10.57 26.82
CA ASN B 171 -4.81 -11.57 25.76
C ASN B 171 -3.67 -11.55 24.74
N GLY B 172 -2.58 -10.86 25.04
CA GLY B 172 -1.40 -10.88 24.18
C GLY B 172 -1.41 -9.94 23.01
N GLN B 173 -2.49 -9.20 22.79
CA GLN B 173 -2.55 -8.28 21.67
C GLN B 173 -1.67 -7.06 21.95
N VAL B 174 -0.90 -6.66 20.93
CA VAL B 174 0.01 -5.53 21.02
C VAL B 174 -0.57 -4.40 20.17
N VAL B 175 -0.65 -3.20 20.76
CA VAL B 175 -1.22 -2.03 20.10
C VAL B 175 -0.21 -0.91 20.13
N LYS B 176 -0.08 -0.21 19.01
CA LYS B 176 0.88 0.88 18.82
C LYS B 176 0.19 2.20 19.07
N TYR B 177 0.86 3.09 19.80
CA TYR B 177 0.30 4.40 20.14
C TYR B 177 1.33 5.49 19.95
N LEU B 178 0.84 6.68 19.63
CA LEU B 178 1.59 7.91 19.52
C LEU B 178 1.28 8.81 20.71
N PRO B 179 2.15 9.76 21.03
CA PRO B 179 1.84 10.68 22.14
C PRO B 179 0.54 11.45 21.95
N PHE B 180 0.24 11.88 20.72
CA PHE B 180 -0.99 12.59 20.45
C PHE B 180 -2.22 11.70 20.70
N GLU B 181 -2.17 10.47 20.20
CA GLU B 181 -3.28 9.54 20.42
C GLU B 181 -3.45 9.23 21.89
N LEU B 182 -2.33 9.03 22.61
CA LEU B 182 -2.41 8.76 24.04
C LEU B 182 -3.03 9.92 24.79
N GLN B 183 -2.63 11.15 24.46
CA GLN B 183 -3.21 12.32 25.12
C GLN B 183 -4.70 12.43 24.83
N THR B 184 -5.11 12.21 23.58
CA THR B 184 -6.52 12.31 23.24
C THR B 184 -7.33 11.23 23.95
N LEU B 185 -6.80 10.01 24.03
CA LEU B 185 -7.49 8.95 24.76
C LEU B 185 -7.58 9.26 26.24
N SER B 186 -6.51 9.84 26.81
CA SER B 186 -6.53 10.18 28.23
C SER B 186 -7.56 11.26 28.54
N ARG B 187 -7.69 12.25 27.66
CA ARG B 187 -8.60 13.36 27.90
C ARG B 187 -10.06 13.00 27.65
N ASP B 188 -10.36 11.76 27.25
CA ASP B 188 -11.73 11.32 27.04
C ASP B 188 -12.37 10.73 28.29
N ILE B 189 -11.63 10.56 29.36
CA ILE B 189 -12.15 10.05 30.62
C ILE B 189 -12.30 11.15 31.66
N ASP B 190 -11.26 11.97 31.83
CA ASP B 190 -11.29 13.15 32.70
C ASP B 190 -10.93 14.35 31.85
N PRO B 191 -11.92 15.03 31.25
CA PRO B 191 -11.62 16.18 30.39
C PRO B 191 -10.93 17.31 31.13
N ILE B 192 -11.55 17.81 32.20
CA ILE B 192 -11.02 18.93 32.95
C ILE B 192 -10.10 18.41 34.04
N GLN B 193 -8.88 18.97 34.11
CA GLN B 193 -7.91 18.57 35.12
C GLN B 193 -7.89 19.50 36.31
N ALA B 194 -8.03 20.81 36.11
CA ALA B 194 -8.01 21.75 37.23
C ALA B 194 -8.82 22.98 36.89
N VAL B 195 -9.27 23.67 37.95
CA VAL B 195 -10.02 24.91 37.83
C VAL B 195 -9.23 26.02 38.52
N LEU B 196 -9.03 27.12 37.82
CA LEU B 196 -8.26 28.23 38.37
C LEU B 196 -9.16 29.14 39.21
N SER B 197 -8.51 30.03 39.97
CA SER B 197 -9.25 30.90 40.88
C SER B 197 -10.12 31.89 40.12
N ASP B 198 -9.61 32.45 39.02
CA ASP B 198 -10.36 33.47 38.29
C ASP B 198 -11.53 32.88 37.51
N GLY B 199 -11.56 31.58 37.29
CA GLY B 199 -12.69 30.96 36.62
C GLY B 199 -12.32 30.08 35.46
N LYS B 200 -11.11 30.25 34.92
CA LYS B 200 -10.67 29.47 33.79
C LYS B 200 -10.35 28.04 34.21
N VAL B 201 -10.39 27.13 33.26
CA VAL B 201 -10.10 25.71 33.49
C VAL B 201 -8.90 25.31 32.67
N VAL B 202 -8.20 24.27 33.12
CA VAL B 202 -7.11 23.65 32.38
C VAL B 202 -7.41 22.17 32.26
N GLN B 203 -7.40 21.66 31.03
CA GLN B 203 -7.76 20.28 30.74
C GLN B 203 -6.58 19.33 30.83
N GLY B 204 -5.37 19.84 31.08
CA GLY B 204 -4.21 18.99 31.22
C GLY B 204 -2.92 19.77 31.30
N LEU B 205 -1.96 19.27 32.08
CA LEU B 205 -0.67 19.93 32.17
C LEU B 205 0.16 19.68 30.91
N THR B 206 1.08 20.59 30.65
CA THR B 206 1.92 20.53 29.45
C THR B 206 3.15 19.65 29.63
N ASP B 207 3.36 19.06 30.81
CA ASP B 207 4.53 18.24 31.04
C ASP B 207 4.22 16.92 31.75
N ARG B 208 2.95 16.57 31.91
CA ARG B 208 2.57 15.32 32.57
C ARG B 208 1.38 14.73 31.84
N LEU B 209 1.33 13.39 31.76
CA LEU B 209 0.22 12.70 31.12
C LEU B 209 -0.25 11.58 32.04
N THR B 210 -1.56 11.47 32.20
CA THR B 210 -2.16 10.45 33.07
C THR B 210 -2.68 9.31 32.21
N LEU B 211 -2.11 8.13 32.39
CA LEU B 211 -2.48 6.95 31.61
C LEU B 211 -3.29 5.99 32.46
N PRO B 212 -4.57 5.76 32.15
CA PRO B 212 -5.30 4.69 32.83
C PRO B 212 -4.99 3.34 32.19
N LEU B 213 -4.61 2.39 33.03
CA LEU B 213 -4.17 1.07 32.57
C LEU B 213 -5.21 0.04 32.98
N VAL B 214 -5.88 -0.56 32.00
CA VAL B 214 -6.82 -1.65 32.23
C VAL B 214 -6.37 -2.85 31.40
N ALA B 215 -6.22 -4.00 32.06
CA ALA B 215 -5.82 -5.24 31.41
C ALA B 215 -4.53 -5.06 30.60
N VAL B 216 -3.57 -4.32 31.18
CA VAL B 216 -2.29 -4.04 30.55
C VAL B 216 -1.20 -4.75 31.33
N VAL B 217 -0.40 -5.56 30.65
CA VAL B 217 0.64 -6.35 31.29
C VAL B 217 2.03 -6.00 30.75
N GLY B 218 2.18 -4.79 30.21
CA GLY B 218 3.48 -4.37 29.71
C GLY B 218 3.43 -3.09 28.92
N ILE B 219 4.49 -2.29 28.99
CA ILE B 219 4.60 -1.04 28.25
C ILE B 219 5.98 -0.97 27.63
N GLU B 220 6.05 -0.79 26.32
CA GLU B 220 7.29 -0.61 25.60
C GLU B 220 7.40 0.83 25.13
N ILE B 221 8.55 1.45 25.37
CA ILE B 221 8.78 2.85 25.03
C ILE B 221 9.90 2.92 24.01
N ASN B 222 9.63 3.56 22.88
CA ASN B 222 10.60 3.83 21.82
C ASN B 222 10.83 5.33 21.76
N LYS B 223 12.06 5.75 22.03
CA LYS B 223 12.39 7.17 22.04
C LYS B 223 13.81 7.34 21.51
N SER B 224 14.34 8.55 21.66
CA SER B 224 15.70 8.89 21.27
C SER B 224 16.51 9.29 22.50
N GLN B 225 17.79 9.57 22.29
CA GLN B 225 18.66 9.96 23.38
C GLN B 225 18.51 11.44 23.71
N GLY B 226 18.94 11.81 24.91
CA GLY B 226 18.99 13.19 25.33
C GLY B 226 18.06 13.56 26.46
N SER B 227 17.18 12.66 26.89
CA SER B 227 16.25 12.99 27.97
C SER B 227 15.85 11.72 28.70
N ILE B 228 15.50 11.89 29.97
CA ILE B 228 15.12 10.78 30.85
C ILE B 228 13.61 10.82 31.06
N ILE B 229 12.98 9.65 30.99
CA ILE B 229 11.53 9.52 31.09
C ILE B 229 11.18 8.88 32.42
N ASN B 230 10.16 9.38 33.08
CA ASN B 230 9.76 8.87 34.38
C ASN B 230 8.28 8.51 34.39
N PHE B 231 7.98 7.37 35.02
CA PHE B 231 6.63 6.88 35.23
C PHE B 231 6.40 6.76 36.73
N VAL B 232 5.29 7.31 37.20
CA VAL B 232 4.84 7.14 38.57
C VAL B 232 3.59 6.26 38.52
N VAL B 233 3.69 5.05 39.03
CA VAL B 233 2.63 4.05 38.92
C VAL B 233 1.97 3.88 40.29
N ARG B 234 0.66 3.67 40.28
CA ARG B 234 -0.12 3.53 41.51
C ARG B 234 -0.78 2.15 41.54
N CYS B 235 -0.78 1.53 42.72
CA CYS B 235 -1.40 0.22 42.89
C CYS B 235 -2.14 0.17 44.22
N LEU B 236 -3.02 -0.81 44.34
CA LEU B 236 -3.79 -1.04 45.56
C LEU B 236 -3.59 -2.47 46.00
N LYS B 237 -3.27 -2.66 47.29
CA LYS B 237 -3.06 -4.01 47.79
C LYS B 237 -3.27 -4.03 49.29
N THR B 238 -3.31 -5.24 49.85
CA THR B 238 -3.57 -5.45 51.26
C THR B 238 -2.25 -5.58 52.01
N VAL B 239 -2.07 -4.76 53.03
CA VAL B 239 -0.84 -4.79 53.81
C VAL B 239 -0.93 -5.84 54.91
N MET C 1 -44.88 24.38 28.99
CA MET C 1 -45.61 25.62 28.73
C MET C 1 -44.98 26.79 29.48
N LYS C 2 -45.35 28.01 29.10
CA LYS C 2 -44.86 29.21 29.75
C LYS C 2 -45.86 29.65 30.81
N ILE C 3 -45.40 29.75 32.06
CA ILE C 3 -46.29 30.03 33.17
C ILE C 3 -46.43 31.54 33.38
N ALA C 4 -45.31 32.23 33.59
CA ALA C 4 -45.40 33.66 33.88
C ALA C 4 -44.11 34.37 33.53
N THR C 5 -44.25 35.66 33.24
CA THR C 5 -43.13 36.60 33.12
C THR C 5 -43.43 37.78 34.04
N ILE C 6 -42.53 38.09 34.96
CA ILE C 6 -42.76 39.08 35.99
C ILE C 6 -41.67 40.14 35.92
N THR C 7 -42.07 41.41 35.85
CA THR C 7 -41.16 42.54 35.86
C THR C 7 -41.93 43.78 36.28
N GLY C 8 -41.22 44.69 36.95
CA GLY C 8 -41.79 45.96 37.34
C GLY C 8 -42.50 45.98 38.68
N VAL C 9 -42.64 44.83 39.35
CA VAL C 9 -43.35 44.72 40.61
C VAL C 9 -42.48 44.00 41.62
N THR C 10 -42.86 44.11 42.89
CA THR C 10 -42.14 43.48 43.98
C THR C 10 -42.79 42.18 44.47
N LYS C 11 -43.98 41.84 43.97
CA LYS C 11 -44.67 40.63 44.38
C LYS C 11 -45.31 39.98 43.17
N SER C 12 -45.17 38.67 43.06
CA SER C 12 -45.78 37.94 41.97
C SER C 12 -47.26 37.72 42.23
N PRO C 13 -48.10 37.73 41.19
CA PRO C 13 -49.48 37.29 41.35
C PRO C 13 -49.54 35.81 41.66
N GLU C 14 -50.61 35.39 42.32
CA GLU C 14 -50.79 34.00 42.70
C GLU C 14 -51.02 33.18 41.44
N LEU C 15 -50.00 32.45 41.00
CA LEU C 15 -50.04 31.71 39.74
C LEU C 15 -50.58 30.31 39.97
N GLN C 16 -51.36 29.83 39.01
CA GLN C 16 -51.99 28.52 39.09
C GLN C 16 -51.69 27.72 37.82
N VAL C 17 -51.40 26.44 37.98
CA VAL C 17 -51.13 25.54 36.88
C VAL C 17 -52.03 24.32 37.02
N THR C 18 -52.80 24.02 35.98
CA THR C 18 -53.73 22.89 36.03
C THR C 18 -53.12 21.63 35.41
N LYS C 19 -52.30 21.79 34.37
CA LYS C 19 -51.66 20.64 33.76
C LYS C 19 -50.66 20.01 34.72
N ALA C 20 -50.46 18.70 34.57
CA ALA C 20 -49.53 17.96 35.42
C ALA C 20 -48.11 18.22 34.95
N ILE C 21 -47.33 18.91 35.77
CA ILE C 21 -45.95 19.23 35.44
C ILE C 21 -45.03 18.45 36.38
N GLY C 22 -43.80 18.24 35.93
CA GLY C 22 -42.84 17.48 36.72
C GLY C 22 -41.64 18.29 37.15
N ALA C 23 -41.38 19.41 36.47
CA ALA C 23 -40.22 20.22 36.75
C ALA C 23 -40.49 21.67 36.38
N LEU C 24 -39.81 22.57 37.08
CA LEU C 24 -39.89 24.00 36.84
C LEU C 24 -38.58 24.50 36.27
N ILE C 25 -38.67 25.51 35.41
CA ILE C 25 -37.50 26.18 34.86
C ILE C 25 -37.58 27.63 35.29
N LEU C 26 -36.62 28.07 36.09
CA LEU C 26 -36.52 29.45 36.55
C LEU C 26 -35.46 30.15 35.71
N SER C 27 -35.85 31.23 35.04
CA SER C 27 -34.87 31.99 34.27
C SER C 27 -34.95 33.45 34.69
N SER C 28 -33.79 34.12 34.68
CA SER C 28 -33.74 35.52 35.07
C SER C 28 -32.48 36.16 34.51
N ASP C 29 -32.53 37.49 34.40
CA ASP C 29 -31.38 38.28 33.99
C ASP C 29 -30.46 38.62 35.15
N VAL C 30 -30.79 38.20 36.36
CA VAL C 30 -29.93 38.42 37.52
C VAL C 30 -29.06 37.19 37.71
N ALA C 31 -27.76 37.41 37.92
CA ALA C 31 -26.85 36.30 38.11
C ALA C 31 -27.17 35.53 39.38
N LEU C 32 -26.67 34.30 39.46
CA LEU C 32 -26.94 33.46 40.62
C LEU C 32 -26.38 34.07 41.90
N SER C 33 -25.17 34.62 41.83
CA SER C 33 -24.55 35.21 43.00
C SER C 33 -25.16 36.55 43.40
N ALA C 34 -26.03 37.12 42.57
CA ALA C 34 -26.65 38.41 42.85
C ALA C 34 -28.05 38.30 43.44
N LEU C 35 -28.54 37.08 43.66
CA LEU C 35 -29.84 36.92 44.31
C LEU C 35 -29.71 37.22 45.80
N THR C 36 -30.61 38.05 46.31
CA THR C 36 -30.53 38.48 47.71
C THR C 36 -31.72 38.01 48.54
N THR C 37 -32.95 38.35 48.15
CA THR C 37 -34.09 38.15 49.03
C THR C 37 -35.29 37.46 48.36
N GLU C 38 -35.19 37.10 47.08
CA GLU C 38 -36.32 36.50 46.38
C GLU C 38 -36.66 35.14 46.99
N LYS C 39 -37.95 34.89 47.20
CA LYS C 39 -38.42 33.67 47.81
C LYS C 39 -39.56 33.08 46.99
N ILE C 40 -39.75 31.76 47.13
CA ILE C 40 -40.78 31.04 46.37
C ILE C 40 -41.65 30.25 47.34
N SER C 41 -42.90 30.02 46.92
CA SER C 41 -43.85 29.22 47.69
C SER C 41 -44.68 28.39 46.71
N ILE C 42 -44.63 27.07 46.86
CA ILE C 42 -45.30 26.14 45.96
C ILE C 42 -46.17 25.21 46.80
N TYR C 43 -47.40 24.97 46.37
CA TYR C 43 -48.22 23.98 47.06
C TYR C 43 -49.30 23.45 46.14
N ILE C 44 -49.64 22.18 46.31
CA ILE C 44 -50.64 21.50 45.52
C ILE C 44 -51.96 21.49 46.28
N GLU C 45 -53.03 21.92 45.61
CA GLU C 45 -54.35 22.03 46.23
C GLU C 45 -55.12 20.76 45.90
N ARG C 46 -55.14 19.83 46.85
CA ARG C 46 -55.81 18.56 46.64
C ARG C 46 -57.31 18.70 46.82
N GLY C 47 -58.05 17.75 46.23
CA GLY C 47 -59.50 17.79 46.29
C GLY C 47 -60.07 16.76 47.24
N ASN C 48 -59.46 15.58 47.31
CA ASN C 48 -59.88 14.51 48.20
C ASN C 48 -58.79 14.35 49.27
N GLY C 49 -58.98 15.04 50.39
CA GLY C 49 -58.03 15.00 51.49
C GLY C 49 -57.43 16.36 51.77
N SER C 50 -56.22 16.35 52.29
CA SER C 50 -55.52 17.57 52.67
C SER C 50 -54.62 18.07 51.53
N ASN C 51 -54.32 19.36 51.57
CA ASN C 51 -53.41 19.95 50.60
C ASN C 51 -51.98 19.52 50.90
N VAL C 52 -51.10 19.75 49.92
CA VAL C 52 -49.69 19.40 50.04
C VAL C 52 -48.86 20.67 49.97
N ILE C 53 -47.98 20.87 50.94
CA ILE C 53 -47.07 22.01 50.97
C ILE C 53 -45.69 21.50 50.59
N LEU C 54 -45.17 21.98 49.45
CA LEU C 54 -43.87 21.56 48.97
C LEU C 54 -42.77 22.57 49.27
N ALA C 55 -43.10 23.85 49.36
CA ALA C 55 -42.13 24.89 49.68
C ALA C 55 -42.85 26.04 50.37
N ASN C 56 -42.32 26.49 51.50
CA ASN C 56 -42.93 27.54 52.31
C ASN C 56 -41.94 28.71 52.38
N LYS C 57 -42.04 29.63 51.42
CA LYS C 57 -41.20 30.82 51.35
C LYS C 57 -39.71 30.46 51.39
N VAL C 58 -39.33 29.45 50.61
CA VAL C 58 -37.93 29.06 50.56
C VAL C 58 -37.15 30.09 49.75
N LEU C 59 -35.96 30.44 50.24
CA LEU C 59 -35.12 31.39 49.53
C LEU C 59 -34.70 30.81 48.18
N LEU C 60 -34.65 31.69 47.17
CA LEU C 60 -34.51 31.24 45.79
C LEU C 60 -33.12 30.64 45.56
N LYS C 61 -32.09 31.18 46.22
CA LYS C 61 -30.75 30.63 46.08
C LYS C 61 -30.69 29.19 46.55
N ASP C 62 -31.24 28.90 47.73
CA ASP C 62 -31.22 27.55 48.26
C ASP C 62 -32.13 26.63 47.45
N PHE C 63 -33.25 27.16 46.96
CA PHE C 63 -34.11 26.34 46.10
C PHE C 63 -33.39 25.93 44.82
N ILE C 64 -32.63 26.85 44.23
CA ILE C 64 -31.91 26.52 43.01
C ILE C 64 -30.76 25.56 43.29
N LEU C 65 -30.02 25.80 44.38
CA LEU C 65 -28.85 24.97 44.67
C LEU C 65 -29.23 23.56 45.10
N ALA C 66 -30.35 23.40 45.82
CA ALA C 66 -30.75 22.08 46.30
C ALA C 66 -31.25 21.17 45.20
N SER C 67 -31.48 21.69 44.00
CA SER C 67 -31.98 20.89 42.89
C SER C 67 -30.95 20.62 41.80
N THR C 68 -29.87 21.40 41.74
CA THR C 68 -28.87 21.30 40.69
C THR C 68 -27.54 20.78 41.22
N TYR C 69 -27.59 19.79 42.12
CA TYR C 69 -26.39 19.19 42.68
C TYR C 69 -26.15 17.83 42.02
N GLY C 70 -24.99 17.68 41.41
CA GLY C 70 -24.66 16.43 40.73
C GLY C 70 -24.03 16.63 39.37
N THR C 71 -24.47 15.85 38.39
CA THR C 71 -23.92 15.96 37.04
C THR C 71 -24.30 17.28 36.38
N GLU C 72 -25.48 17.80 36.70
CA GLU C 72 -25.98 19.02 36.07
C GLU C 72 -25.48 20.26 36.81
N ASN C 73 -25.91 21.43 36.34
CA ASN C 73 -25.61 22.70 36.97
C ASN C 73 -26.65 23.70 36.49
N THR C 74 -26.50 24.96 36.90
CA THR C 74 -27.33 26.05 36.40
C THR C 74 -26.57 26.77 35.30
N GLN C 75 -27.24 27.01 34.18
CA GLN C 75 -26.61 27.48 32.96
C GLN C 75 -26.93 28.96 32.74
N SER C 76 -26.46 29.49 31.62
CA SER C 76 -26.69 30.89 31.28
C SER C 76 -26.65 31.05 29.77
N ASP C 77 -27.72 31.63 29.23
CA ASP C 77 -27.81 31.90 27.80
C ASP C 77 -27.27 33.29 27.50
N ALA C 78 -27.29 33.67 26.22
CA ALA C 78 -26.88 35.02 25.86
C ALA C 78 -27.89 36.05 26.31
N ASP C 79 -29.16 35.69 26.37
CA ASP C 79 -30.21 36.60 26.80
C ASP C 79 -30.43 36.55 28.31
N ASN C 80 -30.59 35.36 28.86
CA ASN C 80 -30.82 35.18 30.29
C ASN C 80 -29.50 34.87 30.99
N ALA C 81 -29.23 35.59 32.08
CA ALA C 81 -28.00 35.39 32.83
C ALA C 81 -28.07 34.20 33.78
N MET C 82 -29.26 33.63 34.01
CA MET C 82 -29.40 32.49 34.89
C MET C 82 -30.57 31.64 34.44
N ILE C 83 -30.32 30.35 34.20
CA ILE C 83 -31.36 29.37 33.89
C ILE C 83 -31.13 28.16 34.78
N ALA C 84 -32.17 27.74 35.49
CA ALA C 84 -32.07 26.61 36.39
C ALA C 84 -33.28 25.70 36.22
N LEU C 85 -33.05 24.39 36.30
CA LEU C 85 -34.11 23.40 36.24
C LEU C 85 -34.22 22.72 37.59
N CYS C 86 -35.41 22.77 38.18
CA CYS C 86 -35.65 22.22 39.52
C CYS C 86 -36.81 21.23 39.44
N GLU C 87 -36.56 19.99 39.84
CA GLU C 87 -37.59 18.97 39.78
C GLU C 87 -38.49 19.03 41.01
N LEU C 88 -39.78 18.77 40.79
CA LEU C 88 -40.75 18.73 41.89
C LEU C 88 -41.17 17.31 42.25
N ALA C 89 -40.79 16.32 41.44
CA ALA C 89 -41.14 14.93 41.71
C ALA C 89 -39.99 14.03 41.28
N ASP C 90 -40.13 12.74 41.57
CA ASP C 90 -39.12 11.75 41.22
C ASP C 90 -39.55 11.04 39.94
N GLU C 91 -38.63 10.93 38.98
CA GLU C 91 -38.89 10.32 37.68
C GLU C 91 -40.06 11.01 36.99
N GLY C 92 -41.26 10.47 37.13
CA GLY C 92 -42.43 11.01 36.47
C GLY C 92 -42.83 12.38 37.02
N SER C 93 -43.98 12.84 36.55
CA SER C 93 -44.51 14.13 36.94
C SER C 93 -45.52 13.97 38.08
N ILE C 94 -46.01 15.10 38.58
CA ILE C 94 -46.98 15.10 39.68
C ILE C 94 -48.33 14.67 39.16
N TYR C 95 -48.95 13.69 39.82
CA TYR C 95 -50.26 13.21 39.42
C TYR C 95 -51.34 14.13 39.97
N LEU C 96 -52.21 14.61 39.08
CA LEU C 96 -53.29 15.52 39.45
C LEU C 96 -54.63 14.94 39.01
N ALA C 97 -55.64 15.08 39.86
CA ALA C 97 -56.98 14.58 39.56
C ALA C 97 -57.75 15.59 38.70
N ASP C 98 -59.07 15.42 38.64
CA ASP C 98 -59.87 16.15 37.66
C ASP C 98 -59.74 17.66 37.82
N LYS C 99 -59.79 18.16 39.06
CA LYS C 99 -59.83 19.60 39.28
C LYS C 99 -58.74 20.11 40.21
N GLU C 100 -57.71 19.31 40.50
CA GLU C 100 -56.64 19.79 41.35
C GLU C 100 -55.72 20.73 40.57
N SER C 101 -54.89 21.45 41.30
CA SER C 101 -54.01 22.44 40.70
C SER C 101 -52.75 22.60 41.55
N ILE C 102 -51.74 23.21 40.93
CA ILE C 102 -50.48 23.52 41.61
C ILE C 102 -50.37 25.04 41.64
N LYS C 103 -50.23 25.60 42.84
CA LYS C 103 -50.24 27.04 43.03
C LYS C 103 -48.85 27.49 43.44
N ILE C 104 -48.30 28.43 42.68
CA ILE C 104 -46.93 28.92 42.85
C ILE C 104 -46.98 30.44 43.00
N THR C 105 -46.13 30.97 43.88
CA THR C 105 -46.03 32.41 44.06
C THR C 105 -44.61 32.79 44.42
N LEU C 106 -44.25 34.03 44.11
CA LEU C 106 -42.92 34.56 44.35
C LEU C 106 -43.02 35.85 45.17
N GLU C 107 -42.06 36.05 46.06
CA GLU C 107 -42.08 37.19 46.97
C GLU C 107 -40.71 37.84 47.02
N ASP C 108 -40.71 39.12 47.38
CA ASP C 108 -39.50 39.91 47.60
C ASP C 108 -38.64 39.98 46.33
N LEU C 109 -39.25 40.52 45.28
CA LEU C 109 -38.56 40.68 44.00
C LEU C 109 -37.94 42.08 43.93
N ILE C 110 -37.41 42.45 42.77
CA ILE C 110 -36.82 43.76 42.55
C ILE C 110 -37.50 44.38 41.34
N SER C 111 -37.87 45.66 41.46
CA SER C 111 -38.73 46.29 40.47
C SER C 111 -38.08 46.45 39.09
N ASP C 112 -36.75 46.37 39.00
CA ASP C 112 -36.07 46.58 37.73
C ASP C 112 -35.48 45.31 37.14
N LYS C 113 -35.96 44.14 37.56
CA LYS C 113 -35.49 42.85 37.06
C LYS C 113 -36.66 42.08 36.46
N ARG C 114 -36.36 40.90 35.92
CA ARG C 114 -37.35 40.06 35.26
C ARG C 114 -37.15 38.61 35.69
N TYR C 115 -38.26 37.91 35.92
CA TYR C 115 -38.24 36.51 36.33
C TYR C 115 -39.25 35.74 35.49
N ASP C 116 -38.83 34.59 34.95
CA ASP C 116 -39.63 33.82 34.02
C ASP C 116 -39.77 32.39 34.52
N LEU C 117 -41.00 31.87 34.46
CA LEU C 117 -41.33 30.53 34.92
C LEU C 117 -41.71 29.65 33.72
N HIS C 118 -41.21 28.42 33.71
CA HIS C 118 -41.62 27.44 32.73
C HIS C 118 -41.94 26.13 33.43
N GLY C 119 -42.87 25.37 32.86
CA GLY C 119 -43.25 24.07 33.38
C GLY C 119 -42.95 22.98 32.36
N ILE C 120 -42.55 21.81 32.85
CA ILE C 120 -42.19 20.68 32.00
C ILE C 120 -43.16 19.54 32.26
N GLU C 121 -43.79 19.05 31.20
CA GLU C 121 -44.66 17.89 31.28
C GLU C 121 -43.85 16.62 31.04
N GLU C 122 -44.36 15.51 31.55
CA GLU C 122 -43.65 14.24 31.44
C GLU C 122 -44.64 13.13 31.09
N PRO C 123 -44.17 12.10 30.37
CA PRO C 123 -45.09 11.03 29.97
C PRO C 123 -45.71 10.25 31.11
N GLN C 124 -45.00 10.11 32.22
CA GLN C 124 -45.43 9.26 33.33
C GLN C 124 -45.97 10.12 34.47
N GLN C 125 -46.66 9.44 35.40
CA GLN C 125 -47.18 10.06 36.61
C GLN C 125 -46.62 9.33 37.83
N THR C 126 -46.44 10.08 38.92
CA THR C 126 -45.89 9.50 40.14
C THR C 126 -46.45 10.23 41.35
N ASN C 127 -46.35 9.58 42.50
CA ASN C 127 -46.75 10.17 43.76
C ASN C 127 -45.59 10.66 44.62
N ASN C 128 -44.38 10.19 44.35
CA ASN C 128 -43.21 10.61 45.12
C ASN C 128 -42.89 12.07 44.81
N LEU C 129 -42.68 12.87 45.86
CA LEU C 129 -42.44 14.29 45.72
C LEU C 129 -41.27 14.70 46.61
N PHE C 130 -40.70 15.87 46.27
CA PHE C 130 -39.61 16.47 47.01
C PHE C 130 -40.14 17.57 47.91
N PHE C 131 -39.70 17.56 49.16
CA PHE C 131 -40.09 18.55 50.16
C PHE C 131 -38.87 19.32 50.62
N PHE C 132 -39.02 20.64 50.73
CA PHE C 132 -37.96 21.54 51.18
C PHE C 132 -38.34 22.08 52.55
N GLU C 133 -37.58 21.70 53.57
CA GLU C 133 -37.81 22.17 54.94
C GLU C 133 -36.71 23.12 55.35
N GLN C 134 -37.00 23.93 56.36
CA GLN C 134 -36.08 24.95 56.85
C GLN C 134 -35.78 24.71 58.33
N LYS C 135 -34.51 24.79 58.69
CA LYS C 135 -34.05 24.60 60.06
C LYS C 135 -33.21 25.80 60.46
N SER C 136 -33.24 26.12 61.76
CA SER C 136 -32.57 27.32 62.25
C SER C 136 -31.82 27.00 63.55
N VAL C 137 -30.70 27.69 63.73
CA VAL C 137 -29.92 27.66 64.97
C VAL C 137 -29.84 29.08 65.50
N ALA C 138 -30.21 29.26 66.76
CA ALA C 138 -30.41 30.57 67.35
C ALA C 138 -29.07 31.27 67.60
N SER C 139 -29.16 32.54 67.97
CA SER C 139 -27.97 33.35 68.22
C SER C 139 -27.31 33.03 69.55
N GLU C 140 -28.09 32.67 70.56
CA GLU C 140 -27.56 32.39 71.89
C GLU C 140 -27.16 30.93 72.08
N GLU C 141 -27.44 30.07 71.11
CA GLU C 141 -27.15 28.65 71.27
C GLU C 141 -25.68 28.37 70.99
N PHE C 142 -25.08 27.49 71.81
CA PHE C 142 -23.70 27.10 71.62
C PHE C 142 -23.58 25.87 70.71
N ASN C 143 -24.19 24.76 71.11
CA ASN C 143 -24.16 23.53 70.34
C ASN C 143 -25.59 23.04 70.13
N LYS C 144 -25.83 22.45 68.96
CA LYS C 144 -27.17 21.99 68.63
C LYS C 144 -27.12 20.70 67.83
N LYS C 145 -28.02 19.79 68.15
CA LYS C 145 -28.14 18.50 67.47
C LYS C 145 -29.38 18.51 66.58
N ILE C 146 -29.22 18.05 65.34
CA ILE C 146 -30.30 17.97 64.38
C ILE C 146 -30.33 16.55 63.81
N ASP C 147 -31.52 15.94 63.81
CA ASP C 147 -31.71 14.59 63.28
C ASP C 147 -32.03 14.71 61.79
N VAL C 148 -31.10 14.26 60.95
CA VAL C 148 -31.26 14.39 59.50
C VAL C 148 -31.55 13.02 58.89
N GLN C 149 -32.16 12.14 59.67
CA GLN C 149 -32.48 10.81 59.19
C GLN C 149 -33.65 10.89 58.20
N GLY C 150 -33.41 10.47 56.96
CA GLY C 150 -34.40 10.52 55.90
C GLY C 150 -34.12 11.55 54.84
N PHE C 151 -33.32 12.57 55.14
CA PHE C 151 -32.95 13.56 54.14
C PHE C 151 -31.78 13.05 53.30
N ASP C 152 -31.51 13.75 52.21
CA ASP C 152 -30.38 13.40 51.36
C ASP C 152 -29.57 14.61 50.90
N LEU C 153 -29.94 15.83 51.26
CA LEU C 153 -29.23 17.01 50.82
C LEU C 153 -29.60 18.18 51.70
N ALA C 154 -28.59 18.98 52.07
CA ALA C 154 -28.81 20.17 52.88
C ALA C 154 -27.99 21.31 52.32
N ILE C 155 -28.42 22.54 52.62
CA ILE C 155 -27.69 23.75 52.29
C ILE C 155 -27.62 24.62 53.53
N MET C 156 -26.40 24.98 53.93
CA MET C 156 -26.19 25.78 55.12
C MET C 156 -25.64 27.15 54.74
N THR C 157 -26.03 28.15 55.51
CA THR C 157 -25.48 29.49 55.35
C THR C 157 -24.09 29.53 55.99
N VAL C 158 -23.08 29.83 55.19
CA VAL C 158 -21.70 29.85 55.68
C VAL C 158 -21.47 31.10 56.51
N ASP C 159 -21.01 30.91 57.74
CA ASP C 159 -20.75 32.01 58.66
C ASP C 159 -19.40 31.78 59.33
N ASP C 160 -18.75 32.87 59.72
CA ASP C 160 -17.46 32.79 60.37
C ASP C 160 -17.52 32.33 61.82
N SER C 161 -18.70 32.38 62.44
CA SER C 161 -18.83 31.99 63.84
C SER C 161 -18.98 30.48 64.03
N VAL C 162 -19.20 29.73 62.96
CA VAL C 162 -19.32 28.27 63.07
C VAL C 162 -17.92 27.68 63.21
N SER C 163 -17.71 26.93 64.28
CA SER C 163 -16.41 26.32 64.53
C SER C 163 -16.33 24.90 63.99
N ASP C 164 -17.22 24.02 64.46
CA ASP C 164 -17.15 22.61 64.09
C ASP C 164 -18.53 22.08 63.73
N LEU C 165 -18.53 21.06 62.88
CA LEU C 165 -19.74 20.32 62.55
C LEU C 165 -19.38 18.84 62.55
N SER C 166 -20.19 18.04 63.24
CA SER C 166 -19.92 16.63 63.46
C SER C 166 -21.01 15.78 62.84
N TYR C 167 -20.60 14.80 62.04
CA TYR C 167 -21.51 13.83 61.44
C TYR C 167 -21.59 12.60 62.33
N GLN C 168 -22.82 12.17 62.62
CA GLN C 168 -23.06 10.90 63.31
C GLN C 168 -23.72 9.96 62.31
N TYR C 169 -23.06 8.81 62.08
CA TYR C 169 -23.48 7.86 61.07
C TYR C 169 -24.38 6.79 61.67
N SER C 170 -24.91 5.94 60.78
CA SER C 170 -25.85 4.92 61.21
C SER C 170 -25.22 3.90 62.14
N ASN C 171 -23.97 3.50 61.85
CA ASN C 171 -23.32 2.49 62.66
C ASN C 171 -22.85 3.02 64.02
N GLY C 172 -22.84 4.33 64.22
CA GLY C 172 -22.56 4.92 65.52
C GLY C 172 -21.30 5.74 65.61
N GLN C 173 -20.49 5.80 64.56
CA GLN C 173 -19.27 6.58 64.60
C GLN C 173 -19.59 8.07 64.46
N VAL C 174 -18.74 8.90 65.08
CA VAL C 174 -18.88 10.35 65.05
C VAL C 174 -17.60 10.93 64.49
N VAL C 175 -17.74 11.79 63.47
CA VAL C 175 -16.59 12.40 62.80
C VAL C 175 -16.75 13.92 62.83
N LYS C 176 -15.75 14.61 63.34
CA LYS C 176 -15.79 16.07 63.47
C LYS C 176 -14.98 16.70 62.33
N TYR C 177 -15.66 17.53 61.54
CA TYR C 177 -15.03 18.19 60.40
C TYR C 177 -14.72 19.65 60.73
N LEU C 178 -14.30 20.39 59.72
CA LEU C 178 -14.07 21.82 59.77
C LEU C 178 -14.77 22.45 58.58
N PRO C 179 -15.00 23.76 58.59
CA PRO C 179 -15.61 24.39 57.39
C PRO C 179 -14.80 24.17 56.12
N PHE C 180 -13.46 24.29 56.21
CA PHE C 180 -12.63 24.06 55.04
C PHE C 180 -12.70 22.61 54.57
N GLU C 181 -12.66 21.67 55.52
CA GLU C 181 -12.75 20.25 55.18
C GLU C 181 -14.09 19.94 54.52
N LEU C 182 -15.17 20.48 55.05
CA LEU C 182 -16.50 20.24 54.47
C LEU C 182 -16.59 20.83 53.07
N GLN C 183 -16.07 22.05 52.87
CA GLN C 183 -16.10 22.64 51.54
C GLN C 183 -15.31 21.79 50.54
N THR C 184 -14.12 21.35 50.94
CA THR C 184 -13.30 20.54 50.06
C THR C 184 -13.97 19.21 49.74
N LEU C 185 -14.57 18.57 50.73
CA LEU C 185 -15.20 17.27 50.50
C LEU C 185 -16.45 17.40 49.65
N SER C 186 -17.21 18.49 49.82
CA SER C 186 -18.41 18.68 49.01
C SER C 186 -18.08 19.08 47.59
N ARG C 187 -16.95 19.76 47.37
CA ARG C 187 -16.59 20.17 46.02
C ARG C 187 -16.13 19.02 45.14
N ASP C 188 -15.89 17.84 45.72
CA ASP C 188 -15.45 16.68 44.93
C ASP C 188 -16.60 15.88 44.35
N ILE C 189 -17.85 16.24 44.66
CA ILE C 189 -19.01 15.59 44.09
C ILE C 189 -19.57 16.38 42.91
N ASP C 190 -19.67 17.70 43.05
CA ASP C 190 -20.06 18.60 41.97
C ASP C 190 -18.99 19.68 41.87
N PRO C 191 -17.90 19.40 41.13
CA PRO C 191 -16.81 20.39 41.04
C PRO C 191 -17.22 21.70 40.39
N ILE C 192 -18.29 21.73 39.61
CA ILE C 192 -18.75 22.93 38.93
C ILE C 192 -20.18 23.23 39.39
N GLN C 193 -20.42 24.46 39.82
CA GLN C 193 -21.74 24.87 40.28
C GLN C 193 -22.51 25.67 39.25
N ALA C 194 -21.84 26.53 38.48
CA ALA C 194 -22.54 27.31 37.47
C ALA C 194 -21.58 27.70 36.35
N VAL C 195 -22.15 28.03 35.21
CA VAL C 195 -21.41 28.47 34.03
C VAL C 195 -21.93 29.85 33.62
N LEU C 196 -21.02 30.79 33.44
CA LEU C 196 -21.39 32.15 33.11
C LEU C 196 -21.48 32.34 31.59
N SER C 197 -22.08 33.46 31.19
CA SER C 197 -22.26 33.73 29.77
C SER C 197 -20.93 33.90 29.05
N ASP C 198 -19.99 34.60 29.68
CA ASP C 198 -18.69 34.86 29.07
C ASP C 198 -17.82 33.61 28.93
N GLY C 199 -18.21 32.51 29.55
CA GLY C 199 -17.48 31.26 29.47
C GLY C 199 -16.84 30.82 30.77
N LYS C 200 -16.63 31.74 31.71
CA LYS C 200 -16.06 31.36 32.99
C LYS C 200 -17.03 30.52 33.80
N VAL C 201 -16.48 29.61 34.60
CA VAL C 201 -17.27 28.74 35.46
C VAL C 201 -17.02 29.12 36.91
N VAL C 202 -18.02 28.89 37.75
CA VAL C 202 -17.90 29.10 39.18
C VAL C 202 -18.19 27.78 39.88
N GLN C 203 -17.30 27.40 40.80
CA GLN C 203 -17.33 26.11 41.47
C GLN C 203 -18.06 26.15 42.81
N GLY C 204 -18.60 27.30 43.20
CA GLY C 204 -19.33 27.38 44.45
C GLY C 204 -19.55 28.80 44.93
N LEU C 205 -20.73 29.04 45.51
CA LEU C 205 -21.00 30.34 46.12
C LEU C 205 -20.17 30.51 47.39
N THR C 206 -19.85 31.76 47.71
CA THR C 206 -19.04 32.08 48.87
C THR C 206 -19.87 32.22 50.14
N ASP C 207 -21.19 32.13 50.05
CA ASP C 207 -22.05 32.29 51.22
C ASP C 207 -23.02 31.14 51.45
N ARG C 208 -22.98 30.09 50.62
CA ARG C 208 -23.79 28.89 50.81
C ARG C 208 -22.89 27.67 50.69
N LEU C 209 -23.25 26.61 51.41
CA LEU C 209 -22.52 25.36 51.34
C LEU C 209 -23.52 24.21 51.22
N THR C 210 -23.28 23.32 50.26
CA THR C 210 -24.17 22.18 50.02
C THR C 210 -23.54 20.91 50.57
N LEU C 211 -24.29 20.22 51.43
CA LEU C 211 -23.82 19.02 52.09
C LEU C 211 -24.67 17.83 51.63
N PRO C 212 -24.07 16.84 50.96
CA PRO C 212 -24.82 15.60 50.68
C PRO C 212 -24.77 14.66 51.87
N LEU C 213 -25.94 14.14 52.25
CA LEU C 213 -26.08 13.28 53.42
C LEU C 213 -26.33 11.85 52.94
N VAL C 214 -25.31 11.01 53.06
CA VAL C 214 -25.41 9.60 52.70
C VAL C 214 -25.08 8.77 53.93
N ALA C 215 -26.05 7.98 54.38
CA ALA C 215 -25.91 7.14 55.57
C ALA C 215 -25.52 7.96 56.80
N VAL C 216 -26.12 9.13 56.94
CA VAL C 216 -25.86 10.03 58.06
C VAL C 216 -27.15 10.22 58.83
N VAL C 217 -27.08 10.06 60.16
CA VAL C 217 -28.26 10.12 61.00
C VAL C 217 -28.24 11.27 62.00
N GLY C 218 -27.16 12.01 62.13
CA GLY C 218 -27.13 13.14 63.05
C GLY C 218 -26.13 14.19 62.65
N ILE C 219 -26.44 15.44 62.97
CA ILE C 219 -25.53 16.56 62.73
C ILE C 219 -25.45 17.39 64.01
N GLU C 220 -24.21 17.60 64.48
CA GLU C 220 -23.99 18.42 65.68
C GLU C 220 -23.20 19.66 65.29
N ILE C 221 -23.70 20.83 65.67
CA ILE C 221 -23.10 22.10 65.31
C ILE C 221 -22.53 22.74 66.57
N ASN C 222 -21.25 23.08 66.53
CA ASN C 222 -20.58 23.82 67.59
C ASN C 222 -20.13 25.17 67.05
N LYS C 223 -20.55 26.24 67.70
CA LYS C 223 -20.28 27.59 67.24
C LYS C 223 -20.27 28.53 68.44
N SER C 224 -19.94 29.80 68.18
CA SER C 224 -19.94 30.83 69.20
C SER C 224 -21.32 31.48 69.26
N GLN C 225 -21.43 32.61 69.97
CA GLN C 225 -22.70 33.27 70.19
C GLN C 225 -22.77 34.57 69.39
N GLY C 226 -23.94 34.81 68.79
CA GLY C 226 -24.18 36.07 68.11
C GLY C 226 -24.59 35.97 66.66
N SER C 227 -25.08 34.81 66.24
CA SER C 227 -25.46 34.62 64.85
C SER C 227 -26.48 33.50 64.73
N ILE C 228 -27.30 33.59 63.69
CA ILE C 228 -28.34 32.59 63.40
C ILE C 228 -27.91 31.81 62.17
N ILE C 229 -27.92 30.48 62.28
CA ILE C 229 -27.49 29.60 61.19
C ILE C 229 -28.72 29.02 60.52
N ASN C 230 -28.73 29.03 59.18
CA ASN C 230 -29.90 28.61 58.41
C ASN C 230 -29.57 27.40 57.57
N PHE C 231 -30.45 26.39 57.62
CA PHE C 231 -30.34 25.16 56.86
C PHE C 231 -31.60 24.98 56.02
N VAL C 232 -31.42 24.52 54.79
CA VAL C 232 -32.53 24.13 53.92
C VAL C 232 -32.29 22.69 53.50
N VAL C 233 -33.20 21.80 53.86
CA VAL C 233 -33.01 20.37 53.64
C VAL C 233 -34.06 19.87 52.65
N ARG C 234 -33.67 18.89 51.85
CA ARG C 234 -34.54 18.31 50.84
C ARG C 234 -34.77 16.83 51.13
N CYS C 235 -36.01 16.39 51.04
CA CYS C 235 -36.35 15.00 51.28
C CYS C 235 -37.31 14.49 50.20
N LEU C 236 -37.30 13.18 49.99
CA LEU C 236 -38.16 12.52 49.01
C LEU C 236 -39.13 11.62 49.74
N LYS C 237 -40.43 11.80 49.49
CA LYS C 237 -41.42 10.99 50.19
C LYS C 237 -42.69 10.87 49.37
N THR C 238 -43.48 9.86 49.71
CA THR C 238 -44.71 9.53 48.99
C THR C 238 -45.92 10.06 49.76
N VAL C 239 -46.75 10.84 49.08
CA VAL C 239 -47.97 11.37 49.69
C VAL C 239 -49.19 10.68 49.09
N MET D 1 -2.74 5.52 14.25
CA MET D 1 -1.76 5.81 13.21
C MET D 1 -2.14 7.10 12.48
N LYS D 2 -1.25 7.57 11.62
CA LYS D 2 -1.50 8.77 10.83
C LYS D 2 -2.21 8.38 9.55
N ILE D 3 -3.33 9.05 9.27
CA ILE D 3 -4.14 8.73 8.10
C ILE D 3 -3.91 9.75 7.00
N ALA D 4 -4.17 11.02 7.28
CA ALA D 4 -4.05 12.02 6.23
C ALA D 4 -3.84 13.41 6.85
N THR D 5 -3.15 14.25 6.08
CA THR D 5 -2.93 15.67 6.41
C THR D 5 -3.35 16.47 5.18
N ILE D 6 -4.56 17.03 5.22
CA ILE D 6 -5.12 17.76 4.10
C ILE D 6 -4.90 19.25 4.34
N THR D 7 -4.26 19.92 3.39
CA THR D 7 -4.00 21.35 3.47
C THR D 7 -3.75 21.88 2.08
N GLY D 8 -4.39 23.00 1.75
CA GLY D 8 -4.18 23.65 0.47
C GLY D 8 -5.11 23.22 -0.64
N VAL D 9 -5.99 22.25 -0.40
CA VAL D 9 -6.93 21.78 -1.40
C VAL D 9 -8.34 21.82 -0.82
N THR D 10 -9.33 21.85 -1.71
CA THR D 10 -10.72 21.93 -1.33
C THR D 10 -11.39 20.56 -1.24
N LYS D 11 -10.67 19.48 -1.51
CA LYS D 11 -11.24 18.14 -1.47
C LYS D 11 -10.15 17.14 -1.20
N SER D 12 -10.30 16.37 -0.12
CA SER D 12 -9.34 15.33 0.21
C SER D 12 -9.49 14.12 -0.72
N PRO D 13 -8.40 13.44 -1.03
CA PRO D 13 -8.48 12.23 -1.86
C PRO D 13 -9.08 11.07 -1.09
N GLU D 14 -9.36 9.99 -1.81
CA GLU D 14 -9.87 8.78 -1.19
C GLU D 14 -8.77 8.15 -0.35
N LEU D 15 -9.09 7.80 0.90
CA LEU D 15 -8.13 7.24 1.84
C LEU D 15 -8.57 5.84 2.23
N GLN D 16 -7.65 4.88 2.14
CA GLN D 16 -7.94 3.49 2.45
C GLN D 16 -7.27 3.09 3.75
N VAL D 17 -8.03 2.43 4.62
CA VAL D 17 -7.53 1.85 5.86
C VAL D 17 -7.70 0.34 5.77
N THR D 18 -6.61 -0.39 5.94
CA THR D 18 -6.58 -1.83 5.76
C THR D 18 -6.72 -2.59 7.08
N LYS D 19 -6.04 -2.14 8.13
CA LYS D 19 -6.18 -2.78 9.43
C LYS D 19 -7.38 -2.21 10.17
N ALA D 20 -7.88 -2.99 11.14
CA ALA D 20 -9.09 -2.64 11.85
C ALA D 20 -8.87 -1.45 12.76
N ILE D 21 -9.78 -0.48 12.70
CA ILE D 21 -9.79 0.67 13.59
C ILE D 21 -11.19 0.79 14.18
N GLY D 22 -11.26 1.42 15.35
CA GLY D 22 -12.53 1.57 16.03
C GLY D 22 -12.93 3.00 16.27
N ALA D 23 -12.01 3.94 16.02
CA ALA D 23 -12.30 5.34 16.27
C ALA D 23 -11.41 6.21 15.39
N LEU D 24 -11.94 7.37 15.02
CA LEU D 24 -11.23 8.38 14.26
C LEU D 24 -10.99 9.61 15.14
N ILE D 25 -9.90 10.30 14.87
CA ILE D 25 -9.58 11.57 15.53
C ILE D 25 -9.51 12.63 14.44
N LEU D 26 -10.38 13.62 14.55
CA LEU D 26 -10.45 14.76 13.65
C LEU D 26 -9.76 15.93 14.33
N SER D 27 -8.73 16.49 13.71
CA SER D 27 -8.07 17.65 14.31
C SER D 27 -7.90 18.74 13.28
N SER D 28 -8.04 19.99 13.72
CA SER D 28 -7.90 21.12 12.81
C SER D 28 -7.64 22.38 13.61
N ASP D 29 -7.24 23.43 12.89
CA ASP D 29 -6.97 24.73 13.47
C ASP D 29 -8.18 25.66 13.43
N VAL D 30 -9.35 25.15 13.00
CA VAL D 30 -10.59 25.90 13.05
C VAL D 30 -11.42 25.35 14.21
N ALA D 31 -12.00 26.24 14.99
CA ALA D 31 -12.73 25.84 16.19
C ALA D 31 -14.04 25.15 15.81
N LEU D 32 -14.77 24.71 16.83
CA LEU D 32 -16.05 24.04 16.58
C LEU D 32 -17.08 25.00 16.00
N SER D 33 -16.96 26.29 16.30
CA SER D 33 -17.87 27.30 15.75
C SER D 33 -17.40 27.85 14.41
N ALA D 34 -16.26 27.40 13.91
CA ALA D 34 -15.74 27.86 12.62
C ALA D 34 -15.91 26.82 11.51
N LEU D 35 -16.63 25.73 11.79
CA LEU D 35 -16.91 24.71 10.78
C LEU D 35 -18.23 25.07 10.09
N THR D 36 -18.17 25.26 8.77
CA THR D 36 -19.33 25.75 8.01
C THR D 36 -19.87 24.73 7.02
N THR D 37 -19.04 24.23 6.11
CA THR D 37 -19.52 23.41 5.01
C THR D 37 -18.73 22.11 4.83
N GLU D 38 -17.81 21.79 5.73
CA GLU D 38 -17.00 20.60 5.58
C GLU D 38 -17.86 19.34 5.69
N LYS D 39 -17.61 18.38 4.81
CA LYS D 39 -18.38 17.14 4.76
C LYS D 39 -17.45 15.94 4.81
N ILE D 40 -17.93 14.87 5.44
CA ILE D 40 -17.17 13.64 5.61
C ILE D 40 -18.01 12.47 5.09
N SER D 41 -17.34 11.50 4.47
CA SER D 41 -18.00 10.30 3.96
C SER D 41 -17.13 9.09 4.29
N ILE D 42 -17.71 8.12 4.99
CA ILE D 42 -17.01 6.92 5.44
C ILE D 42 -17.83 5.71 5.01
N TYR D 43 -17.17 4.70 4.45
CA TYR D 43 -17.86 3.46 4.16
C TYR D 43 -16.87 2.31 4.16
N ILE D 44 -17.40 1.10 3.97
CA ILE D 44 -16.60 -0.13 3.96
C ILE D 44 -16.77 -0.77 2.58
N GLU D 45 -15.65 -0.96 1.90
CA GLU D 45 -15.62 -1.53 0.56
C GLU D 45 -15.36 -3.03 0.65
N ARG D 46 -16.22 -3.81 0.01
CA ARG D 46 -16.03 -5.25 -0.13
C ARG D 46 -15.52 -5.55 -1.53
N GLY D 47 -14.56 -6.46 -1.61
CA GLY D 47 -13.85 -6.68 -2.87
C GLY D 47 -14.74 -7.21 -3.98
N ASN D 48 -15.67 -8.10 -3.65
CA ASN D 48 -16.42 -8.80 -4.68
C ASN D 48 -17.92 -8.54 -4.58
N GLY D 49 -18.31 -7.28 -4.37
CA GLY D 49 -19.74 -6.97 -4.43
C GLY D 49 -20.27 -6.26 -3.20
N SER D 50 -20.99 -5.16 -3.44
CA SER D 50 -21.70 -4.39 -2.43
C SER D 50 -20.76 -3.68 -1.46
N ASN D 51 -21.25 -2.61 -0.84
CA ASN D 51 -20.50 -1.86 0.17
C ASN D 51 -21.43 -1.55 1.33
N VAL D 52 -20.83 -1.21 2.46
CA VAL D 52 -21.58 -0.84 3.66
C VAL D 52 -21.37 0.65 3.89
N ILE D 53 -22.44 1.44 3.75
CA ILE D 53 -22.34 2.89 3.84
C ILE D 53 -22.67 3.31 5.27
N LEU D 54 -21.66 3.78 5.99
CA LEU D 54 -21.85 4.25 7.36
C LEU D 54 -22.25 5.71 7.41
N ALA D 55 -21.50 6.57 6.73
CA ALA D 55 -21.82 7.98 6.62
C ALA D 55 -21.57 8.44 5.19
N ASN D 56 -22.51 9.22 4.64
CA ASN D 56 -22.43 9.67 3.25
C ASN D 56 -22.62 11.19 3.23
N LYS D 57 -21.52 11.93 3.03
CA LYS D 57 -21.54 13.38 2.89
C LYS D 57 -22.25 14.05 4.07
N VAL D 58 -21.93 13.59 5.26
CA VAL D 58 -22.51 14.14 6.49
C VAL D 58 -21.68 15.34 6.91
N LEU D 59 -22.35 16.39 7.39
CA LEU D 59 -21.64 17.59 7.83
C LEU D 59 -20.72 17.25 8.99
N LEU D 60 -19.52 17.85 8.98
CA LEU D 60 -18.54 17.58 10.01
C LEU D 60 -19.04 18.03 11.37
N LYS D 61 -19.75 19.15 11.42
CA LYS D 61 -20.28 19.65 12.69
C LYS D 61 -21.25 18.63 13.31
N ASP D 62 -22.18 18.12 12.52
CA ASP D 62 -23.12 17.13 13.03
C ASP D 62 -22.41 15.82 13.39
N PHE D 63 -21.42 15.42 12.59
CA PHE D 63 -20.68 14.20 12.90
C PHE D 63 -19.96 14.33 14.24
N ILE D 64 -19.36 15.48 14.50
CA ILE D 64 -18.64 15.68 15.76
C ILE D 64 -19.62 15.78 16.93
N LEU D 65 -20.75 16.47 16.73
CA LEU D 65 -21.71 16.64 17.81
C LEU D 65 -22.44 15.35 18.16
N ALA D 66 -22.59 14.44 17.19
CA ALA D 66 -23.30 13.20 17.44
C ALA D 66 -22.45 12.15 18.13
N SER D 67 -21.15 12.39 18.29
CA SER D 67 -20.25 11.43 18.90
C SER D 67 -19.74 11.84 20.27
N THR D 68 -19.64 13.14 20.55
CA THR D 68 -19.07 13.64 21.79
C THR D 68 -20.14 14.08 22.79
N TYR D 69 -21.27 13.39 22.81
CA TYR D 69 -22.37 13.71 23.73
C TYR D 69 -22.26 12.82 24.96
N GLY D 70 -22.18 13.43 26.13
CA GLY D 70 -22.03 12.67 27.36
C GLY D 70 -20.93 13.23 28.25
N THR D 71 -20.11 12.34 28.81
CA THR D 71 -19.02 12.79 29.67
C THR D 71 -17.96 13.55 28.88
N GLU D 72 -17.68 13.10 27.66
CA GLU D 72 -16.60 13.69 26.87
C GLU D 72 -17.03 15.01 26.24
N ASN D 73 -16.04 15.71 25.69
CA ASN D 73 -16.29 16.95 24.96
C ASN D 73 -15.11 17.17 24.02
N THR D 74 -15.32 18.03 23.03
CA THR D 74 -14.26 18.32 22.08
C THR D 74 -13.13 19.08 22.77
N GLN D 75 -11.90 18.69 22.46
CA GLN D 75 -10.72 19.18 23.15
C GLN D 75 -10.02 20.24 22.32
N SER D 76 -9.09 20.95 22.95
CA SER D 76 -8.26 21.93 22.28
C SER D 76 -6.81 21.71 22.70
N ASP D 77 -5.92 22.52 22.12
CA ASP D 77 -4.49 22.37 22.35
C ASP D 77 -3.80 23.68 22.01
N ALA D 78 -2.52 23.77 22.35
CA ALA D 78 -1.72 24.94 22.01
C ALA D 78 -1.46 25.05 20.52
N ASP D 79 -1.62 23.96 19.76
CA ASP D 79 -1.42 23.97 18.32
C ASP D 79 -2.69 23.64 17.56
N ASN D 80 -3.41 22.60 17.95
CA ASN D 80 -4.68 22.25 17.32
C ASN D 80 -5.82 22.99 18.03
N ALA D 81 -6.60 23.73 17.25
CA ALA D 81 -7.71 24.49 17.81
C ALA D 81 -8.97 23.64 17.99
N MET D 82 -9.01 22.43 17.46
CA MET D 82 -10.14 21.54 17.70
C MET D 82 -9.68 20.10 17.50
N ILE D 83 -9.97 19.25 18.49
CA ILE D 83 -9.72 17.83 18.45
C ILE D 83 -10.99 17.10 18.85
N ALA D 84 -11.40 16.12 18.05
CA ALA D 84 -12.64 15.40 18.33
C ALA D 84 -12.43 13.91 18.06
N LEU D 85 -12.81 13.07 19.02
CA LEU D 85 -12.69 11.63 18.91
C LEU D 85 -14.06 11.03 18.66
N CYS D 86 -14.24 10.39 17.51
CA CYS D 86 -15.52 9.85 17.09
C CYS D 86 -15.38 8.34 16.89
N GLU D 87 -16.13 7.57 17.66
CA GLU D 87 -16.06 6.12 17.56
C GLU D 87 -16.92 5.61 16.41
N LEU D 88 -16.36 4.69 15.63
CA LEU D 88 -17.05 4.09 14.51
C LEU D 88 -17.70 2.76 14.86
N ALA D 89 -17.55 2.29 16.09
CA ALA D 89 -18.12 1.02 16.50
C ALA D 89 -18.29 1.02 18.02
N ASP D 90 -19.08 0.08 18.51
CA ASP D 90 -19.31 -0.07 19.93
C ASP D 90 -18.24 -0.96 20.54
N GLU D 91 -17.65 -0.51 21.65
CA GLU D 91 -16.61 -1.24 22.36
C GLU D 91 -15.37 -1.45 21.48
N GLY D 92 -15.27 -2.61 20.84
CA GLY D 92 -14.10 -2.97 20.08
C GLY D 92 -14.01 -2.27 18.73
N SER D 93 -13.11 -2.78 17.90
CA SER D 93 -12.89 -2.26 16.57
C SER D 93 -13.75 -3.01 15.56
N ILE D 94 -13.74 -2.50 14.32
CA ILE D 94 -14.57 -3.06 13.25
C ILE D 94 -13.91 -4.35 12.76
N TYR D 95 -14.64 -5.46 12.84
CA TYR D 95 -14.16 -6.72 12.29
C TYR D 95 -14.23 -6.66 10.76
N LEU D 96 -13.17 -7.12 10.11
CA LEU D 96 -13.09 -7.13 8.65
C LEU D 96 -13.08 -8.58 8.17
N ALA D 97 -14.04 -8.92 7.33
CA ALA D 97 -14.11 -10.26 6.73
C ALA D 97 -13.14 -10.31 5.55
N ASP D 98 -13.24 -11.38 4.75
CA ASP D 98 -12.29 -11.58 3.67
C ASP D 98 -12.44 -10.50 2.61
N LYS D 99 -11.32 -9.86 2.27
CA LYS D 99 -11.19 -8.93 1.15
C LYS D 99 -12.19 -7.77 1.29
N GLU D 100 -11.94 -6.96 2.32
CA GLU D 100 -12.65 -5.70 2.48
C GLU D 100 -11.77 -4.73 3.26
N SER D 101 -12.08 -3.44 3.12
CA SER D 101 -11.28 -2.41 3.78
C SER D 101 -12.12 -1.14 3.92
N ILE D 102 -11.72 -0.28 4.88
CA ILE D 102 -12.46 0.94 5.17
C ILE D 102 -11.96 2.04 4.24
N LYS D 103 -12.86 2.93 3.80
CA LYS D 103 -12.47 4.04 2.95
C LYS D 103 -13.16 5.32 3.41
N ILE D 104 -12.38 6.39 3.48
CA ILE D 104 -12.80 7.68 4.02
C ILE D 104 -12.49 8.77 3.00
N THR D 105 -13.30 9.83 3.02
CA THR D 105 -13.05 10.98 2.16
C THR D 105 -13.71 12.22 2.76
N LEU D 106 -13.23 13.39 2.33
CA LEU D 106 -13.74 14.68 2.77
C LEU D 106 -14.08 15.53 1.56
N GLU D 107 -15.02 16.45 1.75
CA GLU D 107 -15.42 17.37 0.69
C GLU D 107 -15.68 18.76 1.28
N ASP D 108 -15.60 19.76 0.41
CA ASP D 108 -15.93 21.15 0.73
C ASP D 108 -15.06 21.69 1.86
N LEU D 109 -13.76 21.73 1.59
CA LEU D 109 -12.78 22.22 2.54
C LEU D 109 -12.37 23.65 2.22
N ILE D 110 -11.79 24.32 3.21
CA ILE D 110 -11.25 25.66 3.03
C ILE D 110 -9.79 25.53 2.62
N SER D 111 -9.41 26.21 1.54
CA SER D 111 -8.11 26.01 0.92
C SER D 111 -6.95 26.53 1.77
N ASP D 112 -7.22 27.29 2.83
CA ASP D 112 -6.16 27.88 3.65
C ASP D 112 -6.22 27.38 5.09
N LYS D 113 -6.72 26.17 5.31
CA LYS D 113 -6.85 25.60 6.64
C LYS D 113 -6.32 24.17 6.64
N ARG D 114 -5.86 23.73 7.81
CA ARG D 114 -5.24 22.42 7.99
C ARG D 114 -6.22 21.45 8.64
N TYR D 115 -6.31 20.24 8.08
CA TYR D 115 -7.12 19.16 8.63
C TYR D 115 -6.26 17.92 8.76
N ASP D 116 -6.47 17.16 9.84
CA ASP D 116 -5.70 15.96 10.11
C ASP D 116 -6.63 14.85 10.58
N LEU D 117 -6.34 13.63 10.09
CA LEU D 117 -7.03 12.42 10.50
C LEU D 117 -6.08 11.49 11.23
N HIS D 118 -6.59 10.86 12.30
CA HIS D 118 -5.85 9.81 12.99
C HIS D 118 -6.80 8.63 13.22
N GLY D 119 -6.23 7.43 13.32
CA GLY D 119 -6.99 6.23 13.59
C GLY D 119 -6.58 5.63 14.91
N ILE D 120 -7.54 4.96 15.57
CA ILE D 120 -7.31 4.33 16.85
C ILE D 120 -7.56 2.83 16.71
N GLU D 121 -6.60 2.02 17.15
CA GLU D 121 -6.71 0.57 17.13
C GLU D 121 -7.12 0.07 18.52
N GLU D 122 -7.81 -1.07 18.53
CA GLU D 122 -8.31 -1.65 19.77
C GLU D 122 -7.93 -3.12 19.86
N PRO D 123 -7.84 -3.67 21.06
CA PRO D 123 -7.55 -5.10 21.22
C PRO D 123 -8.75 -6.03 21.09
N GLN D 124 -9.90 -5.53 20.61
CA GLN D 124 -11.10 -6.34 20.47
C GLN D 124 -11.74 -6.07 19.11
N GLN D 125 -12.53 -7.03 18.65
CA GLN D 125 -13.26 -6.92 17.40
C GLN D 125 -14.76 -7.08 17.67
N THR D 126 -15.56 -6.37 16.87
CA THR D 126 -17.01 -6.38 17.06
C THR D 126 -17.71 -6.25 15.71
N ASN D 127 -18.99 -6.61 15.69
CA ASN D 127 -19.81 -6.51 14.49
C ASN D 127 -20.71 -5.28 14.47
N ASN D 128 -21.06 -4.75 15.64
CA ASN D 128 -21.94 -3.58 15.70
C ASN D 128 -21.26 -2.37 15.07
N LEU D 129 -22.06 -1.53 14.42
CA LEU D 129 -21.57 -0.34 13.75
C LEU D 129 -22.55 0.80 13.94
N PHE D 130 -22.03 2.02 13.84
CA PHE D 130 -22.82 3.23 13.96
C PHE D 130 -23.12 3.77 12.56
N PHE D 131 -24.41 3.98 12.29
CA PHE D 131 -24.87 4.50 11.02
C PHE D 131 -25.47 5.89 11.23
N PHE D 132 -25.26 6.77 10.25
CA PHE D 132 -25.76 8.14 10.30
C PHE D 132 -26.70 8.37 9.13
N GLU D 133 -27.88 8.91 9.42
CA GLU D 133 -28.87 9.23 8.40
C GLU D 133 -29.27 10.69 8.53
N GLN D 134 -29.87 11.23 7.47
CA GLN D 134 -30.28 12.62 7.42
C GLN D 134 -31.75 12.73 7.05
N LYS D 135 -32.46 13.64 7.71
CA LYS D 135 -33.87 13.89 7.47
C LYS D 135 -34.09 15.39 7.32
N SER D 136 -35.11 15.75 6.56
CA SER D 136 -35.35 17.16 6.25
C SER D 136 -36.82 17.50 6.36
N VAL D 137 -37.08 18.77 6.66
CA VAL D 137 -38.42 19.35 6.67
C VAL D 137 -38.38 20.59 5.80
N ALA D 138 -39.26 20.64 4.80
CA ALA D 138 -39.22 21.68 3.78
C ALA D 138 -39.53 23.04 4.37
N SER D 139 -39.31 24.07 3.55
CA SER D 139 -39.48 25.45 4.00
C SER D 139 -40.88 26.00 3.75
N GLU D 140 -41.62 25.43 2.81
CA GLU D 140 -42.92 25.97 2.44
C GLU D 140 -44.08 25.36 3.20
N GLU D 141 -43.81 24.46 4.15
CA GLU D 141 -44.87 23.82 4.92
C GLU D 141 -44.80 24.24 6.39
N PHE D 142 -45.91 24.01 7.08
CA PHE D 142 -46.08 24.48 8.46
C PHE D 142 -45.79 23.39 9.48
N ASN D 143 -46.47 22.24 9.37
CA ASN D 143 -46.29 21.15 10.31
C ASN D 143 -45.92 19.87 9.57
N LYS D 144 -45.18 19.01 10.27
CA LYS D 144 -44.79 17.74 9.67
C LYS D 144 -44.41 16.73 10.76
N LYS D 145 -44.78 15.48 10.54
CA LYS D 145 -44.46 14.40 11.47
C LYS D 145 -43.38 13.51 10.87
N ILE D 146 -42.35 13.22 11.68
CA ILE D 146 -41.29 12.31 11.30
C ILE D 146 -41.27 11.16 12.30
N ASP D 147 -40.80 10.01 11.82
CA ASP D 147 -40.82 8.76 12.59
C ASP D 147 -39.38 8.38 12.91
N VAL D 148 -38.99 8.56 14.17
CA VAL D 148 -37.64 8.22 14.61
C VAL D 148 -37.72 7.06 15.60
N GLN D 149 -37.63 5.84 15.09
CA GLN D 149 -37.68 4.63 15.90
C GLN D 149 -36.41 3.83 15.63
N GLY D 150 -35.64 3.56 16.68
CA GLY D 150 -34.37 2.89 16.57
C GLY D 150 -33.16 3.79 16.69
N PHE D 151 -33.35 5.10 16.54
CA PHE D 151 -32.26 6.06 16.73
C PHE D 151 -32.20 6.48 18.19
N ASP D 152 -30.98 6.57 18.71
CA ASP D 152 -30.77 6.95 20.10
C ASP D 152 -30.24 8.37 20.25
N LEU D 153 -30.06 9.10 19.15
CA LEU D 153 -29.51 10.45 19.21
C LEU D 153 -29.82 11.15 17.91
N ALA D 154 -30.24 12.42 18.02
CA ALA D 154 -30.53 13.24 16.86
C ALA D 154 -29.91 14.62 17.07
N ILE D 155 -29.64 15.31 15.96
CA ILE D 155 -29.17 16.68 15.98
C ILE D 155 -30.05 17.49 15.04
N MET D 156 -30.64 18.56 15.54
CA MET D 156 -31.51 19.40 14.75
C MET D 156 -30.86 20.77 14.55
N THR D 157 -31.15 21.38 13.41
CA THR D 157 -30.76 22.77 13.19
C THR D 157 -31.68 23.68 13.98
N VAL D 158 -31.14 24.77 14.51
CA VAL D 158 -31.91 25.70 15.33
C VAL D 158 -32.23 26.94 14.49
N ASP D 159 -33.52 27.22 14.34
CA ASP D 159 -33.97 28.37 13.57
C ASP D 159 -35.09 29.07 14.33
N ASP D 160 -35.28 30.35 14.01
CA ASP D 160 -36.27 31.16 14.70
C ASP D 160 -37.70 30.79 14.33
N SER D 161 -37.90 30.05 13.24
CA SER D 161 -39.25 29.71 12.79
C SER D 161 -39.86 28.54 13.54
N VAL D 162 -39.08 27.76 14.29
CA VAL D 162 -39.62 26.61 14.99
C VAL D 162 -40.44 27.09 16.17
N SER D 163 -41.69 26.63 16.25
CA SER D 163 -42.61 27.03 17.31
C SER D 163 -42.80 25.94 18.36
N ASP D 164 -43.18 24.74 17.94
CA ASP D 164 -43.46 23.65 18.86
C ASP D 164 -42.83 22.36 18.35
N LEU D 165 -42.37 21.53 19.28
CA LEU D 165 -41.86 20.20 18.98
C LEU D 165 -42.61 19.20 19.84
N SER D 166 -43.45 18.38 19.23
CA SER D 166 -44.26 17.40 19.95
C SER D 166 -43.59 16.05 19.89
N TYR D 167 -43.48 15.38 21.03
CA TYR D 167 -42.92 14.03 21.10
C TYR D 167 -44.04 13.01 21.20
N GLN D 168 -43.71 11.78 20.81
CA GLN D 168 -44.64 10.66 20.96
C GLN D 168 -43.82 9.46 21.42
N TYR D 169 -44.08 9.02 22.65
CA TYR D 169 -43.31 7.98 23.30
C TYR D 169 -43.90 6.60 23.02
N SER D 170 -43.28 5.58 23.61
CA SER D 170 -43.69 4.20 23.34
C SER D 170 -44.99 3.83 24.04
N ASN D 171 -45.42 4.61 25.03
CA ASN D 171 -46.67 4.37 25.73
C ASN D 171 -47.81 5.25 25.21
N GLY D 172 -47.59 5.99 24.13
CA GLY D 172 -48.63 6.76 23.50
C GLY D 172 -48.78 8.19 24.00
N GLN D 173 -48.10 8.56 25.08
CA GLN D 173 -48.22 9.91 25.61
C GLN D 173 -47.52 10.91 24.71
N VAL D 174 -48.09 12.12 24.62
CA VAL D 174 -47.59 13.18 23.76
C VAL D 174 -47.30 14.40 24.63
N VAL D 175 -46.08 14.92 24.52
CA VAL D 175 -45.64 16.09 25.27
C VAL D 175 -45.12 17.12 24.29
N LYS D 176 -45.56 18.36 24.43
CA LYS D 176 -45.19 19.44 23.53
C LYS D 176 -44.14 20.32 24.20
N TYR D 177 -42.96 20.41 23.59
CA TYR D 177 -41.87 21.22 24.08
C TYR D 177 -41.68 22.46 23.22
N LEU D 178 -41.08 23.47 23.81
CA LEU D 178 -40.66 24.71 23.17
C LEU D 178 -39.16 24.65 22.91
N PRO D 179 -38.65 25.48 21.99
CA PRO D 179 -37.19 25.49 21.76
C PRO D 179 -36.39 25.79 23.01
N PHE D 180 -36.86 26.73 23.84
CA PHE D 180 -36.16 27.06 25.08
C PHE D 180 -36.16 25.87 26.04
N GLU D 181 -37.30 25.19 26.16
CA GLU D 181 -37.39 24.04 27.04
C GLU D 181 -36.48 22.91 26.57
N LEU D 182 -36.43 22.68 25.25
CA LEU D 182 -35.53 21.66 24.72
C LEU D 182 -34.07 22.01 24.98
N GLN D 183 -33.71 23.28 24.76
CA GLN D 183 -32.33 23.71 25.00
C GLN D 183 -31.96 23.54 26.46
N THR D 184 -32.87 23.87 27.38
CA THR D 184 -32.59 23.71 28.80
C THR D 184 -32.49 22.25 29.20
N LEU D 185 -33.35 21.39 28.63
CA LEU D 185 -33.37 20.00 29.03
C LEU D 185 -32.20 19.23 28.45
N SER D 186 -31.71 19.62 27.27
CA SER D 186 -30.59 18.90 26.68
C SER D 186 -29.27 19.20 27.38
N ARG D 187 -29.21 20.26 28.19
CA ARG D 187 -27.99 20.62 28.90
C ARG D 187 -27.92 20.01 30.30
N ASP D 188 -28.91 19.21 30.68
CA ASP D 188 -28.86 18.49 31.95
C ASP D 188 -28.02 17.23 31.89
N ILE D 189 -27.70 16.73 30.69
CA ILE D 189 -26.89 15.55 30.52
C ILE D 189 -25.44 15.91 30.21
N ASP D 190 -25.22 16.73 29.19
CA ASP D 190 -23.88 17.24 28.86
C ASP D 190 -23.91 18.75 29.00
N PRO D 191 -23.54 19.29 30.16
CA PRO D 191 -23.60 20.75 30.35
C PRO D 191 -22.55 21.51 29.56
N ILE D 192 -21.44 20.87 29.19
CA ILE D 192 -20.35 21.52 28.45
C ILE D 192 -20.22 20.79 27.12
N GLN D 193 -20.31 21.55 26.03
CA GLN D 193 -20.16 20.96 24.70
C GLN D 193 -18.73 21.04 24.19
N ALA D 194 -17.98 22.09 24.54
CA ALA D 194 -16.62 22.20 24.08
C ALA D 194 -15.80 23.02 25.06
N VAL D 195 -14.49 22.82 25.02
CA VAL D 195 -13.53 23.57 25.83
C VAL D 195 -12.62 24.34 24.88
N LEU D 196 -12.53 25.64 25.10
CA LEU D 196 -11.78 26.51 24.20
C LEU D 196 -10.28 26.42 24.50
N SER D 197 -9.49 27.10 23.67
CA SER D 197 -8.03 27.02 23.77
C SER D 197 -7.48 27.83 24.93
N ASP D 198 -8.09 28.97 25.25
CA ASP D 198 -7.59 29.87 26.27
C ASP D 198 -8.05 29.50 27.67
N GLY D 199 -8.86 28.45 27.82
CA GLY D 199 -9.33 28.01 29.12
C GLY D 199 -10.81 28.24 29.38
N LYS D 200 -11.55 28.76 28.41
CA LYS D 200 -12.98 28.95 28.56
C LYS D 200 -13.74 27.74 28.03
N VAL D 201 -15.04 27.70 28.33
CA VAL D 201 -15.91 26.59 27.91
C VAL D 201 -17.09 27.18 27.16
N VAL D 202 -17.69 26.36 26.30
CA VAL D 202 -18.94 26.69 25.63
C VAL D 202 -19.91 25.53 25.83
N GLN D 203 -21.13 25.85 26.26
CA GLN D 203 -22.13 24.85 26.59
C GLN D 203 -22.88 24.33 25.37
N GLY D 204 -22.74 24.98 24.22
CA GLY D 204 -23.41 24.52 23.02
C GLY D 204 -23.27 25.49 21.86
N LEU D 205 -23.49 24.99 20.65
CA LEU D 205 -23.44 25.84 19.47
C LEU D 205 -24.76 26.56 19.28
N THR D 206 -24.70 27.70 18.60
CA THR D 206 -25.88 28.54 18.46
C THR D 206 -26.91 27.93 17.50
N ASP D 207 -26.44 27.28 16.43
CA ASP D 207 -27.31 26.81 15.38
C ASP D 207 -27.62 25.33 15.44
N ARG D 208 -27.09 24.60 16.42
CA ARG D 208 -27.27 23.16 16.50
C ARG D 208 -27.76 22.76 17.88
N LEU D 209 -28.70 21.82 17.92
CA LEU D 209 -29.23 21.29 19.16
C LEU D 209 -29.19 19.77 19.13
N THR D 210 -28.83 19.18 20.27
CA THR D 210 -28.69 17.73 20.39
C THR D 210 -29.84 17.17 21.22
N LEU D 211 -30.51 16.15 20.70
CA LEU D 211 -31.68 15.56 21.34
C LEU D 211 -31.44 14.08 21.58
N PRO D 212 -31.41 13.63 22.84
CA PRO D 212 -31.32 12.19 23.11
C PRO D 212 -32.70 11.55 23.11
N LEU D 213 -32.88 10.55 22.26
CA LEU D 213 -34.18 9.92 22.05
C LEU D 213 -34.22 8.62 22.83
N VAL D 214 -34.90 8.63 23.97
CA VAL D 214 -35.11 7.44 24.78
C VAL D 214 -36.62 7.17 24.85
N ALA D 215 -37.02 5.97 24.44
CA ALA D 215 -38.43 5.57 24.44
C ALA D 215 -39.30 6.54 23.64
N VAL D 216 -38.75 7.04 22.53
CA VAL D 216 -39.43 8.00 21.67
C VAL D 216 -39.64 7.37 20.31
N VAL D 217 -40.89 7.39 19.83
CA VAL D 217 -41.24 6.76 18.56
C VAL D 217 -41.69 7.75 17.50
N GLY D 218 -42.02 8.98 17.85
CA GLY D 218 -42.44 9.95 16.84
C GLY D 218 -42.13 11.37 17.25
N ILE D 219 -41.96 12.24 16.25
CA ILE D 219 -41.73 13.66 16.45
C ILE D 219 -42.63 14.43 15.50
N GLU D 220 -43.16 15.56 15.96
CA GLU D 220 -43.96 16.47 15.15
C GLU D 220 -43.37 17.87 15.27
N ILE D 221 -43.28 18.57 14.14
CA ILE D 221 -42.73 19.91 14.09
C ILE D 221 -43.86 20.86 13.70
N ASN D 222 -44.08 21.89 14.52
CA ASN D 222 -44.97 22.99 14.21
C ASN D 222 -44.12 24.24 14.05
N LYS D 223 -44.06 24.78 12.84
CA LYS D 223 -43.18 25.90 12.53
C LYS D 223 -43.83 26.75 11.45
N SER D 224 -43.31 27.96 11.31
CA SER D 224 -43.74 28.85 10.24
C SER D 224 -42.81 28.71 9.03
N GLN D 225 -43.28 29.19 7.89
CA GLN D 225 -42.53 29.07 6.66
C GLN D 225 -41.29 29.95 6.70
N GLY D 226 -40.27 29.56 5.92
CA GLY D 226 -39.08 30.37 5.77
C GLY D 226 -37.75 29.64 5.75
N SER D 227 -37.65 28.52 6.46
CA SER D 227 -36.37 27.82 6.58
C SER D 227 -36.57 26.32 6.58
N ILE D 228 -35.63 25.62 5.95
CA ILE D 228 -35.62 24.15 5.95
C ILE D 228 -34.96 23.67 7.23
N ILE D 229 -35.60 22.70 7.89
CA ILE D 229 -35.11 22.19 9.18
C ILE D 229 -34.49 20.82 8.95
N ASN D 230 -33.23 20.67 9.35
CA ASN D 230 -32.46 19.47 9.09
C ASN D 230 -32.17 18.69 10.37
N PHE D 231 -32.28 17.37 10.28
CA PHE D 231 -32.00 16.44 11.37
C PHE D 231 -30.94 15.46 10.92
N VAL D 232 -30.01 15.15 11.81
CA VAL D 232 -29.00 14.12 11.60
C VAL D 232 -29.14 13.11 12.72
N VAL D 233 -29.51 11.88 12.37
CA VAL D 233 -29.82 10.86 13.36
C VAL D 233 -28.75 9.78 13.32
N ARG D 234 -28.46 9.22 14.50
CA ARG D 234 -27.47 8.15 14.63
C ARG D 234 -28.13 6.91 15.18
N CYS D 235 -27.78 5.75 14.61
CA CYS D 235 -28.31 4.47 15.07
C CYS D 235 -27.17 3.46 15.17
N LEU D 236 -27.40 2.42 15.95
CA LEU D 236 -26.44 1.35 16.16
C LEU D 236 -27.05 0.03 15.72
N LYS D 237 -26.35 -0.70 14.84
CA LYS D 237 -26.89 -1.97 14.38
C LYS D 237 -25.76 -2.85 13.87
N THR D 238 -26.04 -4.15 13.81
CA THR D 238 -25.05 -5.13 13.41
C THR D 238 -25.05 -5.31 11.89
N VAL D 239 -23.90 -5.71 11.36
CA VAL D 239 -23.75 -5.92 9.93
C VAL D 239 -23.24 -7.32 9.64
N MET E 1 45.78 -15.57 23.35
CA MET E 1 46.66 -14.91 24.32
C MET E 1 47.97 -14.50 23.67
N LYS E 2 48.64 -13.51 24.25
CA LYS E 2 49.87 -12.97 23.71
C LYS E 2 51.05 -13.84 24.13
N ILE E 3 51.66 -14.52 23.17
CA ILE E 3 52.78 -15.41 23.46
C ILE E 3 54.05 -14.58 23.60
N ALA E 4 54.39 -13.82 22.55
CA ALA E 4 55.60 -13.01 22.61
C ALA E 4 55.58 -11.94 21.53
N THR E 5 56.39 -10.91 21.77
CA THR E 5 56.73 -9.87 20.81
C THR E 5 58.25 -9.77 20.73
N ILE E 6 58.79 -9.88 19.53
CA ILE E 6 60.23 -9.87 19.31
C ILE E 6 60.57 -8.67 18.43
N THR E 7 61.52 -7.87 18.89
CA THR E 7 62.04 -6.74 18.12
C THR E 7 63.39 -6.34 18.70
N GLY E 8 64.30 -5.95 17.81
CA GLY E 8 65.62 -5.49 18.19
C GLY E 8 66.71 -6.54 18.20
N VAL E 9 66.34 -7.82 18.28
CA VAL E 9 67.30 -8.91 18.32
C VAL E 9 67.06 -9.82 17.12
N THR E 10 68.08 -10.63 16.79
CA THR E 10 68.04 -11.48 15.61
C THR E 10 67.55 -12.89 15.89
N LYS E 11 67.30 -13.24 17.15
CA LYS E 11 66.76 -14.56 17.49
C LYS E 11 65.82 -14.42 18.67
N SER E 12 64.91 -15.35 18.79
CA SER E 12 63.98 -15.28 19.91
C SER E 12 64.22 -16.44 20.88
N PRO E 13 64.12 -16.18 22.18
CA PRO E 13 64.32 -17.25 23.15
C PRO E 13 63.25 -18.32 23.03
N GLU E 14 63.60 -19.53 23.47
CA GLU E 14 62.67 -20.65 23.43
C GLU E 14 61.43 -20.30 24.25
N LEU E 15 60.29 -20.24 23.58
CA LEU E 15 59.04 -19.84 24.20
C LEU E 15 58.26 -21.09 24.58
N GLN E 16 57.73 -21.13 25.81
CA GLN E 16 56.98 -22.28 26.28
C GLN E 16 55.52 -21.92 26.44
N VAL E 17 54.65 -22.84 26.08
CA VAL E 17 53.21 -22.70 26.23
C VAL E 17 52.69 -23.93 26.95
N THR E 18 51.99 -23.73 28.06
CA THR E 18 51.42 -24.82 28.83
C THR E 18 49.92 -24.97 28.66
N LYS E 19 49.27 -24.03 27.99
CA LYS E 19 47.86 -24.16 27.65
C LYS E 19 47.70 -24.85 26.30
N ALA E 20 46.60 -25.59 26.16
CA ALA E 20 46.35 -26.34 24.94
C ALA E 20 45.80 -25.41 23.87
N ILE E 21 46.64 -25.00 22.93
CA ILE E 21 46.24 -24.11 21.87
C ILE E 21 45.96 -24.93 20.61
N GLY E 22 45.25 -24.33 19.67
CA GLY E 22 44.94 -25.00 18.43
C GLY E 22 45.49 -24.31 17.20
N ALA E 23 45.73 -23.00 17.30
CA ALA E 23 46.23 -22.26 16.15
C ALA E 23 47.21 -21.19 16.62
N LEU E 24 48.02 -20.73 15.68
CA LEU E 24 48.95 -19.63 15.92
C LEU E 24 48.57 -18.46 15.03
N ILE E 25 48.80 -17.25 15.54
CA ILE E 25 48.62 -16.02 14.77
C ILE E 25 49.97 -15.36 14.66
N LEU E 26 50.49 -15.27 13.44
CA LEU E 26 51.75 -14.59 13.16
C LEU E 26 51.45 -13.23 12.58
N SER E 27 51.90 -12.18 13.26
CA SER E 27 51.72 -10.83 12.76
C SER E 27 53.06 -10.13 12.69
N SER E 28 53.24 -9.27 11.69
CA SER E 28 54.51 -8.59 11.52
C SER E 28 54.29 -7.32 10.71
N ASP E 29 55.28 -6.43 10.79
CA ASP E 29 55.27 -5.19 10.03
C ASP E 29 55.96 -5.32 8.68
N VAL E 30 56.40 -6.51 8.31
CA VAL E 30 56.92 -6.76 6.98
C VAL E 30 55.84 -7.45 6.16
N ALA E 31 55.84 -7.18 4.86
CA ALA E 31 54.84 -7.78 3.99
C ALA E 31 55.14 -9.26 3.77
N LEU E 32 54.15 -9.97 3.24
CA LEU E 32 54.36 -11.38 2.93
C LEU E 32 55.43 -11.57 1.87
N SER E 33 55.44 -10.70 0.85
CA SER E 33 56.43 -10.80 -0.21
C SER E 33 57.82 -10.35 0.23
N ALA E 34 57.94 -9.69 1.39
CA ALA E 34 59.21 -9.19 1.87
C ALA E 34 59.91 -10.14 2.83
N LEU E 35 59.25 -11.20 3.29
CA LEU E 35 59.90 -12.19 4.13
C LEU E 35 61.02 -12.88 3.36
N THR E 36 62.21 -12.96 3.95
CA THR E 36 63.35 -13.53 3.27
C THR E 36 63.88 -14.79 3.93
N THR E 37 64.28 -14.73 5.21
CA THR E 37 65.03 -15.83 5.80
C THR E 37 64.52 -16.24 7.19
N GLU E 38 63.39 -15.72 7.64
CA GLU E 38 62.90 -16.07 8.96
C GLU E 38 62.51 -17.54 9.02
N LYS E 39 62.82 -18.20 10.13
CA LYS E 39 62.51 -19.62 10.29
C LYS E 39 61.78 -19.83 11.62
N ILE E 40 60.90 -20.83 11.63
CA ILE E 40 60.11 -21.16 12.81
C ILE E 40 60.35 -22.63 13.14
N SER E 41 60.16 -22.97 14.42
CA SER E 41 60.29 -24.35 14.86
C SER E 41 59.40 -24.60 16.07
N ILE E 42 58.54 -25.61 15.99
CA ILE E 42 57.58 -25.94 17.04
C ILE E 42 57.77 -27.40 17.40
N TYR E 43 57.80 -27.71 18.70
CA TYR E 43 57.80 -29.11 19.12
C TYR E 43 57.17 -29.25 20.50
N ILE E 44 56.44 -30.34 20.68
CA ILE E 44 55.72 -30.64 21.92
C ILE E 44 56.49 -31.71 22.66
N GLU E 45 56.75 -31.48 23.95
CA GLU E 45 57.42 -32.48 24.77
C GLU E 45 56.36 -33.27 25.54
N ARG E 46 56.28 -34.57 25.26
CA ARG E 46 55.32 -35.41 25.96
C ARG E 46 55.93 -35.93 27.26
N GLY E 47 55.11 -35.95 28.32
CA GLY E 47 55.55 -36.58 29.55
C GLY E 47 55.79 -38.07 29.38
N ASN E 48 55.01 -38.71 28.51
CA ASN E 48 55.23 -40.09 28.11
C ASN E 48 56.32 -40.10 27.05
N GLY E 49 56.84 -41.30 26.74
CA GLY E 49 57.94 -41.43 25.80
C GLY E 49 57.72 -40.82 24.43
N SER E 50 58.77 -40.21 23.89
CA SER E 50 58.85 -39.73 22.52
C SER E 50 58.19 -38.37 22.35
N ASN E 51 58.99 -37.35 22.03
CA ASN E 51 58.46 -36.03 21.76
C ASN E 51 57.88 -35.97 20.35
N VAL E 52 57.22 -34.86 20.05
CA VAL E 52 56.62 -34.64 18.73
C VAL E 52 57.23 -33.38 18.14
N ILE E 53 57.74 -33.49 16.91
CA ILE E 53 58.30 -32.35 16.20
C ILE E 53 57.39 -32.04 15.02
N LEU E 54 56.74 -30.88 15.06
CA LEU E 54 55.82 -30.48 14.01
C LEU E 54 56.45 -29.60 12.94
N ALA E 55 57.56 -28.94 13.26
CA ALA E 55 58.28 -28.11 12.30
C ALA E 55 59.72 -28.03 12.73
N ASN E 56 60.64 -28.27 11.80
CA ASN E 56 62.07 -28.29 12.08
C ASN E 56 62.74 -27.20 11.26
N LYS E 57 62.76 -25.99 11.80
CA LYS E 57 63.38 -24.83 11.16
C LYS E 57 62.84 -24.64 9.73
N VAL E 58 61.53 -24.42 9.66
CA VAL E 58 60.83 -24.24 8.39
C VAL E 58 60.80 -22.76 8.05
N LEU E 59 60.95 -22.44 6.76
CA LEU E 59 60.88 -21.05 6.31
C LEU E 59 59.51 -20.48 6.57
N LEU E 60 59.47 -19.18 6.90
CA LEU E 60 58.23 -18.55 7.32
C LEU E 60 57.28 -18.37 6.16
N LYS E 61 57.81 -18.04 4.97
CA LYS E 61 56.95 -17.94 3.79
C LYS E 61 56.26 -19.26 3.50
N ASP E 62 57.02 -20.36 3.53
CA ASP E 62 56.43 -21.68 3.28
C ASP E 62 55.44 -22.05 4.36
N PHE E 63 55.76 -21.76 5.62
CA PHE E 63 54.83 -22.04 6.70
C PHE E 63 53.53 -21.29 6.54
N ILE E 64 53.60 -20.00 6.17
CA ILE E 64 52.40 -19.19 6.03
C ILE E 64 51.60 -19.63 4.81
N LEU E 65 52.27 -19.96 3.70
CA LEU E 65 51.55 -20.39 2.51
C LEU E 65 50.94 -21.78 2.66
N ALA E 66 51.52 -22.63 3.50
CA ALA E 66 50.99 -23.98 3.69
C ALA E 66 49.71 -24.01 4.52
N SER E 67 49.45 -22.98 5.32
CA SER E 67 48.30 -22.98 6.21
C SER E 67 47.16 -22.07 5.75
N THR E 68 47.41 -21.17 4.81
CA THR E 68 46.41 -20.20 4.38
C THR E 68 45.99 -20.44 2.94
N TYR E 69 45.84 -21.71 2.57
CA TYR E 69 45.43 -22.09 1.23
C TYR E 69 43.96 -22.48 1.23
N GLY E 70 43.16 -21.76 0.46
CA GLY E 70 41.73 -22.04 0.38
C GLY E 70 40.87 -20.80 0.51
N THR E 71 39.79 -20.91 1.28
CA THR E 71 38.85 -19.80 1.41
C THR E 71 39.51 -18.58 2.05
N GLU E 72 40.39 -18.82 3.04
CA GLU E 72 41.04 -17.73 3.75
C GLU E 72 42.22 -17.19 2.95
N ASN E 73 42.81 -16.12 3.47
CA ASN E 73 44.04 -15.56 2.92
C ASN E 73 44.71 -14.74 4.00
N THR E 74 45.98 -14.43 3.80
CA THR E 74 46.71 -13.62 4.76
C THR E 74 46.30 -12.16 4.62
N GLN E 75 45.88 -11.56 5.73
CA GLN E 75 45.30 -10.23 5.69
C GLN E 75 46.26 -9.20 6.30
N SER E 76 45.76 -7.98 6.43
CA SER E 76 46.56 -6.87 6.90
C SER E 76 45.71 -5.98 7.80
N ASP E 77 46.30 -4.88 8.24
CA ASP E 77 45.62 -3.93 9.12
C ASP E 77 46.33 -2.60 9.02
N ALA E 78 45.84 -1.63 9.80
CA ALA E 78 46.45 -0.31 9.80
C ALA E 78 47.83 -0.33 10.46
N ASP E 79 48.04 -1.21 11.42
CA ASP E 79 49.30 -1.28 12.14
C ASP E 79 50.21 -2.38 11.59
N ASN E 80 49.72 -3.61 11.53
CA ASN E 80 50.50 -4.76 11.09
C ASN E 80 50.39 -4.93 9.59
N ALA E 81 51.53 -5.12 8.93
CA ALA E 81 51.56 -5.29 7.48
C ALA E 81 51.32 -6.73 7.04
N MET E 82 51.28 -7.67 7.97
CA MET E 82 50.98 -9.06 7.62
C MET E 82 50.39 -9.74 8.83
N ILE E 83 49.23 -10.38 8.66
CA ILE E 83 48.60 -11.20 9.69
C ILE E 83 48.18 -12.51 9.05
N ALA E 84 48.61 -13.62 9.64
CA ALA E 84 48.29 -14.95 9.13
C ALA E 84 47.91 -15.86 10.29
N LEU E 85 46.90 -16.71 10.04
CA LEU E 85 46.42 -17.67 11.03
C LEU E 85 46.78 -19.06 10.55
N CYS E 86 47.64 -19.75 11.30
CA CYS E 86 48.19 -21.04 10.91
C CYS E 86 47.74 -22.11 11.89
N GLU E 87 47.06 -23.13 11.38
CA GLU E 87 46.49 -24.18 12.22
C GLU E 87 47.51 -25.27 12.48
N LEU E 88 47.55 -25.74 13.72
CA LEU E 88 48.45 -26.83 14.14
C LEU E 88 47.73 -28.14 14.36
N ALA E 89 46.41 -28.14 14.45
CA ALA E 89 45.62 -29.33 14.64
C ALA E 89 44.46 -29.32 13.65
N ASP E 90 43.77 -30.45 13.52
CA ASP E 90 42.77 -30.59 12.48
C ASP E 90 41.53 -29.73 12.77
N GLU E 91 40.85 -30.02 13.87
CA GLU E 91 39.64 -29.28 14.21
C GLU E 91 39.53 -29.00 15.70
N GLY E 92 40.45 -29.49 16.51
CA GLY E 92 40.43 -29.22 17.94
C GLY E 92 41.73 -28.61 18.42
N SER E 93 42.09 -28.89 19.68
CA SER E 93 43.27 -28.32 20.29
C SER E 93 44.21 -29.45 20.71
N ILE E 94 45.52 -29.16 20.65
CA ILE E 94 46.52 -30.17 20.98
C ILE E 94 46.37 -30.56 22.45
N TYR E 95 46.09 -31.84 22.68
CA TYR E 95 45.83 -32.35 24.02
C TYR E 95 47.15 -32.59 24.75
N LEU E 96 47.30 -31.97 25.90
CA LEU E 96 48.49 -32.13 26.73
C LEU E 96 48.13 -32.74 28.08
N ALA E 97 49.05 -33.54 28.61
CA ALA E 97 48.88 -34.16 29.92
C ALA E 97 49.21 -33.16 31.02
N ASP E 98 49.43 -33.68 32.24
CA ASP E 98 49.55 -32.83 33.42
C ASP E 98 50.58 -31.72 33.21
N LYS E 99 51.79 -32.06 32.76
CA LYS E 99 52.87 -31.08 32.69
C LYS E 99 53.54 -31.04 31.31
N GLU E 100 52.89 -31.54 30.27
CA GLU E 100 53.43 -31.40 28.92
C GLU E 100 53.33 -29.95 28.46
N SER E 101 54.17 -29.59 27.49
CA SER E 101 54.21 -28.21 27.00
C SER E 101 54.63 -28.20 25.54
N ILE E 102 54.41 -27.05 24.91
CA ILE E 102 54.76 -26.80 23.51
C ILE E 102 55.81 -25.70 23.48
N LYS E 103 56.93 -25.96 22.80
CA LYS E 103 58.02 -24.99 22.73
C LYS E 103 58.17 -24.50 21.29
N ILE E 104 58.16 -23.18 21.14
CA ILE E 104 58.19 -22.49 19.86
C ILE E 104 59.42 -21.60 19.83
N THR E 105 60.07 -21.51 18.67
CA THR E 105 61.24 -20.65 18.53
C THR E 105 61.31 -20.08 17.12
N LEU E 106 61.88 -18.88 17.02
CA LEU E 106 62.08 -18.18 15.76
C LEU E 106 63.56 -17.89 15.57
N GLU E 107 64.04 -18.02 14.34
CA GLU E 107 65.45 -17.87 14.05
C GLU E 107 65.64 -17.04 12.79
N ASP E 108 66.82 -16.42 12.68
CA ASP E 108 67.23 -15.65 11.51
C ASP E 108 66.26 -14.49 11.22
N LEU E 109 66.08 -13.65 12.23
CA LEU E 109 65.20 -12.50 12.12
C LEU E 109 65.99 -11.28 11.62
N ILE E 110 65.33 -10.13 11.60
CA ILE E 110 65.95 -8.86 11.25
C ILE E 110 65.82 -7.92 12.45
N SER E 111 66.89 -7.20 12.75
CA SER E 111 66.94 -6.43 13.98
C SER E 111 65.91 -5.29 14.01
N ASP E 112 65.71 -4.62 12.87
CA ASP E 112 64.87 -3.43 12.83
C ASP E 112 63.43 -3.75 12.44
N LYS E 113 62.97 -4.97 12.69
CA LYS E 113 61.60 -5.36 12.40
C LYS E 113 60.93 -5.83 13.67
N ARG E 114 59.64 -6.15 13.56
CA ARG E 114 58.83 -6.58 14.69
C ARG E 114 58.05 -7.83 14.33
N TYR E 115 57.92 -8.75 15.28
CA TYR E 115 57.17 -9.99 15.08
C TYR E 115 56.35 -10.28 16.33
N ASP E 116 55.09 -10.68 16.14
CA ASP E 116 54.20 -10.98 17.26
C ASP E 116 53.57 -12.36 17.05
N LEU E 117 53.51 -13.13 18.14
CA LEU E 117 52.87 -14.42 18.15
C LEU E 117 51.64 -14.39 19.05
N HIS E 118 50.58 -15.06 18.61
CA HIS E 118 49.39 -15.25 19.43
C HIS E 118 48.95 -16.70 19.37
N GLY E 119 48.30 -17.16 20.42
CA GLY E 119 47.79 -18.53 20.51
C GLY E 119 46.28 -18.55 20.56
N ILE E 120 45.68 -19.50 19.85
CA ILE E 120 44.23 -19.67 19.79
C ILE E 120 43.90 -21.07 20.31
N GLU E 121 43.07 -21.11 21.36
CA GLU E 121 42.56 -22.38 21.88
C GLU E 121 41.06 -22.45 21.61
N GLU E 122 40.55 -23.67 21.52
CA GLU E 122 39.16 -23.92 21.17
C GLU E 122 38.62 -25.10 21.96
N PRO E 123 37.29 -25.18 22.15
CA PRO E 123 36.75 -26.13 23.14
C PRO E 123 37.06 -27.59 22.86
N GLN E 124 37.13 -27.99 21.60
CA GLN E 124 37.39 -29.39 21.30
C GLN E 124 38.87 -29.71 21.46
N GLN E 125 39.17 -30.93 21.88
CA GLN E 125 40.52 -31.43 21.97
C GLN E 125 40.71 -32.56 20.96
N THR E 126 41.83 -32.54 20.26
CA THR E 126 42.06 -33.51 19.19
C THR E 126 43.47 -34.06 19.31
N ASN E 127 43.68 -35.21 18.65
CA ASN E 127 44.97 -35.87 18.62
C ASN E 127 45.61 -35.82 17.24
N ASN E 128 44.84 -35.50 16.20
CA ASN E 128 45.39 -35.38 14.85
C ASN E 128 46.18 -34.08 14.73
N LEU E 129 47.41 -34.17 14.23
CA LEU E 129 48.28 -33.01 14.13
C LEU E 129 48.84 -32.87 12.72
N PHE E 130 49.26 -31.64 12.42
CA PHE E 130 49.83 -31.27 11.13
C PHE E 130 51.35 -31.24 11.23
N PHE E 131 52.01 -31.96 10.33
CA PHE E 131 53.46 -32.07 10.30
C PHE E 131 53.99 -31.44 9.02
N PHE E 132 55.06 -30.65 9.15
CA PHE E 132 55.71 -30.01 8.02
C PHE E 132 57.05 -30.67 7.76
N GLU E 133 57.30 -31.03 6.51
CA GLU E 133 58.52 -31.73 6.13
C GLU E 133 59.18 -31.01 4.97
N GLN E 134 60.50 -31.15 4.89
CA GLN E 134 61.30 -30.51 3.86
C GLN E 134 61.92 -31.58 2.97
N LYS E 135 61.81 -31.39 1.66
CA LYS E 135 62.40 -32.29 0.68
C LYS E 135 63.15 -31.46 -0.36
N SER E 136 64.13 -32.07 -1.00
CA SER E 136 64.98 -31.30 -1.88
C SER E 136 65.43 -32.14 -3.07
N VAL E 137 65.78 -31.44 -4.15
CA VAL E 137 66.39 -32.03 -5.33
C VAL E 137 67.71 -31.34 -5.57
N ALA E 138 68.79 -32.13 -5.63
CA ALA E 138 70.15 -31.61 -5.68
C ALA E 138 70.41 -30.93 -7.02
N SER E 139 71.62 -30.37 -7.13
CA SER E 139 71.99 -29.62 -8.33
C SER E 139 72.64 -30.47 -9.40
N GLU E 140 72.80 -31.77 -9.17
CA GLU E 140 73.46 -32.66 -10.12
C GLU E 140 72.53 -33.82 -10.47
N GLU E 141 71.23 -33.54 -10.44
CA GLU E 141 70.20 -34.56 -10.65
C GLU E 141 69.30 -34.13 -11.80
N PHE E 142 69.27 -34.93 -12.87
CA PHE E 142 68.39 -34.62 -13.98
C PHE E 142 66.93 -34.85 -13.62
N ASN E 143 66.64 -35.92 -12.89
CA ASN E 143 65.25 -36.20 -12.52
C ASN E 143 65.21 -36.90 -11.18
N LYS E 144 64.15 -36.64 -10.42
CA LYS E 144 63.96 -37.23 -9.10
C LYS E 144 62.49 -37.60 -8.90
N LYS E 145 62.29 -38.72 -8.21
CA LYS E 145 60.98 -39.30 -7.94
C LYS E 145 60.69 -39.13 -6.45
N ILE E 146 59.64 -38.38 -6.12
CA ILE E 146 59.30 -38.12 -4.73
C ILE E 146 57.96 -38.77 -4.42
N ASP E 147 57.91 -39.55 -3.35
CA ASP E 147 56.67 -40.18 -2.94
C ASP E 147 55.91 -39.31 -1.95
N VAL E 148 54.68 -38.95 -2.29
CA VAL E 148 53.90 -38.00 -1.50
C VAL E 148 52.58 -38.61 -1.08
N GLN E 149 52.53 -39.93 -0.92
CA GLN E 149 51.31 -40.57 -0.47
C GLN E 149 51.02 -40.20 0.98
N GLY E 150 49.79 -39.74 1.23
CA GLY E 150 49.41 -39.24 2.53
C GLY E 150 49.60 -37.75 2.73
N PHE E 151 50.23 -37.06 1.80
CA PHE E 151 50.37 -35.62 1.84
C PHE E 151 49.18 -34.97 1.16
N ASP E 152 48.90 -33.73 1.54
CA ASP E 152 47.75 -33.02 1.00
C ASP E 152 48.04 -31.65 0.42
N LEU E 153 49.28 -31.17 0.49
CA LEU E 153 49.61 -29.84 0.02
C LEU E 153 51.12 -29.69 -0.01
N ALA E 154 51.63 -28.99 -1.01
CA ALA E 154 53.07 -28.81 -1.13
C ALA E 154 53.37 -27.39 -1.61
N ILE E 155 54.56 -26.91 -1.27
CA ILE E 155 55.04 -25.61 -1.72
C ILE E 155 56.41 -25.81 -2.35
N MET E 156 56.57 -25.41 -3.60
CA MET E 156 57.82 -25.59 -4.32
C MET E 156 58.44 -24.25 -4.66
N THR E 157 59.76 -24.23 -4.68
CA THR E 157 60.53 -23.04 -5.03
C THR E 157 60.64 -22.94 -6.55
N VAL E 158 60.25 -21.79 -7.10
CA VAL E 158 60.24 -21.61 -8.54
C VAL E 158 61.61 -21.17 -9.02
N ASP E 159 62.13 -21.87 -10.04
CA ASP E 159 63.36 -21.46 -10.70
C ASP E 159 63.27 -21.87 -12.16
N ASP E 160 64.12 -21.25 -12.99
CA ASP E 160 64.01 -21.40 -14.43
C ASP E 160 64.47 -22.78 -14.91
N SER E 161 65.11 -23.55 -14.03
CA SER E 161 65.68 -24.82 -14.45
C SER E 161 64.62 -25.86 -14.78
N VAL E 162 63.47 -25.81 -14.09
CA VAL E 162 62.46 -26.84 -14.25
C VAL E 162 61.88 -26.81 -15.66
N SER E 163 61.74 -27.99 -16.26
CA SER E 163 61.12 -28.12 -17.57
C SER E 163 59.68 -28.60 -17.49
N ASP E 164 59.43 -29.67 -16.74
CA ASP E 164 58.09 -30.20 -16.53
C ASP E 164 57.99 -30.79 -15.14
N LEU E 165 56.84 -31.39 -14.85
CA LEU E 165 56.63 -32.08 -13.57
C LEU E 165 55.48 -33.05 -13.76
N SER E 166 55.65 -34.29 -13.29
CA SER E 166 54.71 -35.35 -13.59
C SER E 166 54.00 -35.81 -12.32
N TYR E 167 52.68 -35.95 -12.41
CA TYR E 167 51.89 -36.52 -11.32
C TYR E 167 51.57 -37.98 -11.61
N GLN E 168 51.52 -38.79 -10.55
CA GLN E 168 51.09 -40.17 -10.64
C GLN E 168 49.98 -40.39 -9.63
N TYR E 169 48.79 -40.72 -10.13
CA TYR E 169 47.58 -40.81 -9.34
C TYR E 169 47.37 -42.22 -8.81
N SER E 170 46.28 -42.39 -8.05
CA SER E 170 45.96 -43.70 -7.50
C SER E 170 45.57 -44.69 -8.60
N ASN E 171 45.05 -44.20 -9.72
CA ASN E 171 44.69 -45.04 -10.85
C ASN E 171 45.90 -45.65 -11.55
N GLY E 172 47.08 -45.03 -11.43
CA GLY E 172 48.25 -45.42 -12.17
C GLY E 172 48.58 -44.51 -13.34
N GLN E 173 47.66 -43.63 -13.72
CA GLN E 173 47.91 -42.71 -14.83
C GLN E 173 48.96 -41.68 -14.45
N VAL E 174 49.75 -41.25 -15.44
CA VAL E 174 50.75 -40.22 -15.26
C VAL E 174 50.37 -39.05 -16.17
N VAL E 175 50.43 -37.84 -15.64
CA VAL E 175 50.13 -36.62 -16.37
C VAL E 175 51.31 -35.67 -16.23
N LYS E 176 51.74 -35.10 -17.36
CA LYS E 176 52.88 -34.19 -17.39
C LYS E 176 52.39 -32.76 -17.50
N TYR E 177 52.83 -31.91 -16.56
CA TYR E 177 52.47 -30.51 -16.50
C TYR E 177 53.69 -29.65 -16.72
N LEU E 178 53.47 -28.44 -17.13
CA LEU E 178 54.51 -27.42 -17.24
C LEU E 178 54.41 -26.47 -16.05
N PRO E 179 55.45 -25.67 -15.78
CA PRO E 179 55.31 -24.67 -14.70
C PRO E 179 54.14 -23.72 -14.89
N PHE E 180 53.92 -23.26 -16.12
CA PHE E 180 52.80 -22.35 -16.37
C PHE E 180 51.46 -23.05 -16.18
N GLU E 181 51.35 -24.30 -16.64
CA GLU E 181 50.12 -25.06 -16.46
C GLU E 181 49.85 -25.30 -14.97
N LEU E 182 50.91 -25.61 -14.20
CA LEU E 182 50.75 -25.78 -12.77
C LEU E 182 50.29 -24.49 -12.11
N GLN E 183 50.86 -23.36 -12.50
CA GLN E 183 50.44 -22.08 -11.92
C GLN E 183 48.97 -21.79 -12.23
N THR E 184 48.56 -22.01 -13.48
CA THR E 184 47.17 -21.75 -13.85
C THR E 184 46.22 -22.68 -13.10
N LEU E 185 46.56 -23.96 -13.00
CA LEU E 185 45.72 -24.89 -12.25
C LEU E 185 45.63 -24.51 -10.78
N SER E 186 46.75 -24.10 -10.19
CA SER E 186 46.74 -23.69 -8.78
C SER E 186 45.86 -22.47 -8.57
N ARG E 187 45.98 -21.47 -9.45
CA ARG E 187 45.17 -20.26 -9.29
C ARG E 187 43.70 -20.50 -9.63
N ASP E 188 43.39 -21.57 -10.37
CA ASP E 188 41.99 -21.91 -10.60
C ASP E 188 41.28 -22.24 -9.29
N ILE E 189 41.95 -22.97 -8.40
CA ILE E 189 41.33 -23.35 -7.13
C ILE E 189 41.39 -22.21 -6.13
N ASP E 190 42.54 -21.54 -6.03
CA ASP E 190 42.75 -20.45 -5.09
C ASP E 190 43.08 -19.17 -5.83
N PRO E 191 42.12 -18.28 -6.07
CA PRO E 191 42.41 -17.10 -6.90
C PRO E 191 43.28 -16.07 -6.21
N ILE E 192 43.05 -15.81 -4.92
CA ILE E 192 43.70 -14.71 -4.20
C ILE E 192 44.49 -15.30 -3.04
N GLN E 193 45.75 -14.88 -2.91
CA GLN E 193 46.64 -15.36 -1.86
C GLN E 193 46.81 -14.37 -0.72
N ALA E 194 46.79 -13.07 -1.00
CA ALA E 194 46.91 -12.10 0.09
C ALA E 194 46.26 -10.79 -0.30
N VAL E 195 45.93 -9.99 0.71
CA VAL E 195 45.34 -8.67 0.54
C VAL E 195 46.25 -7.66 1.21
N LEU E 196 46.63 -6.62 0.46
CA LEU E 196 47.56 -5.62 0.97
C LEU E 196 46.83 -4.57 1.81
N SER E 197 47.62 -3.79 2.54
CA SER E 197 47.05 -2.80 3.46
C SER E 197 46.29 -1.71 2.71
N ASP E 198 46.85 -1.23 1.59
CA ASP E 198 46.19 -0.15 0.84
C ASP E 198 44.86 -0.61 0.24
N GLY E 199 44.79 -1.86 -0.22
CA GLY E 199 43.56 -2.37 -0.78
C GLY E 199 43.75 -3.32 -1.95
N LYS E 200 44.93 -3.31 -2.55
CA LYS E 200 45.20 -4.20 -3.67
C LYS E 200 45.39 -5.63 -3.18
N VAL E 201 45.16 -6.58 -4.09
CA VAL E 201 45.28 -7.99 -3.78
C VAL E 201 46.48 -8.55 -4.55
N VAL E 202 46.98 -9.68 -4.09
CA VAL E 202 48.02 -10.42 -4.80
C VAL E 202 47.60 -11.88 -4.90
N GLN E 203 47.65 -12.41 -6.11
CA GLN E 203 47.19 -13.76 -6.43
C GLN E 203 48.21 -14.84 -6.10
N GLY E 204 49.45 -14.46 -5.80
CA GLY E 204 50.47 -15.42 -5.47
C GLY E 204 51.86 -14.84 -5.58
N LEU E 205 52.77 -15.32 -4.76
CA LEU E 205 54.15 -14.86 -4.79
C LEU E 205 54.83 -15.32 -6.08
N THR E 206 55.82 -14.55 -6.51
CA THR E 206 56.50 -14.80 -7.77
C THR E 206 57.61 -15.83 -7.68
N ASP E 207 57.93 -16.31 -6.48
CA ASP E 207 59.00 -17.29 -6.31
C ASP E 207 58.57 -18.55 -5.58
N ARG E 208 57.32 -18.66 -5.15
CA ARG E 208 56.83 -19.84 -4.47
C ARG E 208 55.51 -20.27 -5.11
N LEU E 209 55.35 -21.58 -5.32
CA LEU E 209 54.15 -22.11 -5.95
C LEU E 209 53.51 -23.13 -5.02
N THR E 210 52.20 -23.08 -4.90
CA THR E 210 51.46 -23.97 -4.00
C THR E 210 50.68 -24.98 -4.83
N LEU E 211 50.84 -26.27 -4.50
CA LEU E 211 50.20 -27.35 -5.23
C LEU E 211 49.30 -28.14 -4.30
N PRO E 212 48.01 -28.26 -4.61
CA PRO E 212 47.12 -29.16 -3.86
C PRO E 212 47.20 -30.58 -4.42
N LEU E 213 47.58 -31.53 -3.58
CA LEU E 213 47.76 -32.92 -3.99
C LEU E 213 46.54 -33.71 -3.55
N VAL E 214 45.64 -34.02 -4.49
CA VAL E 214 44.46 -34.82 -4.22
C VAL E 214 44.56 -36.10 -5.04
N ALA E 215 44.46 -37.25 -4.36
CA ALA E 215 44.58 -38.57 -4.98
C ALA E 215 45.87 -38.71 -5.76
N VAL E 216 46.94 -38.10 -5.24
CA VAL E 216 48.23 -38.07 -5.91
C VAL E 216 49.16 -39.00 -5.14
N VAL E 217 49.80 -39.95 -5.85
CA VAL E 217 50.67 -40.92 -5.22
C VAL E 217 52.14 -40.62 -5.44
N GLY E 218 52.52 -40.05 -6.59
CA GLY E 218 53.93 -39.79 -6.82
C GLY E 218 54.21 -38.57 -7.65
N ILE E 219 55.42 -38.02 -7.54
CA ILE E 219 55.82 -36.84 -8.28
C ILE E 219 57.14 -37.12 -8.99
N GLU E 220 57.24 -36.66 -10.23
CA GLU E 220 58.46 -36.66 -11.02
C GLU E 220 58.86 -35.22 -11.26
N ILE E 221 60.14 -34.91 -11.07
CA ILE E 221 60.64 -33.59 -11.39
C ILE E 221 61.81 -33.72 -12.34
N ASN E 222 61.74 -33.02 -13.46
CA ASN E 222 62.83 -32.98 -14.43
C ASN E 222 63.40 -31.57 -14.48
N LYS E 223 64.71 -31.48 -14.72
CA LYS E 223 65.38 -30.19 -14.77
C LYS E 223 66.70 -30.33 -15.50
N SER E 224 67.38 -29.21 -15.67
CA SER E 224 68.74 -29.17 -16.16
C SER E 224 69.67 -28.89 -14.99
N GLN E 225 70.89 -29.40 -15.08
CA GLN E 225 71.81 -29.32 -13.96
C GLN E 225 72.15 -27.87 -13.61
N GLY E 226 72.29 -27.61 -12.32
CA GLY E 226 72.77 -26.30 -11.89
C GLY E 226 72.16 -25.71 -10.65
N SER E 227 70.97 -26.17 -10.26
CA SER E 227 70.25 -25.54 -9.15
C SER E 227 69.64 -26.60 -8.24
N ILE E 228 69.43 -26.21 -6.99
CA ILE E 228 68.77 -27.03 -5.98
C ILE E 228 67.32 -26.56 -5.84
N ILE E 229 66.38 -27.48 -5.86
CA ILE E 229 64.96 -27.15 -5.82
C ILE E 229 64.37 -27.66 -4.51
N ASN E 230 63.64 -26.80 -3.82
CA ASN E 230 63.14 -27.08 -2.48
C ASN E 230 61.62 -27.25 -2.47
N PHE E 231 61.16 -28.24 -1.72
CA PHE E 231 59.77 -28.50 -1.42
C PHE E 231 59.54 -28.42 0.08
N VAL E 232 58.35 -27.94 0.44
CA VAL E 232 57.87 -28.00 1.83
C VAL E 232 56.47 -28.60 1.79
N VAL E 233 56.31 -29.78 2.37
CA VAL E 233 55.07 -30.52 2.31
C VAL E 233 54.43 -30.56 3.68
N ARG E 234 53.13 -30.81 3.71
CA ARG E 234 52.37 -30.89 4.95
C ARG E 234 51.52 -32.16 4.95
N CYS E 235 51.45 -32.81 6.11
CA CYS E 235 50.63 -34.00 6.27
C CYS E 235 49.85 -33.91 7.58
N LEU E 236 48.77 -34.67 7.64
CA LEU E 236 47.94 -34.78 8.83
C LEU E 236 47.95 -36.22 9.32
N LYS E 237 48.28 -36.42 10.60
CA LYS E 237 48.30 -37.78 11.11
C LYS E 237 48.05 -37.79 12.61
N THR E 238 47.64 -38.96 13.09
CA THR E 238 47.25 -39.16 14.48
C THR E 238 48.46 -39.61 15.30
N VAL E 239 48.68 -38.95 16.43
CA VAL E 239 49.78 -39.29 17.30
C VAL E 239 49.27 -39.53 18.72
N MET F 1 11.26 -5.36 -8.97
CA MET F 1 10.50 -4.12 -9.10
C MET F 1 11.09 -3.02 -8.24
N LYS F 2 10.86 -1.78 -8.62
CA LYS F 2 11.35 -0.63 -7.87
C LYS F 2 10.32 -0.22 -6.83
N ILE F 3 10.80 0.14 -5.64
CA ILE F 3 9.91 0.50 -4.55
C ILE F 3 9.88 2.01 -4.37
N ALA F 4 11.03 2.62 -4.14
CA ALA F 4 11.05 4.06 -3.90
C ALA F 4 12.45 4.62 -4.14
N THR F 5 12.47 5.93 -4.41
CA THR F 5 13.70 6.72 -4.46
C THR F 5 13.52 7.92 -3.53
N ILE F 6 14.56 8.22 -2.75
CA ILE F 6 14.51 9.25 -1.72
C ILE F 6 15.65 10.23 -1.97
N THR F 7 15.31 11.52 -1.99
CA THR F 7 16.28 12.58 -2.19
C THR F 7 15.69 13.86 -1.61
N GLY F 8 16.52 14.59 -0.87
CA GLY F 8 16.12 15.86 -0.28
C GLY F 8 15.59 15.77 1.14
N VAL F 9 14.75 14.79 1.42
CA VAL F 9 14.08 14.68 2.72
C VAL F 9 14.93 13.83 3.65
N THR F 10 14.81 14.10 4.95
CA THR F 10 15.53 13.35 5.97
C THR F 10 14.78 12.13 6.47
N LYS F 11 13.51 11.98 6.09
CA LYS F 11 12.69 10.86 6.52
C LYS F 11 11.90 10.33 5.32
N SER F 12 11.82 9.04 5.21
CA SER F 12 11.08 8.45 4.12
C SER F 12 9.61 8.26 4.50
N PRO F 13 8.70 8.38 3.54
CA PRO F 13 7.29 8.06 3.81
C PRO F 13 7.13 6.57 4.06
N GLU F 14 6.09 6.23 4.83
CA GLU F 14 5.83 4.84 5.14
C GLU F 14 5.47 4.10 3.84
N LEU F 15 6.38 3.26 3.39
CA LEU F 15 6.28 2.59 2.10
C LEU F 15 5.56 1.26 2.25
N GLN F 16 4.55 1.04 1.42
CA GLN F 16 3.77 -0.20 1.45
C GLN F 16 4.10 -1.05 0.23
N VAL F 17 4.32 -2.34 0.48
CA VAL F 17 4.53 -3.33 -0.58
C VAL F 17 3.43 -4.38 -0.45
N THR F 18 2.68 -4.56 -1.53
CA THR F 18 1.59 -5.52 -1.59
C THR F 18 1.98 -6.82 -2.27
N LYS F 19 2.91 -6.77 -3.21
CA LYS F 19 3.42 -7.97 -3.85
C LYS F 19 4.41 -8.66 -2.93
N ALA F 20 4.35 -9.99 -2.88
CA ALA F 20 5.22 -10.77 -2.01
C ALA F 20 6.65 -10.73 -2.55
N ILE F 21 7.54 -10.07 -1.82
CA ILE F 21 8.93 -10.00 -2.19
C ILE F 21 9.73 -10.92 -1.28
N GLY F 22 10.98 -11.18 -1.66
CA GLY F 22 11.82 -12.06 -0.89
C GLY F 22 13.14 -11.44 -0.47
N ALA F 23 13.54 -10.36 -1.15
CA ALA F 23 14.77 -9.69 -0.78
C ALA F 23 14.67 -8.21 -1.06
N LEU F 24 15.51 -7.43 -0.39
CA LEU F 24 15.59 -5.99 -0.56
C LEU F 24 16.94 -5.61 -1.13
N ILE F 25 16.94 -4.70 -2.10
CA ILE F 25 18.16 -4.15 -2.66
C ILE F 25 18.25 -2.69 -2.23
N LEU F 26 19.27 -2.37 -1.45
CA LEU F 26 19.53 -1.01 -1.00
C LEU F 26 20.66 -0.42 -1.82
N SER F 27 20.41 0.74 -2.43
CA SER F 27 21.39 1.40 -3.26
C SER F 27 21.58 2.83 -2.78
N SER F 28 22.83 3.30 -2.79
CA SER F 28 23.10 4.64 -2.32
C SER F 28 24.40 5.13 -2.95
N ASP F 29 24.57 6.46 -2.95
CA ASP F 29 25.78 7.08 -3.46
C ASP F 29 26.81 7.36 -2.37
N VAL F 30 26.54 6.95 -1.13
CA VAL F 30 27.51 7.06 -0.06
C VAL F 30 28.05 5.67 0.25
N ALA F 31 29.37 5.57 0.39
CA ALA F 31 30.02 4.28 0.56
C ALA F 31 29.60 3.64 1.87
N LEU F 32 29.86 2.33 1.97
CA LEU F 32 29.44 1.57 3.14
C LEU F 32 30.11 2.10 4.40
N SER F 33 31.38 2.47 4.32
CA SER F 33 32.09 3.01 5.46
C SER F 33 31.62 4.41 5.85
N ALA F 34 30.89 5.10 4.97
CA ALA F 34 30.46 6.48 5.23
C ALA F 34 29.12 6.58 5.94
N LEU F 35 28.41 5.47 6.12
CA LEU F 35 27.11 5.51 6.79
C LEU F 35 27.29 5.83 8.26
N THR F 36 26.51 6.78 8.77
CA THR F 36 26.65 7.24 10.14
C THR F 36 25.44 6.93 11.00
N THR F 37 24.24 7.40 10.63
CA THR F 37 23.10 7.28 11.53
C THR F 37 21.79 6.91 10.82
N GLU F 38 21.83 6.47 9.57
CA GLU F 38 20.61 6.09 8.87
C GLU F 38 20.04 4.81 9.47
N LYS F 39 18.72 4.80 9.68
CA LYS F 39 18.04 3.66 10.28
C LYS F 39 16.96 3.14 9.35
N ILE F 40 16.64 1.86 9.50
CA ILE F 40 15.61 1.20 8.69
C ILE F 40 14.64 0.49 9.62
N SER F 41 13.41 0.29 9.15
CA SER F 41 12.39 -0.41 9.91
C SER F 41 11.46 -1.14 8.96
N ILE F 42 11.26 -2.43 9.20
CA ILE F 42 10.45 -3.29 8.33
C ILE F 42 9.50 -4.10 9.20
N TYR F 43 8.24 -4.21 8.77
CA TYR F 43 7.33 -5.10 9.49
C TYR F 43 6.18 -5.54 8.59
N ILE F 44 5.65 -6.72 8.90
CA ILE F 44 4.49 -7.28 8.23
C ILE F 44 3.24 -6.80 8.96
N GLU F 45 2.22 -6.41 8.22
CA GLU F 45 1.01 -5.86 8.79
C GLU F 45 -0.20 -6.74 8.47
N ARG F 46 -0.93 -7.13 9.50
CA ARG F 46 -2.23 -7.78 9.37
C ARG F 46 -3.33 -6.74 9.47
N GLY F 47 -4.32 -6.85 8.59
CA GLY F 47 -5.41 -5.89 8.59
C GLY F 47 -6.23 -5.93 9.87
N ASN F 48 -6.56 -7.13 10.34
CA ASN F 48 -7.33 -7.33 11.57
C ASN F 48 -6.52 -8.25 12.49
N GLY F 49 -5.62 -7.67 13.26
CA GLY F 49 -4.76 -8.44 14.14
C GLY F 49 -3.60 -7.64 14.68
N SER F 50 -2.48 -8.31 14.90
CA SER F 50 -1.28 -7.67 15.43
C SER F 50 -0.16 -7.77 14.41
N ASN F 51 0.64 -6.72 14.32
CA ASN F 51 1.72 -6.66 13.36
C ASN F 51 2.86 -7.58 13.78
N VAL F 52 3.67 -7.98 12.80
CA VAL F 52 4.83 -8.83 13.05
C VAL F 52 6.10 -8.07 12.68
N ILE F 53 6.78 -7.52 13.69
CA ILE F 53 7.93 -6.66 13.44
C ILE F 53 9.16 -7.51 13.20
N LEU F 54 9.84 -7.28 12.08
CA LEU F 54 11.09 -7.95 11.77
C LEU F 54 12.31 -7.15 12.19
N ALA F 55 12.33 -5.86 11.87
CA ALA F 55 13.40 -4.95 12.28
C ALA F 55 12.78 -3.63 12.70
N ASN F 56 13.18 -3.13 13.87
CA ASN F 56 12.61 -1.92 14.45
C ASN F 56 13.73 -0.92 14.70
N LYS F 57 13.87 0.05 13.79
CA LYS F 57 14.87 1.11 13.89
C LYS F 57 16.27 0.54 14.09
N VAL F 58 16.71 -0.21 13.09
CA VAL F 58 18.04 -0.83 13.10
C VAL F 58 18.97 0.02 12.24
N LEU F 59 20.20 0.21 12.73
CA LEU F 59 21.19 0.96 11.98
C LEU F 59 21.46 0.31 10.64
N LEU F 60 21.64 1.15 9.61
CA LEU F 60 21.73 0.64 8.25
C LEU F 60 23.02 -0.16 8.06
N LYS F 61 24.11 0.27 8.69
CA LYS F 61 25.36 -0.50 8.63
C LYS F 61 25.16 -1.89 9.20
N ASP F 62 24.53 -2.00 10.37
CA ASP F 62 24.32 -3.30 10.98
C ASP F 62 23.40 -4.17 10.15
N PHE F 63 22.35 -3.58 9.58
CA PHE F 63 21.45 -4.33 8.72
C PHE F 63 22.17 -4.87 7.50
N ILE F 64 23.06 -4.07 6.91
CA ILE F 64 23.79 -4.51 5.72
C ILE F 64 24.80 -5.58 6.09
N LEU F 65 25.50 -5.41 7.21
CA LEU F 65 26.53 -6.37 7.61
C LEU F 65 25.94 -7.70 8.07
N ALA F 66 24.72 -7.70 8.61
CA ALA F 66 24.14 -8.94 9.08
C ALA F 66 23.57 -9.80 7.96
N SER F 67 23.53 -9.29 6.73
CA SER F 67 22.97 -10.03 5.62
C SER F 67 23.99 -10.40 4.55
N THR F 68 25.12 -9.71 4.46
CA THR F 68 26.09 -9.91 3.41
C THR F 68 27.35 -10.56 3.95
N TYR F 69 27.21 -11.47 4.89
CA TYR F 69 28.34 -12.16 5.50
C TYR F 69 28.53 -13.52 4.85
N GLY F 70 29.72 -13.76 4.31
CA GLY F 70 30.00 -15.01 3.65
C GLY F 70 30.57 -14.82 2.26
N THR F 71 30.10 -15.63 1.30
CA THR F 71 30.61 -15.54 -0.06
C THR F 71 30.28 -14.20 -0.69
N GLU F 72 29.14 -13.63 -0.34
CA GLU F 72 28.68 -12.37 -0.91
C GLU F 72 29.41 -11.19 -0.27
N ASN F 73 29.25 -10.02 -0.89
CA ASN F 73 29.73 -8.77 -0.33
C ASN F 73 28.99 -7.63 -1.00
N THR F 74 29.02 -6.47 -0.36
CA THR F 74 28.38 -5.30 -0.95
C THR F 74 29.20 -4.80 -2.13
N GLN F 75 28.54 -4.57 -3.26
CA GLN F 75 29.26 -4.19 -4.46
C GLN F 75 28.92 -2.74 -4.83
N SER F 76 29.41 -2.31 -5.99
CA SER F 76 29.25 -0.92 -6.41
C SER F 76 29.26 -0.84 -7.92
N ASP F 77 29.21 0.38 -8.42
CA ASP F 77 29.12 0.63 -9.85
C ASP F 77 29.59 2.06 -10.10
N ALA F 78 29.50 2.49 -11.35
CA ALA F 78 29.91 3.85 -11.70
C ALA F 78 28.95 4.88 -11.10
N ASP F 79 27.66 4.54 -11.04
CA ASP F 79 26.65 5.46 -10.53
C ASP F 79 26.34 5.25 -9.05
N ASN F 80 26.15 4.00 -8.64
CA ASN F 80 25.80 3.67 -7.27
C ASN F 80 27.05 3.27 -6.50
N ALA F 81 27.34 4.00 -5.43
CA ALA F 81 28.54 3.76 -4.64
C ALA F 81 28.36 2.67 -3.60
N MET F 82 27.15 2.17 -3.41
CA MET F 82 26.90 1.09 -2.45
C MET F 82 25.65 0.36 -2.88
N ILE F 83 25.78 -0.92 -3.21
CA ILE F 83 24.67 -1.79 -3.57
C ILE F 83 24.74 -3.01 -2.66
N ALA F 84 23.68 -3.24 -1.90
CA ALA F 84 23.63 -4.34 -0.95
C ALA F 84 22.32 -5.09 -1.08
N LEU F 85 22.39 -6.42 -1.05
CA LEU F 85 21.22 -7.29 -1.16
C LEU F 85 21.01 -7.99 0.18
N CYS F 86 19.81 -7.84 0.73
CA CYS F 86 19.48 -8.38 2.05
C CYS F 86 18.27 -9.30 1.92
N GLU F 87 18.44 -10.55 2.36
CA GLU F 87 17.38 -11.55 2.26
C GLU F 87 16.45 -11.47 3.45
N LEU F 88 15.15 -11.53 3.17
CA LEU F 88 14.12 -11.41 4.20
C LEU F 88 13.45 -12.72 4.56
N ALA F 89 13.75 -13.81 3.85
CA ALA F 89 13.18 -15.11 4.12
C ALA F 89 14.28 -16.17 4.01
N ASP F 90 13.88 -17.43 4.19
CA ASP F 90 14.87 -18.51 4.19
C ASP F 90 15.26 -18.93 2.77
N GLU F 91 14.30 -19.44 2.00
CA GLU F 91 14.58 -19.90 0.65
C GLU F 91 13.46 -19.58 -0.34
N GLY F 92 12.48 -18.76 0.04
CA GLY F 92 11.44 -18.34 -0.86
C GLY F 92 11.03 -16.91 -0.59
N SER F 93 9.83 -16.53 -1.01
CA SER F 93 9.29 -15.21 -0.73
C SER F 93 8.26 -15.31 0.39
N ILE F 94 8.04 -14.18 1.06
CA ILE F 94 7.12 -14.14 2.19
C ILE F 94 5.72 -14.48 1.69
N TYR F 95 5.12 -15.51 2.29
CA TYR F 95 3.77 -15.92 1.93
C TYR F 95 2.77 -14.99 2.60
N LEU F 96 2.20 -14.08 1.83
CA LEU F 96 1.22 -13.14 2.35
C LEU F 96 -0.15 -13.80 2.40
N ALA F 97 -0.79 -13.76 3.56
CA ALA F 97 -2.12 -14.31 3.72
C ALA F 97 -3.18 -13.33 3.26
N ASP F 98 -4.43 -13.56 3.67
CA ASP F 98 -5.57 -12.85 3.11
C ASP F 98 -5.40 -11.33 3.13
N LYS F 99 -4.86 -10.77 4.21
CA LYS F 99 -4.89 -9.31 4.36
C LYS F 99 -3.53 -8.73 4.77
N GLU F 100 -2.47 -9.53 4.81
CA GLU F 100 -1.18 -8.99 5.19
C GLU F 100 -0.56 -8.15 4.07
N SER F 101 0.30 -7.22 4.47
CA SER F 101 1.13 -6.44 3.55
C SER F 101 2.47 -6.23 4.23
N ILE F 102 3.39 -5.57 3.53
CA ILE F 102 4.71 -5.28 4.08
C ILE F 102 4.90 -3.77 4.14
N LYS F 103 5.48 -3.27 5.23
CA LYS F 103 5.73 -1.84 5.37
C LYS F 103 7.18 -1.60 5.73
N ILE F 104 7.82 -0.71 4.99
CA ILE F 104 9.24 -0.39 5.14
C ILE F 104 9.36 1.13 5.28
N THR F 105 10.26 1.58 6.14
CA THR F 105 10.53 3.00 6.29
C THR F 105 11.99 3.23 6.65
N LEU F 106 12.47 4.42 6.30
CA LEU F 106 13.85 4.84 6.53
C LEU F 106 13.85 6.14 7.32
N GLU F 107 14.77 6.25 8.29
CA GLU F 107 14.78 7.37 9.20
C GLU F 107 16.20 7.93 9.32
N ASP F 108 16.29 9.21 9.63
CA ASP F 108 17.55 9.91 9.90
C ASP F 108 18.49 9.87 8.69
N LEU F 109 17.96 10.34 7.57
CA LEU F 109 18.71 10.39 6.32
C LEU F 109 19.46 11.72 6.23
N ILE F 110 20.15 11.93 5.11
CA ILE F 110 20.91 13.15 4.86
C ILE F 110 20.26 13.86 3.68
N SER F 111 20.09 15.18 3.81
CA SER F 111 19.27 15.93 2.85
C SER F 111 19.87 15.89 1.45
N ASP F 112 21.19 16.04 1.34
CA ASP F 112 21.85 16.18 0.04
C ASP F 112 22.33 14.85 -0.53
N LYS F 113 21.65 13.75 -0.22
CA LYS F 113 22.08 12.43 -0.64
C LYS F 113 20.90 11.68 -1.26
N ARG F 114 21.19 10.52 -1.85
CA ARG F 114 20.20 9.75 -2.58
C ARG F 114 20.13 8.33 -2.03
N TYR F 115 18.92 7.78 -1.96
CA TYR F 115 18.70 6.40 -1.53
C TYR F 115 17.70 5.74 -2.47
N ASP F 116 17.94 4.48 -2.81
CA ASP F 116 17.05 3.72 -3.68
C ASP F 116 16.73 2.37 -3.06
N LEU F 117 15.46 1.98 -3.16
CA LEU F 117 14.99 0.68 -2.70
C LEU F 117 14.46 -0.13 -3.88
N HIS F 118 14.77 -1.43 -3.89
CA HIS F 118 14.22 -2.35 -4.86
C HIS F 118 13.79 -3.64 -4.16
N GLY F 119 12.83 -4.33 -4.75
CA GLY F 119 12.33 -5.59 -4.20
C GLY F 119 12.57 -6.73 -5.16
N ILE F 120 12.87 -7.90 -4.61
CA ILE F 120 13.15 -9.10 -5.39
C ILE F 120 12.21 -10.21 -4.94
N GLU F 121 11.52 -10.82 -5.91
CA GLU F 121 10.58 -11.91 -5.69
C GLU F 121 10.97 -13.10 -6.55
N GLU F 122 10.66 -14.30 -6.04
CA GLU F 122 11.00 -15.54 -6.71
C GLU F 122 9.86 -16.53 -6.59
N PRO F 123 9.82 -17.56 -7.45
CA PRO F 123 8.62 -18.42 -7.53
C PRO F 123 8.29 -19.15 -6.24
N GLN F 124 9.26 -19.39 -5.37
CA GLN F 124 9.00 -20.13 -4.15
C GLN F 124 8.43 -19.22 -3.08
N GLN F 125 7.65 -19.79 -2.16
CA GLN F 125 7.12 -19.10 -1.00
C GLN F 125 7.51 -19.88 0.26
N THR F 126 7.65 -19.17 1.37
CA THR F 126 8.08 -19.81 2.60
C THR F 126 7.54 -19.04 3.80
N ASN F 127 7.60 -19.68 4.97
CA ASN F 127 7.12 -19.09 6.21
C ASN F 127 8.25 -18.67 7.16
N ASN F 128 9.45 -19.20 6.99
CA ASN F 128 10.56 -18.83 7.86
C ASN F 128 11.06 -17.43 7.51
N LEU F 129 11.22 -16.58 8.52
CA LEU F 129 11.66 -15.22 8.33
C LEU F 129 12.78 -14.87 9.31
N PHE F 130 13.53 -13.82 8.95
CA PHE F 130 14.67 -13.34 9.71
C PHE F 130 14.23 -12.19 10.61
N PHE F 131 14.61 -12.28 11.89
CA PHE F 131 14.28 -11.27 12.88
C PHE F 131 15.56 -10.67 13.43
N PHE F 132 15.54 -9.36 13.67
CA PHE F 132 16.69 -8.61 14.16
C PHE F 132 16.39 -8.08 15.55
N GLU F 133 17.33 -8.27 16.47
CA GLU F 133 17.22 -7.78 17.84
C GLU F 133 18.50 -7.06 18.21
N GLN F 134 18.41 -6.22 19.24
CA GLN F 134 19.54 -5.42 19.69
C GLN F 134 19.76 -5.61 21.18
N LYS F 135 21.02 -5.69 21.57
CA LYS F 135 21.43 -5.83 22.97
C LYS F 135 22.46 -4.77 23.30
N SER F 136 22.51 -4.38 24.57
CA SER F 136 23.32 -3.24 24.99
C SER F 136 24.11 -3.57 26.25
N VAL F 137 25.29 -2.95 26.37
CA VAL F 137 26.10 -3.00 27.57
C VAL F 137 26.38 -1.56 27.98
N ALA F 138 26.08 -1.24 29.24
CA ALA F 138 26.07 0.12 29.72
C ALA F 138 27.47 0.73 29.71
N SER F 139 27.52 2.06 29.80
CA SER F 139 28.77 2.80 29.80
C SER F 139 29.43 2.87 31.18
N GLU F 140 28.73 2.43 32.22
CA GLU F 140 29.25 2.49 33.58
C GLU F 140 29.57 1.14 34.17
N GLU F 141 29.31 0.05 33.44
CA GLU F 141 29.44 -1.28 33.99
C GLU F 141 30.74 -1.94 33.54
N PHE F 142 31.33 -2.74 34.41
CA PHE F 142 32.61 -3.40 34.15
C PHE F 142 32.44 -4.73 33.42
N ASN F 143 31.73 -5.67 34.04
CA ASN F 143 31.60 -7.03 33.53
C ASN F 143 30.14 -7.32 33.24
N LYS F 144 29.85 -7.81 32.04
CA LYS F 144 28.48 -8.10 31.64
C LYS F 144 28.41 -9.48 31.01
N LYS F 145 27.28 -10.14 31.17
CA LYS F 145 27.05 -11.46 30.60
C LYS F 145 25.72 -11.49 29.86
N ILE F 146 25.74 -11.92 28.61
CA ILE F 146 24.55 -11.95 27.77
C ILE F 146 24.37 -13.35 27.19
N ASP F 147 23.13 -13.64 26.83
CA ASP F 147 22.74 -14.95 26.30
C ASP F 147 22.52 -14.80 24.80
N VAL F 148 23.15 -15.67 24.03
CA VAL F 148 23.04 -15.64 22.57
C VAL F 148 22.62 -17.01 22.06
N GLN F 149 21.88 -17.75 22.86
CA GLN F 149 21.41 -19.07 22.43
C GLN F 149 20.31 -18.93 21.39
N GLY F 150 20.49 -19.62 20.26
CA GLY F 150 19.53 -19.58 19.17
C GLY F 150 19.83 -18.58 18.08
N PHE F 151 20.71 -17.61 18.32
CA PHE F 151 21.11 -16.64 17.32
C PHE F 151 22.29 -17.18 16.53
N ASP F 152 22.36 -16.78 15.26
CA ASP F 152 23.38 -17.29 14.36
C ASP F 152 24.40 -16.26 13.88
N LEU F 153 24.27 -15.00 14.31
CA LEU F 153 25.17 -13.96 13.86
C LEU F 153 25.09 -12.80 14.82
N ALA F 154 26.18 -12.04 14.94
CA ALA F 154 26.16 -10.85 15.76
C ALA F 154 27.08 -9.80 15.16
N ILE F 155 26.69 -8.54 15.32
CA ILE F 155 27.51 -7.40 14.91
C ILE F 155 27.75 -6.60 16.19
N MET F 156 29.01 -6.49 16.60
CA MET F 156 29.31 -5.76 17.82
C MET F 156 30.04 -4.45 17.50
N THR F 157 29.86 -3.48 18.38
CA THR F 157 30.53 -2.19 18.29
C THR F 157 31.97 -2.34 18.75
N VAL F 158 32.91 -1.99 17.88
CA VAL F 158 34.33 -2.07 18.20
C VAL F 158 34.74 -0.79 18.91
N ASP F 159 35.18 -0.90 20.16
CA ASP F 159 35.58 0.23 20.97
C ASP F 159 36.88 -0.14 21.69
N ASP F 160 37.70 0.87 21.96
CA ASP F 160 39.01 0.60 22.56
C ASP F 160 38.91 0.25 24.04
N SER F 161 37.71 0.37 24.62
CA SER F 161 37.55 0.03 26.03
C SER F 161 37.46 -1.48 26.25
N VAL F 162 37.18 -2.24 25.18
CA VAL F 162 37.03 -3.69 25.33
C VAL F 162 38.39 -4.31 25.60
N SER F 163 38.46 -5.16 26.62
CA SER F 163 39.69 -5.87 26.96
C SER F 163 39.57 -7.37 26.73
N ASP F 164 38.51 -8.01 27.24
CA ASP F 164 38.34 -9.45 27.10
C ASP F 164 36.92 -9.76 26.67
N LEU F 165 36.76 -10.88 25.95
CA LEU F 165 35.42 -11.36 25.63
C LEU F 165 35.47 -12.87 25.51
N SER F 166 34.68 -13.56 26.33
CA SER F 166 34.76 -15.01 26.45
C SER F 166 33.46 -15.66 25.99
N TYR F 167 33.59 -16.63 25.10
CA TYR F 167 32.47 -17.45 24.64
C TYR F 167 32.21 -18.58 25.62
N GLN F 168 30.98 -19.10 25.59
CA GLN F 168 30.65 -20.32 26.30
C GLN F 168 29.96 -21.25 25.32
N TYR F 169 30.49 -22.46 25.15
CA TYR F 169 30.00 -23.38 24.14
C TYR F 169 29.01 -24.36 24.73
N SER F 170 28.33 -25.09 23.85
CA SER F 170 27.25 -25.97 24.29
C SER F 170 27.77 -27.14 25.11
N ASN F 171 29.07 -27.41 25.07
CA ASN F 171 29.63 -28.50 25.87
C ASN F 171 30.21 -28.03 27.20
N GLY F 172 30.09 -26.74 27.54
CA GLY F 172 30.49 -26.25 28.84
C GLY F 172 31.82 -25.53 28.88
N GLN F 173 32.61 -25.58 27.83
CA GLN F 173 33.93 -24.95 27.84
C GLN F 173 33.82 -23.46 27.59
N VAL F 174 34.72 -22.69 28.20
CA VAL F 174 34.75 -21.24 28.08
C VAL F 174 36.11 -20.83 27.53
N VAL F 175 36.10 -20.07 26.44
CA VAL F 175 37.31 -19.63 25.77
C VAL F 175 37.34 -18.11 25.75
N LYS F 176 38.48 -17.53 26.12
CA LYS F 176 38.64 -16.09 26.20
C LYS F 176 39.40 -15.57 24.99
N TYR F 177 38.89 -14.47 24.40
CA TYR F 177 39.46 -13.87 23.23
C TYR F 177 39.72 -12.39 23.48
N LEU F 178 40.65 -11.84 22.73
CA LEU F 178 40.98 -10.42 22.66
C LEU F 178 40.41 -9.82 21.39
N PRO F 179 40.33 -8.49 21.29
CA PRO F 179 39.81 -7.89 20.05
C PRO F 179 40.59 -8.28 18.81
N PHE F 180 41.92 -8.35 18.89
CA PHE F 180 42.73 -8.73 17.74
C PHE F 180 42.45 -10.17 17.33
N GLU F 181 42.37 -11.07 18.30
CA GLU F 181 42.08 -12.47 18.02
C GLU F 181 40.70 -12.62 17.39
N LEU F 182 39.72 -11.88 17.92
CA LEU F 182 38.37 -11.94 17.36
C LEU F 182 38.34 -11.44 15.92
N GLN F 183 39.04 -10.33 15.65
CA GLN F 183 39.07 -9.80 14.28
C GLN F 183 39.72 -10.79 13.32
N THR F 184 40.83 -11.42 13.73
CA THR F 184 41.49 -12.39 12.87
C THR F 184 40.59 -13.60 12.61
N LEU F 185 39.93 -14.10 13.66
CA LEU F 185 39.03 -15.24 13.48
C LEU F 185 37.84 -14.89 12.61
N SER F 186 37.38 -13.63 12.68
CA SER F 186 36.27 -13.21 11.82
C SER F 186 36.70 -13.12 10.37
N ARG F 187 37.87 -12.53 10.11
CA ARG F 187 38.36 -12.43 8.73
C ARG F 187 38.84 -13.76 8.19
N ASP F 188 39.01 -14.77 9.05
CA ASP F 188 39.36 -16.10 8.55
C ASP F 188 38.23 -16.71 7.73
N ILE F 189 36.98 -16.33 8.00
CA ILE F 189 35.85 -16.90 7.28
C ILE F 189 35.50 -16.06 6.07
N ASP F 190 35.29 -14.76 6.26
CA ASP F 190 34.96 -13.84 5.17
C ASP F 190 36.09 -12.84 5.00
N PRO F 191 37.01 -13.05 4.06
CA PRO F 191 38.14 -12.12 3.94
C PRO F 191 37.76 -10.75 3.42
N ILE F 192 36.86 -10.68 2.44
CA ILE F 192 36.50 -9.44 1.77
C ILE F 192 35.08 -9.05 2.19
N GLN F 193 34.93 -7.82 2.67
CA GLN F 193 33.63 -7.30 3.07
C GLN F 193 33.01 -6.36 2.05
N ALA F 194 33.82 -5.64 1.27
CA ALA F 194 33.23 -4.83 0.21
C ALA F 194 34.26 -4.59 -0.88
N VAL F 195 33.75 -4.27 -2.08
CA VAL F 195 34.57 -3.93 -3.23
C VAL F 195 34.21 -2.51 -3.65
N LEU F 196 35.20 -1.63 -3.70
CA LEU F 196 34.94 -0.24 -4.00
C LEU F 196 34.75 -0.03 -5.50
N SER F 197 34.24 1.16 -5.86
CA SER F 197 33.91 1.43 -7.25
C SER F 197 35.16 1.51 -8.12
N ASP F 198 36.25 2.08 -7.59
CA ASP F 198 37.45 2.24 -8.39
C ASP F 198 38.19 0.94 -8.63
N GLY F 199 38.14 0.01 -7.66
CA GLY F 199 38.78 -1.28 -7.84
C GLY F 199 39.40 -1.87 -6.60
N LYS F 200 39.59 -1.06 -5.56
CA LYS F 200 40.15 -1.57 -4.32
C LYS F 200 39.09 -2.32 -3.52
N VAL F 201 39.55 -3.15 -2.58
CA VAL F 201 38.67 -3.92 -1.71
C VAL F 201 38.91 -3.48 -0.28
N VAL F 202 37.89 -3.68 0.57
CA VAL F 202 38.00 -3.43 1.99
C VAL F 202 37.60 -4.69 2.74
N GLN F 203 38.46 -5.09 3.67
CA GLN F 203 38.36 -6.33 4.43
C GLN F 203 37.34 -6.24 5.56
N GLY F 204 37.09 -5.06 6.09
CA GLY F 204 36.19 -4.89 7.20
C GLY F 204 36.18 -3.45 7.69
N LEU F 205 35.20 -3.11 8.53
CA LEU F 205 35.07 -1.75 8.99
C LEU F 205 35.92 -1.53 10.24
N THR F 206 36.19 -0.26 10.52
CA THR F 206 37.04 0.13 11.63
C THR F 206 36.30 0.22 12.95
N ASP F 207 34.97 0.10 12.95
CA ASP F 207 34.20 0.23 14.19
C ASP F 207 33.16 -0.86 14.39
N ARG F 208 32.96 -1.76 13.43
CA ARG F 208 32.00 -2.84 13.57
C ARG F 208 32.72 -4.17 13.36
N LEU F 209 32.30 -5.19 14.13
CA LEU F 209 32.90 -6.51 14.02
C LEU F 209 31.78 -7.54 13.86
N THR F 210 32.01 -8.56 13.04
CA THR F 210 31.04 -9.61 12.80
C THR F 210 31.49 -10.89 13.48
N LEU F 211 30.61 -11.48 14.29
CA LEU F 211 30.89 -12.72 15.00
C LEU F 211 29.88 -13.78 14.59
N PRO F 212 30.32 -14.88 13.98
CA PRO F 212 29.42 -16.02 13.74
C PRO F 212 29.32 -16.89 14.98
N LEU F 213 28.12 -17.00 15.53
CA LEU F 213 27.88 -17.77 16.74
C LEU F 213 27.39 -19.15 16.35
N VAL F 214 28.27 -20.14 16.45
CA VAL F 214 27.95 -21.53 16.15
C VAL F 214 28.19 -22.36 17.39
N ALA F 215 27.14 -23.04 17.86
CA ALA F 215 27.20 -23.85 19.08
C ALA F 215 27.69 -23.03 20.27
N VAL F 216 27.24 -21.78 20.37
CA VAL F 216 27.58 -20.87 21.44
C VAL F 216 26.30 -20.48 22.17
N VAL F 217 26.32 -20.57 23.49
CA VAL F 217 25.12 -20.30 24.29
C VAL F 217 25.28 -19.12 25.23
N GLY F 218 26.46 -18.51 25.33
CA GLY F 218 26.65 -17.39 26.22
C GLY F 218 27.88 -16.60 25.87
N ILE F 219 27.86 -15.31 26.20
CA ILE F 219 28.97 -14.41 25.98
C ILE F 219 29.20 -13.61 27.25
N GLU F 220 30.46 -13.43 27.63
CA GLU F 220 30.82 -12.56 28.74
C GLU F 220 31.79 -11.51 28.24
N ILE F 221 31.45 -10.25 28.43
CA ILE F 221 32.25 -9.12 27.97
C ILE F 221 32.86 -8.44 29.19
N ASN F 222 34.17 -8.23 29.14
CA ASN F 222 34.92 -7.62 30.23
C ASN F 222 35.65 -6.40 29.69
N LYS F 223 35.32 -5.23 30.24
CA LYS F 223 35.76 -3.96 29.68
C LYS F 223 36.03 -2.99 30.82
N SER F 224 36.19 -1.71 30.47
CA SER F 224 36.32 -0.62 31.42
C SER F 224 35.20 0.39 31.16
N GLN F 225 35.09 1.35 32.08
CA GLN F 225 34.04 2.36 31.97
C GLN F 225 34.33 3.32 30.83
N GLY F 226 33.27 3.97 30.34
CA GLY F 226 33.44 5.02 29.36
C GLY F 226 32.45 5.10 28.22
N SER F 227 31.92 3.96 27.76
CA SER F 227 31.05 4.00 26.60
C SER F 227 30.14 2.77 26.57
N ILE F 228 29.05 2.89 25.83
CA ILE F 228 28.06 1.85 25.65
C ILE F 228 28.49 0.96 24.49
N ILE F 229 28.24 -0.33 24.59
CA ILE F 229 28.59 -1.29 23.53
C ILE F 229 27.32 -1.95 23.02
N ASN F 230 27.16 -1.98 21.70
CA ASN F 230 25.93 -2.45 21.07
C ASN F 230 26.18 -3.73 20.30
N PHE F 231 25.27 -4.69 20.45
CA PHE F 231 25.23 -5.92 19.68
C PHE F 231 23.95 -5.93 18.86
N VAL F 232 24.04 -6.33 17.60
CA VAL F 232 22.88 -6.57 16.75
C VAL F 232 22.89 -8.04 16.39
N VAL F 233 21.87 -8.77 16.80
CA VAL F 233 21.78 -10.21 16.59
C VAL F 233 20.64 -10.51 15.65
N ARG F 234 20.73 -11.65 14.98
CA ARG F 234 19.75 -12.06 13.98
C ARG F 234 19.38 -13.51 14.22
N CYS F 235 18.11 -13.83 14.01
CA CYS F 235 17.60 -15.20 14.17
C CYS F 235 16.63 -15.52 13.05
N LEU F 236 16.34 -16.81 12.89
CA LEU F 236 15.38 -17.28 11.91
C LEU F 236 14.29 -18.06 12.62
N LYS F 237 13.03 -17.70 12.36
CA LYS F 237 11.92 -18.37 13.02
C LYS F 237 10.69 -18.33 12.13
N THR F 238 9.72 -19.18 12.47
CA THR F 238 8.51 -19.35 11.67
C THR F 238 7.43 -18.40 12.16
N VAL F 239 6.74 -17.76 11.21
CA VAL F 239 5.64 -16.87 11.54
C VAL F 239 4.31 -17.54 11.17
N MET G 1 50.53 -29.62 -22.32
CA MET G 1 51.15 -29.51 -23.63
C MET G 1 50.82 -28.18 -24.29
N LYS G 2 51.79 -27.60 -24.98
CA LYS G 2 51.60 -26.35 -25.72
C LYS G 2 51.05 -26.66 -27.10
N ILE G 3 49.99 -25.96 -27.49
CA ILE G 3 49.36 -26.21 -28.78
C ILE G 3 49.94 -25.28 -29.84
N ALA G 4 49.81 -23.97 -29.62
CA ALA G 4 50.30 -23.03 -30.62
C ALA G 4 50.44 -21.64 -30.02
N THR G 5 51.22 -20.81 -30.71
CA THR G 5 51.30 -19.37 -30.47
C THR G 5 51.04 -18.66 -31.79
N ILE G 6 50.25 -17.60 -31.74
CA ILE G 6 49.81 -16.87 -32.93
C ILE G 6 50.23 -15.42 -32.79
N THR G 7 50.89 -14.91 -33.82
CA THR G 7 51.32 -13.52 -33.89
C THR G 7 51.49 -13.13 -35.35
N GLY G 8 51.22 -11.87 -35.64
CA GLY G 8 51.34 -11.33 -36.98
C GLY G 8 50.15 -11.60 -37.89
N VAL G 9 49.72 -12.85 -37.95
CA VAL G 9 48.66 -13.27 -38.87
C VAL G 9 47.31 -12.98 -38.23
N THR G 10 46.31 -12.68 -39.06
CA THR G 10 44.96 -12.40 -38.60
C THR G 10 44.09 -13.65 -38.49
N LYS G 11 44.58 -14.79 -38.98
CA LYS G 11 43.82 -16.04 -38.97
C LYS G 11 44.75 -17.17 -38.58
N SER G 12 44.25 -18.08 -37.78
CA SER G 12 45.12 -19.13 -37.28
C SER G 12 45.03 -20.38 -38.15
N PRO G 13 46.09 -21.17 -38.21
CA PRO G 13 46.01 -22.48 -38.87
C PRO G 13 45.10 -23.42 -38.09
N GLU G 14 44.56 -24.40 -38.79
CA GLU G 14 43.66 -25.36 -38.16
C GLU G 14 44.50 -26.34 -37.33
N LEU G 15 44.32 -26.30 -36.01
CA LEU G 15 45.23 -26.98 -35.09
C LEU G 15 44.63 -28.31 -34.64
N GLN G 16 45.42 -29.37 -34.77
CA GLN G 16 44.97 -30.73 -34.50
C GLN G 16 45.63 -31.25 -33.23
N VAL G 17 44.82 -31.81 -32.33
CA VAL G 17 45.28 -32.44 -31.10
C VAL G 17 44.83 -33.89 -31.12
N THR G 18 45.79 -34.80 -30.96
CA THR G 18 45.51 -36.24 -30.94
C THR G 18 45.50 -36.82 -29.54
N LYS G 19 46.12 -36.14 -28.57
CA LYS G 19 46.03 -36.56 -27.18
C LYS G 19 44.73 -36.08 -26.57
N ALA G 20 44.10 -36.93 -25.77
CA ALA G 20 42.83 -36.59 -25.15
C ALA G 20 43.05 -35.54 -24.07
N ILE G 21 42.54 -34.34 -24.30
CA ILE G 21 42.67 -33.26 -23.34
C ILE G 21 41.34 -33.07 -22.62
N GLY G 22 41.36 -32.29 -21.55
CA GLY G 22 40.16 -32.05 -20.78
C GLY G 22 39.86 -30.58 -20.55
N ALA G 23 40.83 -29.72 -20.85
CA ALA G 23 40.60 -28.28 -20.70
C ALA G 23 41.59 -27.52 -21.56
N LEU G 24 41.25 -26.27 -21.86
CA LEU G 24 42.09 -25.38 -22.64
C LEU G 24 42.55 -24.22 -21.77
N ILE G 25 43.76 -23.76 -22.01
CA ILE G 25 44.31 -22.58 -21.35
C ILE G 25 44.55 -21.54 -22.43
N LEU G 26 43.83 -20.42 -22.34
CA LEU G 26 43.91 -19.36 -23.33
C LEU G 26 44.64 -18.18 -22.71
N SER G 27 45.76 -17.78 -23.32
CA SER G 27 46.53 -16.68 -22.78
C SER G 27 46.77 -15.64 -23.86
N SER G 28 46.80 -14.37 -23.46
CA SER G 28 47.01 -13.29 -24.40
C SER G 28 47.53 -12.08 -23.65
N ASP G 29 48.08 -11.13 -24.41
CA ASP G 29 48.65 -9.91 -23.83
C ASP G 29 47.66 -8.76 -23.79
N VAL G 30 46.43 -8.96 -24.23
CA VAL G 30 45.40 -7.95 -24.14
C VAL G 30 44.46 -8.29 -22.99
N ALA G 31 44.01 -7.27 -22.29
CA ALA G 31 43.16 -7.48 -21.13
C ALA G 31 41.80 -8.01 -21.56
N LEU G 32 41.06 -8.54 -20.58
CA LEU G 32 39.76 -9.13 -20.87
C LEU G 32 38.79 -8.11 -21.44
N SER G 33 38.92 -6.85 -21.02
CA SER G 33 38.03 -5.80 -21.52
C SER G 33 38.39 -5.35 -22.93
N ALA G 34 39.60 -5.62 -23.40
CA ALA G 34 40.06 -5.15 -24.70
C ALA G 34 39.78 -6.12 -25.83
N LEU G 35 39.30 -7.33 -25.54
CA LEU G 35 38.97 -8.28 -26.60
C LEU G 35 37.77 -7.76 -27.39
N THR G 36 37.91 -7.75 -28.72
CA THR G 36 36.93 -7.08 -29.57
C THR G 36 36.17 -8.03 -30.48
N THR G 37 36.85 -8.80 -31.33
CA THR G 37 36.13 -9.62 -32.30
C THR G 37 36.74 -11.01 -32.50
N GLU G 38 37.61 -11.47 -31.60
CA GLU G 38 38.23 -12.77 -31.75
C GLU G 38 37.19 -13.87 -31.59
N LYS G 39 37.27 -14.89 -32.45
CA LYS G 39 36.31 -15.98 -32.44
C LYS G 39 37.05 -17.31 -32.39
N ILE G 40 36.42 -18.32 -31.79
CA ILE G 40 37.02 -19.63 -31.64
C ILE G 40 36.04 -20.68 -32.17
N SER G 41 36.60 -21.77 -32.70
CA SER G 41 35.81 -22.91 -33.16
C SER G 41 36.51 -24.19 -32.75
N ILE G 42 35.75 -25.12 -32.18
CA ILE G 42 36.27 -26.39 -31.68
C ILE G 42 35.36 -27.50 -32.20
N TYR G 43 35.95 -28.59 -32.69
CA TYR G 43 35.13 -29.74 -33.03
C TYR G 43 35.95 -31.03 -33.03
N ILE G 44 35.26 -32.12 -32.74
CA ILE G 44 35.82 -33.46 -32.75
C ILE G 44 35.53 -34.06 -34.11
N GLU G 45 36.57 -34.57 -34.77
CA GLU G 45 36.45 -35.11 -36.13
C GLU G 45 36.43 -36.63 -36.05
N ARG G 46 35.44 -37.25 -36.67
CA ARG G 46 35.44 -38.70 -36.76
C ARG G 46 35.91 -39.16 -38.13
N GLY G 47 36.54 -40.34 -38.16
CA GLY G 47 37.02 -40.87 -39.42
C GLY G 47 35.90 -41.19 -40.40
N ASN G 48 34.87 -41.86 -39.91
CA ASN G 48 33.68 -42.18 -40.71
C ASN G 48 32.46 -41.64 -39.99
N GLY G 49 31.70 -40.79 -40.66
CA GLY G 49 30.49 -40.24 -40.11
C GLY G 49 30.55 -38.73 -40.09
N SER G 50 29.69 -38.14 -39.26
CA SER G 50 29.60 -36.70 -39.13
C SER G 50 30.37 -36.24 -37.91
N ASN G 51 30.93 -35.03 -38.00
CA ASN G 51 31.73 -34.47 -36.92
C ASN G 51 30.84 -34.05 -35.77
N VAL G 52 31.44 -33.89 -34.60
CA VAL G 52 30.76 -33.33 -33.43
C VAL G 52 31.24 -31.90 -33.25
N ILE G 53 30.32 -30.95 -33.32
CA ILE G 53 30.64 -29.53 -33.21
C ILE G 53 30.25 -29.06 -31.82
N LEU G 54 31.24 -28.61 -31.05
CA LEU G 54 31.00 -28.07 -29.71
C LEU G 54 30.83 -26.56 -29.71
N ALA G 55 31.76 -25.83 -30.31
CA ALA G 55 31.68 -24.37 -30.43
C ALA G 55 31.91 -24.01 -31.88
N ASN G 56 31.01 -23.20 -32.43
CA ASN G 56 31.04 -22.82 -33.85
C ASN G 56 31.17 -21.31 -33.93
N LYS G 57 32.41 -20.83 -34.05
CA LYS G 57 32.70 -19.40 -34.19
C LYS G 57 32.06 -18.59 -33.07
N VAL G 58 32.35 -18.99 -31.84
CA VAL G 58 31.85 -18.31 -30.65
C VAL G 58 32.80 -17.17 -30.30
N LEU G 59 32.25 -16.05 -29.86
CA LEU G 59 33.07 -14.92 -29.46
C LEU G 59 33.95 -15.29 -28.28
N LEU G 60 35.16 -14.73 -28.27
CA LEU G 60 36.15 -15.14 -27.28
C LEU G 60 35.77 -14.67 -25.89
N LYS G 61 35.20 -13.46 -25.78
CA LYS G 61 34.75 -12.97 -24.48
C LYS G 61 33.67 -13.86 -23.90
N ASP G 62 32.69 -14.26 -24.72
CA ASP G 62 31.62 -15.12 -24.23
C ASP G 62 32.13 -16.50 -23.89
N PHE G 63 33.07 -17.03 -24.68
CA PHE G 63 33.66 -18.32 -24.37
C PHE G 63 34.39 -18.29 -23.02
N ILE G 64 35.11 -17.20 -22.75
CA ILE G 64 35.83 -17.09 -21.49
C ILE G 64 34.86 -16.92 -20.33
N LEU G 65 33.86 -16.05 -20.49
CA LEU G 65 32.92 -15.77 -19.42
C LEU G 65 32.02 -16.96 -19.10
N ALA G 66 31.72 -17.82 -20.07
CA ALA G 66 30.86 -18.96 -19.84
C ALA G 66 31.52 -20.06 -19.03
N SER G 67 32.84 -20.01 -18.85
CA SER G 67 33.57 -21.07 -18.19
C SER G 67 34.20 -20.66 -16.87
N THR G 68 34.35 -19.37 -16.61
CA THR G 68 35.00 -18.88 -15.40
C THR G 68 34.00 -18.22 -14.46
N TYR G 69 32.78 -18.74 -14.44
CA TYR G 69 31.74 -18.24 -13.54
C TYR G 69 31.66 -19.14 -12.33
N GLY G 70 31.93 -18.59 -11.15
CA GLY G 70 32.00 -19.37 -9.93
C GLY G 70 33.17 -18.93 -9.08
N THR G 71 33.80 -19.88 -8.38
CA THR G 71 34.92 -19.55 -7.50
C THR G 71 36.08 -18.95 -8.29
N GLU G 72 36.38 -19.51 -9.46
CA GLU G 72 37.53 -19.10 -10.24
C GLU G 72 37.27 -17.76 -10.93
N ASN G 73 38.34 -17.17 -11.45
CA ASN G 73 38.27 -15.96 -12.25
C ASN G 73 39.55 -15.82 -13.05
N THR G 74 39.46 -15.08 -14.15
CA THR G 74 40.60 -14.95 -15.06
C THR G 74 41.77 -14.27 -14.35
N GLN G 75 42.96 -14.82 -14.52
CA GLN G 75 44.12 -14.33 -13.79
C GLN G 75 45.03 -13.54 -14.73
N SER G 76 46.07 -12.95 -14.15
CA SER G 76 47.01 -12.10 -14.88
C SER G 76 48.42 -12.45 -14.44
N ASP G 77 49.39 -11.90 -15.16
CA ASP G 77 50.79 -12.25 -14.96
C ASP G 77 51.65 -11.09 -15.41
N ALA G 78 52.94 -11.14 -15.05
CA ALA G 78 53.88 -10.13 -15.53
C ALA G 78 54.03 -10.18 -17.04
N ASP G 79 54.08 -11.38 -17.62
CA ASP G 79 54.20 -11.55 -19.06
C ASP G 79 52.84 -11.53 -19.74
N ASN G 80 51.91 -12.37 -19.29
CA ASN G 80 50.57 -12.46 -19.86
C ASN G 80 49.64 -11.48 -19.17
N ALA G 81 48.90 -10.70 -19.96
CA ALA G 81 47.91 -9.79 -19.41
C ALA G 81 46.53 -10.42 -19.30
N MET G 82 46.36 -11.66 -19.74
CA MET G 82 45.08 -12.36 -19.59
C MET G 82 45.35 -13.85 -19.67
N ILE G 83 44.93 -14.58 -18.64
CA ILE G 83 45.02 -16.03 -18.61
C ILE G 83 43.67 -16.58 -18.17
N ALA G 84 43.11 -17.49 -18.96
CA ALA G 84 41.83 -18.10 -18.65
C ALA G 84 41.90 -19.60 -18.85
N LEU G 85 41.17 -20.34 -18.03
CA LEU G 85 41.07 -21.79 -18.13
C LEU G 85 39.64 -22.16 -18.43
N CYS G 86 39.42 -22.82 -19.57
CA CYS G 86 38.09 -23.17 -20.04
C CYS G 86 37.97 -24.68 -20.13
N GLU G 87 37.02 -25.24 -19.38
CA GLU G 87 36.81 -26.68 -19.37
C GLU G 87 35.91 -27.10 -20.52
N LEU G 88 36.20 -28.27 -21.08
CA LEU G 88 35.46 -28.81 -22.22
C LEU G 88 34.66 -30.06 -21.87
N ALA G 89 34.95 -30.71 -20.75
CA ALA G 89 34.23 -31.89 -20.30
C ALA G 89 33.89 -31.72 -18.83
N ASP G 90 32.99 -32.57 -18.33
CA ASP G 90 32.40 -32.34 -17.02
C ASP G 90 33.40 -32.55 -15.90
N GLU G 91 33.90 -33.77 -15.73
CA GLU G 91 34.91 -34.03 -14.70
C GLU G 91 36.12 -34.78 -15.21
N GLY G 92 36.31 -34.93 -16.52
CA GLY G 92 37.46 -35.64 -17.03
C GLY G 92 37.94 -35.11 -18.36
N SER G 93 38.38 -36.00 -19.24
CA SER G 93 38.85 -35.65 -20.57
C SER G 93 38.04 -36.40 -21.61
N ILE G 94 37.94 -35.80 -22.79
CA ILE G 94 37.17 -36.38 -23.88
C ILE G 94 37.76 -37.75 -24.24
N TYR G 95 36.88 -38.73 -24.40
CA TYR G 95 37.30 -40.09 -24.76
C TYR G 95 37.39 -40.17 -26.27
N LEU G 96 38.61 -40.20 -26.79
CA LEU G 96 38.82 -40.35 -28.22
C LEU G 96 38.91 -41.82 -28.61
N ALA G 97 38.05 -42.23 -29.52
CA ALA G 97 38.01 -43.60 -30.00
C ALA G 97 38.99 -43.75 -31.17
N ASP G 98 38.83 -44.84 -31.93
CA ASP G 98 39.87 -45.30 -32.85
C ASP G 98 40.30 -44.27 -33.89
N LYS G 99 39.41 -43.37 -34.33
CA LYS G 99 39.77 -42.51 -35.45
C LYS G 99 39.35 -41.07 -35.26
N GLU G 100 39.39 -40.55 -34.03
CA GLU G 100 39.02 -39.16 -33.77
C GLU G 100 40.19 -38.32 -33.30
N SER G 101 40.08 -37.01 -33.53
CA SER G 101 41.01 -36.02 -33.02
C SER G 101 40.26 -34.71 -32.86
N ILE G 102 40.79 -33.84 -31.99
CA ILE G 102 40.17 -32.55 -31.72
C ILE G 102 40.82 -31.52 -32.63
N LYS G 103 40.02 -30.59 -33.15
CA LYS G 103 40.58 -29.51 -33.95
C LYS G 103 40.04 -28.18 -33.47
N ILE G 104 40.96 -27.24 -33.27
CA ILE G 104 40.66 -25.90 -32.77
C ILE G 104 41.15 -24.90 -33.81
N THR G 105 40.38 -23.83 -33.99
CA THR G 105 40.80 -22.75 -34.88
C THR G 105 40.34 -21.41 -34.33
N LEU G 106 41.07 -20.37 -34.68
CA LEU G 106 40.83 -19.01 -34.22
C LEU G 106 40.67 -18.10 -35.43
N GLU G 107 39.70 -17.18 -35.35
CA GLU G 107 39.39 -16.30 -36.47
C GLU G 107 39.24 -14.87 -35.98
N ASP G 108 39.44 -13.93 -36.90
CA ASP G 108 39.26 -12.50 -36.66
C ASP G 108 40.15 -12.02 -35.51
N LEU G 109 41.45 -12.15 -35.72
CA LEU G 109 42.44 -11.75 -34.74
C LEU G 109 42.96 -10.35 -35.08
N ILE G 110 44.00 -9.91 -34.37
CA ILE G 110 44.65 -8.63 -34.62
C ILE G 110 46.09 -8.91 -35.03
N SER G 111 46.63 -8.06 -35.90
CA SER G 111 47.95 -8.31 -36.48
C SER G 111 49.05 -8.16 -35.44
N ASP G 112 48.96 -7.13 -34.59
CA ASP G 112 50.06 -6.78 -33.69
C ASP G 112 49.86 -7.32 -32.28
N LYS G 113 49.16 -8.44 -32.13
CA LYS G 113 48.94 -9.06 -30.83
C LYS G 113 49.45 -10.49 -30.85
N ARG G 114 49.33 -11.16 -29.71
CA ARG G 114 49.80 -12.52 -29.53
C ARG G 114 48.77 -13.34 -28.77
N TYR G 115 48.58 -14.60 -29.18
CA TYR G 115 47.60 -15.49 -28.56
C TYR G 115 48.19 -16.87 -28.41
N ASP G 116 48.17 -17.43 -27.21
CA ASP G 116 48.76 -18.74 -26.95
C ASP G 116 47.72 -19.71 -26.42
N LEU G 117 47.81 -20.95 -26.88
CA LEU G 117 46.91 -22.03 -26.47
C LEU G 117 47.69 -23.13 -25.77
N HIS G 118 47.09 -23.67 -24.71
CA HIS G 118 47.67 -24.80 -23.98
C HIS G 118 46.57 -25.82 -23.70
N GLY G 119 46.98 -27.08 -23.54
CA GLY G 119 46.04 -28.17 -23.30
C GLY G 119 46.27 -28.79 -21.93
N ILE G 120 45.20 -29.26 -21.31
CA ILE G 120 45.24 -29.90 -20.00
C ILE G 120 44.49 -31.22 -20.10
N GLU G 121 45.16 -32.31 -19.70
CA GLU G 121 44.60 -33.65 -19.72
C GLU G 121 44.50 -34.19 -18.30
N GLU G 122 43.59 -35.14 -18.10
CA GLU G 122 43.26 -35.62 -16.76
C GLU G 122 43.28 -37.14 -16.71
N PRO G 123 43.50 -37.72 -15.53
CA PRO G 123 43.51 -39.19 -15.42
C PRO G 123 42.19 -39.84 -15.77
N GLN G 124 41.07 -39.16 -15.56
CA GLN G 124 39.77 -39.74 -15.87
C GLN G 124 39.35 -39.40 -17.30
N GLN G 125 38.53 -40.28 -17.88
CA GLN G 125 37.93 -40.05 -19.18
C GLN G 125 36.42 -40.10 -19.04
N THR G 126 35.73 -39.21 -19.77
CA THR G 126 34.30 -39.05 -19.62
C THR G 126 33.64 -38.93 -20.98
N ASN G 127 32.32 -39.08 -20.99
CA ASN G 127 31.54 -39.00 -22.21
C ASN G 127 30.70 -37.73 -22.30
N ASN G 128 30.41 -37.08 -21.18
CA ASN G 128 29.61 -35.85 -21.19
C ASN G 128 30.48 -34.68 -21.61
N LEU G 129 29.99 -33.89 -22.56
CA LEU G 129 30.72 -32.76 -23.11
C LEU G 129 29.88 -31.49 -23.02
N PHE G 130 30.57 -30.36 -23.16
CA PHE G 130 29.97 -29.03 -23.12
C PHE G 130 29.76 -28.52 -24.53
N PHE G 131 28.53 -28.10 -24.84
CA PHE G 131 28.17 -27.53 -26.13
C PHE G 131 27.79 -26.07 -25.94
N PHE G 132 28.23 -25.23 -26.86
CA PHE G 132 27.92 -23.81 -26.85
C PHE G 132 27.04 -23.46 -28.04
N GLU G 133 25.88 -22.86 -27.77
CA GLU G 133 24.96 -22.42 -28.80
C GLU G 133 24.71 -20.93 -28.67
N GLN G 134 24.16 -20.34 -29.73
CA GLN G 134 23.93 -18.90 -29.78
C GLN G 134 22.51 -18.60 -30.22
N LYS G 135 21.86 -17.71 -29.48
CA LYS G 135 20.55 -17.17 -29.84
C LYS G 135 20.69 -15.65 -29.98
N SER G 136 19.81 -15.06 -30.78
CA SER G 136 19.94 -13.64 -31.09
C SER G 136 18.58 -12.99 -31.23
N VAL G 137 18.53 -11.70 -30.90
CA VAL G 137 17.36 -10.86 -31.08
C VAL G 137 17.76 -9.72 -32.00
N ALA G 138 17.03 -9.55 -33.10
CA ALA G 138 17.38 -8.58 -34.11
C ALA G 138 17.21 -7.15 -33.60
N SER G 139 17.72 -6.20 -34.39
CA SER G 139 17.72 -4.80 -34.00
C SER G 139 16.40 -4.09 -34.29
N GLU G 140 15.44 -4.77 -34.90
CA GLU G 140 14.16 -4.15 -35.22
C GLU G 140 13.00 -4.72 -34.41
N GLU G 141 13.12 -5.95 -33.91
CA GLU G 141 12.06 -6.55 -33.13
C GLU G 141 11.93 -5.86 -31.78
N PHE G 142 10.70 -5.83 -31.26
CA PHE G 142 10.42 -5.23 -29.96
C PHE G 142 10.44 -6.27 -28.84
N ASN G 143 9.63 -7.30 -28.96
CA ASN G 143 9.49 -8.33 -27.93
C ASN G 143 9.91 -9.66 -28.52
N LYS G 144 10.69 -10.43 -27.77
CA LYS G 144 11.19 -11.71 -28.25
C LYS G 144 11.07 -12.77 -27.17
N LYS G 145 10.74 -13.99 -27.60
CA LYS G 145 10.68 -15.15 -26.71
C LYS G 145 11.75 -16.16 -27.10
N ILE G 146 12.52 -16.59 -26.13
CA ILE G 146 13.65 -17.49 -26.35
C ILE G 146 13.50 -18.71 -25.43
N ASP G 147 13.76 -19.88 -26.00
CA ASP G 147 13.71 -21.13 -25.27
C ASP G 147 15.10 -21.44 -24.71
N VAL G 148 15.18 -21.57 -23.39
CA VAL G 148 16.45 -21.86 -22.72
C VAL G 148 16.28 -23.09 -21.85
N GLN G 149 15.39 -23.99 -22.25
CA GLN G 149 15.16 -25.20 -21.49
C GLN G 149 16.35 -26.14 -21.62
N GLY G 150 16.79 -26.69 -20.50
CA GLY G 150 17.89 -27.63 -20.48
C GLY G 150 19.27 -27.01 -20.34
N PHE G 151 19.37 -25.69 -20.38
CA PHE G 151 20.65 -25.00 -20.26
C PHE G 151 20.90 -24.60 -18.82
N ASP G 152 22.18 -24.46 -18.47
CA ASP G 152 22.58 -24.14 -17.12
C ASP G 152 23.38 -22.84 -17.00
N LEU G 153 23.54 -22.08 -18.09
CA LEU G 153 24.23 -20.80 -18.03
C LEU G 153 23.94 -20.04 -19.32
N ALA G 154 23.89 -18.72 -19.21
CA ALA G 154 23.70 -17.87 -20.38
C ALA G 154 24.52 -16.61 -20.21
N ILE G 155 24.90 -16.01 -21.34
CA ILE G 155 25.63 -14.75 -21.34
C ILE G 155 24.90 -13.81 -22.28
N MET G 156 24.55 -12.63 -21.78
CA MET G 156 23.74 -11.67 -22.51
C MET G 156 24.56 -10.43 -22.83
N THR G 157 24.36 -9.89 -24.04
CA THR G 157 24.93 -8.60 -24.39
C THR G 157 24.20 -7.49 -23.64
N VAL G 158 24.94 -6.70 -22.86
CA VAL G 158 24.35 -5.62 -22.08
C VAL G 158 24.24 -4.39 -22.97
N ASP G 159 23.01 -3.95 -23.19
CA ASP G 159 22.73 -2.76 -23.99
C ASP G 159 21.71 -1.90 -23.27
N ASP G 160 21.77 -0.59 -23.51
CA ASP G 160 20.82 0.33 -22.91
C ASP G 160 19.42 0.18 -23.48
N SER G 161 19.27 -0.46 -24.64
CA SER G 161 17.96 -0.63 -25.24
C SER G 161 17.10 -1.57 -24.41
N VAL G 162 17.72 -2.58 -23.76
CA VAL G 162 16.96 -3.58 -23.03
C VAL G 162 16.26 -2.93 -21.85
N SER G 163 14.96 -3.17 -21.73
CA SER G 163 14.17 -2.59 -20.66
C SER G 163 13.78 -3.65 -19.63
N ASP G 164 13.20 -4.75 -20.09
CA ASP G 164 12.65 -5.76 -19.19
C ASP G 164 13.04 -7.15 -19.64
N LEU G 165 13.17 -8.07 -18.68
CA LEU G 165 13.51 -9.44 -19.01
C LEU G 165 12.83 -10.36 -18.01
N SER G 166 12.03 -11.31 -18.48
CA SER G 166 11.20 -12.13 -17.62
C SER G 166 11.55 -13.60 -17.79
N TYR G 167 11.60 -14.31 -16.68
CA TYR G 167 11.83 -15.75 -16.64
C TYR G 167 10.51 -16.50 -16.56
N GLN G 168 10.51 -17.73 -17.03
CA GLN G 168 9.43 -18.67 -16.78
C GLN G 168 10.04 -19.93 -16.18
N TYR G 169 9.59 -20.33 -15.00
CA TYR G 169 10.20 -21.44 -14.29
C TYR G 169 9.48 -22.75 -14.59
N SER G 170 10.04 -23.83 -14.05
CA SER G 170 9.51 -25.16 -14.35
C SER G 170 8.10 -25.35 -13.79
N ASN G 171 7.75 -24.64 -12.72
CA ASN G 171 6.44 -24.78 -12.11
C ASN G 171 5.40 -23.83 -12.68
N GLY G 172 5.75 -23.02 -13.69
CA GLY G 172 4.79 -22.20 -14.40
C GLY G 172 4.80 -20.74 -14.02
N GLN G 173 5.44 -20.36 -12.93
CA GLN G 173 5.45 -18.96 -12.52
C GLN G 173 6.29 -18.12 -13.45
N VAL G 174 5.95 -16.84 -13.55
CA VAL G 174 6.68 -15.89 -14.38
C VAL G 174 7.11 -14.72 -13.50
N VAL G 175 8.40 -14.42 -13.52
CA VAL G 175 8.99 -13.35 -12.73
C VAL G 175 9.60 -12.35 -13.69
N LYS G 176 9.48 -11.06 -13.37
CA LYS G 176 9.96 -9.99 -14.22
C LYS G 176 11.13 -9.28 -13.56
N TYR G 177 12.19 -9.02 -14.33
CA TYR G 177 13.41 -8.43 -13.82
C TYR G 177 13.80 -7.23 -14.66
N LEU G 178 14.45 -6.29 -14.00
CA LEU G 178 15.14 -5.15 -14.57
C LEU G 178 16.61 -5.48 -14.77
N PRO G 179 17.30 -4.76 -15.65
CA PRO G 179 18.75 -5.00 -15.80
C PRO G 179 19.52 -4.81 -14.51
N PHE G 180 19.15 -3.83 -13.69
CA PHE G 180 19.85 -3.60 -12.44
C PHE G 180 19.69 -4.77 -11.48
N GLU G 181 18.46 -5.28 -11.35
CA GLU G 181 18.22 -6.43 -10.49
C GLU G 181 18.93 -7.67 -11.02
N LEU G 182 18.94 -7.87 -12.34
CA LEU G 182 19.65 -9.00 -12.90
C LEU G 182 21.14 -8.91 -12.60
N GLN G 183 21.74 -7.72 -12.75
CA GLN G 183 23.15 -7.55 -12.46
C GLN G 183 23.45 -7.80 -11.00
N THR G 184 22.60 -7.30 -10.10
CA THR G 184 22.84 -7.51 -8.67
C THR G 184 22.74 -8.99 -8.29
N LEU G 185 21.71 -9.69 -8.80
CA LEU G 185 21.59 -11.11 -8.52
C LEU G 185 22.74 -11.90 -9.13
N SER G 186 23.28 -11.44 -10.25
CA SER G 186 24.42 -12.12 -10.86
C SER G 186 25.66 -11.96 -10.00
N ARG G 187 25.97 -10.74 -9.57
CA ARG G 187 27.15 -10.51 -8.75
C ARG G 187 26.99 -11.06 -7.34
N ASP G 188 25.77 -11.34 -6.90
CA ASP G 188 25.58 -11.92 -5.57
C ASP G 188 26.23 -13.29 -5.46
N ILE G 189 26.24 -14.05 -6.56
CA ILE G 189 26.86 -15.38 -6.54
C ILE G 189 28.38 -15.26 -6.72
N ASP G 190 28.82 -14.70 -7.84
CA ASP G 190 30.24 -14.51 -8.11
C ASP G 190 30.57 -13.02 -8.05
N PRO G 191 31.13 -12.53 -6.94
CA PRO G 191 31.38 -11.09 -6.85
C PRO G 191 32.51 -10.59 -7.74
N ILE G 192 33.55 -11.39 -7.92
CA ILE G 192 34.75 -10.97 -8.63
C ILE G 192 34.83 -11.73 -9.95
N GLN G 193 34.94 -10.99 -11.05
CA GLN G 193 35.02 -11.60 -12.37
C GLN G 193 36.43 -11.67 -12.93
N ALA G 194 37.29 -10.72 -12.57
CA ALA G 194 38.67 -10.78 -13.04
C ALA G 194 39.56 -9.99 -12.10
N VAL G 195 40.85 -10.34 -12.10
CA VAL G 195 41.87 -9.64 -11.34
C VAL G 195 42.92 -9.14 -12.32
N LEU G 196 43.22 -7.84 -12.26
CA LEU G 196 44.15 -7.24 -13.19
C LEU G 196 45.59 -7.42 -12.71
N SER G 197 46.53 -6.94 -13.52
CA SER G 197 47.94 -7.14 -13.23
C SER G 197 48.42 -6.19 -12.14
N ASP G 198 47.92 -4.95 -12.13
CA ASP G 198 48.38 -3.99 -11.14
C ASP G 198 47.88 -4.31 -9.74
N GLY G 199 46.82 -5.11 -9.64
CA GLY G 199 46.31 -5.52 -8.35
C GLY G 199 44.83 -5.26 -8.17
N LYS G 200 44.26 -4.41 -9.01
CA LYS G 200 42.85 -4.08 -8.89
C LYS G 200 41.97 -5.22 -9.40
N VAL G 201 40.76 -5.30 -8.85
CA VAL G 201 39.79 -6.32 -9.22
C VAL G 201 38.68 -5.65 -10.03
N VAL G 202 38.06 -6.43 -10.91
CA VAL G 202 36.93 -5.96 -11.70
C VAL G 202 35.81 -6.98 -11.57
N GLN G 203 34.63 -6.50 -11.17
CA GLN G 203 33.50 -7.35 -10.84
C GLN G 203 32.64 -7.70 -12.03
N GLY G 204 32.85 -7.09 -13.18
CA GLY G 204 32.08 -7.40 -14.35
C GLY G 204 32.34 -6.47 -15.51
N LEU G 205 32.26 -6.99 -16.72
CA LEU G 205 32.42 -6.17 -17.91
C LEU G 205 31.22 -5.24 -18.07
N THR G 206 31.48 -4.09 -18.69
CA THR G 206 30.45 -3.08 -18.86
C THR G 206 29.52 -3.38 -20.03
N ASP G 207 29.78 -4.45 -20.79
CA ASP G 207 28.95 -4.79 -21.93
C ASP G 207 28.55 -6.26 -21.99
N ARG G 208 28.74 -7.03 -20.92
CA ARG G 208 28.34 -8.44 -20.89
C ARG G 208 27.79 -8.76 -19.51
N LEU G 209 26.83 -9.69 -19.46
CA LEU G 209 26.24 -10.13 -18.20
C LEU G 209 26.13 -11.64 -18.21
N THR G 210 26.30 -12.26 -17.04
CA THR G 210 26.24 -13.71 -16.90
C THR G 210 25.01 -14.08 -16.06
N LEU G 211 24.22 -15.02 -16.56
CA LEU G 211 22.96 -15.42 -15.94
C LEU G 211 22.99 -16.90 -15.64
N PRO G 212 22.91 -17.32 -14.38
CA PRO G 212 22.77 -18.75 -14.08
C PRO G 212 21.30 -19.16 -14.16
N LEU G 213 20.99 -20.05 -15.11
CA LEU G 213 19.63 -20.51 -15.34
C LEU G 213 19.41 -21.79 -14.53
N VAL G 214 18.61 -21.67 -13.47
CA VAL G 214 18.26 -22.81 -12.62
C VAL G 214 16.76 -23.00 -12.70
N ALA G 215 16.33 -24.14 -13.24
CA ALA G 215 14.91 -24.45 -13.40
C ALA G 215 14.17 -23.37 -14.18
N VAL G 216 14.82 -22.86 -15.22
CA VAL G 216 14.25 -21.84 -16.09
C VAL G 216 14.04 -22.46 -17.47
N VAL G 217 12.81 -22.38 -17.97
CA VAL G 217 12.44 -23.01 -19.24
C VAL G 217 12.15 -22.01 -20.34
N GLY G 218 12.18 -20.72 -20.06
CA GLY G 218 11.93 -19.74 -21.11
C GLY G 218 12.25 -18.33 -20.64
N ILE G 219 12.64 -17.49 -21.59
CA ILE G 219 12.99 -16.10 -21.33
C ILE G 219 12.20 -15.22 -22.30
N GLU G 220 11.69 -14.11 -21.82
CA GLU G 220 11.04 -13.11 -22.67
C GLU G 220 11.76 -11.79 -22.48
N ILE G 221 12.29 -11.24 -23.58
CA ILE G 221 13.04 -10.00 -23.55
C ILE G 221 12.21 -8.90 -24.21
N ASN G 222 12.15 -7.75 -23.55
CA ASN G 222 11.40 -6.59 -24.02
C ASN G 222 12.34 -5.40 -24.05
N LYS G 223 12.51 -4.82 -25.24
CA LYS G 223 13.47 -3.75 -25.45
C LYS G 223 12.91 -2.77 -26.47
N SER G 224 13.70 -1.76 -26.80
CA SER G 224 13.40 -0.81 -27.86
C SER G 224 14.37 -1.05 -29.02
N GLN G 225 14.08 -0.42 -30.15
CA GLN G 225 14.90 -0.63 -31.34
C GLN G 225 16.24 0.08 -31.21
N GLY G 226 17.20 -0.38 -32.01
CA GLY G 226 18.50 0.27 -32.05
C GLY G 226 19.71 -0.64 -32.17
N SER G 227 19.65 -1.85 -31.62
CA SER G 227 20.81 -2.73 -31.65
C SER G 227 20.38 -4.18 -31.53
N ILE G 228 21.31 -5.07 -31.87
CA ILE G 228 21.10 -6.52 -31.80
C ILE G 228 21.53 -7.00 -30.43
N ILE G 229 20.76 -7.91 -29.84
CA ILE G 229 21.08 -8.50 -28.55
C ILE G 229 21.46 -9.95 -28.76
N ASN G 230 22.51 -10.41 -28.09
CA ASN G 230 23.04 -11.76 -28.28
C ASN G 230 23.04 -12.52 -26.97
N PHE G 231 22.65 -13.79 -27.04
CA PHE G 231 22.70 -14.73 -25.92
C PHE G 231 23.59 -15.89 -26.32
N VAL G 232 24.52 -16.26 -25.45
CA VAL G 232 25.37 -17.42 -25.64
C VAL G 232 25.07 -18.39 -24.51
N VAL G 233 24.62 -19.60 -24.86
CA VAL G 233 24.18 -20.57 -23.86
C VAL G 233 25.07 -21.80 -23.94
N ARG G 234 25.15 -22.52 -22.83
CA ARG G 234 26.01 -23.68 -22.68
C ARG G 234 25.24 -24.83 -22.06
N CYS G 235 25.40 -26.02 -22.63
CA CYS G 235 24.70 -27.21 -22.15
C CYS G 235 25.68 -28.35 -22.01
N LEU G 236 25.28 -29.36 -21.25
CA LEU G 236 26.08 -30.55 -21.01
C LEU G 236 25.30 -31.77 -21.47
N LYS G 237 25.90 -32.57 -22.35
CA LYS G 237 25.19 -33.74 -22.86
C LYS G 237 26.18 -34.80 -23.31
N THR G 238 25.66 -36.03 -23.44
CA THR G 238 26.47 -37.19 -23.79
C THR G 238 26.51 -37.35 -25.30
N VAL G 239 27.71 -37.63 -25.83
CA VAL G 239 27.88 -37.83 -27.26
C VAL G 239 28.19 -39.29 -27.55
N MET H 1 -47.53 4.54 -95.02
CA MET H 1 -47.60 3.85 -93.74
C MET H 1 -46.22 3.37 -93.31
N ASN H 2 -45.67 3.99 -92.26
CA ASN H 2 -44.37 3.61 -91.72
C ASN H 2 -44.58 2.86 -90.41
N PHE H 3 -43.98 1.67 -90.32
CA PHE H 3 -44.20 0.84 -89.14
C PHE H 3 -43.00 -0.07 -88.92
N ILE H 4 -42.83 -0.50 -87.68
CA ILE H 4 -41.71 -1.35 -87.30
C ILE H 4 -42.24 -2.65 -86.73
N GLN H 5 -41.53 -3.74 -87.06
CA GLN H 5 -41.77 -5.05 -86.50
C GLN H 5 -40.74 -5.29 -85.40
N TYR H 6 -41.21 -5.60 -84.19
CA TYR H 6 -40.35 -5.76 -83.04
C TYR H 6 -40.89 -6.89 -82.15
N ILE H 7 -40.00 -7.45 -81.34
CA ILE H 7 -40.35 -8.53 -80.43
C ILE H 7 -40.37 -7.97 -79.01
N ASP H 8 -41.40 -8.36 -78.25
CA ASP H 8 -41.53 -7.92 -76.86
C ASP H 8 -40.64 -8.78 -75.97
N ASP H 9 -40.84 -8.68 -74.65
CA ASP H 9 -40.03 -9.45 -73.71
C ASP H 9 -40.26 -10.94 -73.90
N SER H 10 -41.50 -11.36 -74.14
CA SER H 10 -41.86 -12.77 -74.25
C SER H 10 -41.64 -13.33 -75.65
N TYR H 11 -40.83 -12.67 -76.46
CA TYR H 11 -40.48 -13.15 -77.81
C TYR H 11 -41.72 -13.33 -78.68
N ALA H 12 -42.53 -12.28 -78.75
CA ALA H 12 -43.73 -12.25 -79.59
C ALA H 12 -43.61 -11.11 -80.58
N VAL H 13 -43.83 -11.42 -81.86
CA VAL H 13 -43.69 -10.43 -82.92
C VAL H 13 -44.90 -9.51 -82.92
N LYS H 14 -44.65 -8.20 -82.98
CA LYS H 14 -45.70 -7.20 -83.00
C LYS H 14 -45.29 -6.07 -83.93
N VAL H 15 -46.28 -5.27 -84.31
CA VAL H 15 -46.11 -4.18 -85.27
C VAL H 15 -46.57 -2.89 -84.61
N LYS H 16 -45.75 -1.84 -84.72
CA LYS H 16 -46.10 -0.54 -84.17
C LYS H 16 -45.81 0.55 -85.20
N GLU H 17 -46.75 1.48 -85.33
CA GLU H 17 -46.60 2.56 -86.29
C GLU H 17 -45.58 3.59 -85.82
N ILE H 18 -45.10 4.40 -86.75
CA ILE H 18 -44.10 5.44 -86.49
C ILE H 18 -44.74 6.80 -86.68
N ASN H 19 -44.43 7.72 -85.78
CA ASN H 19 -44.89 9.10 -85.89
C ASN H 19 -43.87 9.89 -86.71
N SER H 20 -44.29 10.37 -87.88
CA SER H 20 -43.41 11.04 -88.81
C SER H 20 -43.23 12.53 -88.52
N SER H 21 -43.91 13.06 -87.51
CA SER H 21 -43.77 14.48 -87.18
C SER H 21 -42.37 14.77 -86.65
N GLU H 22 -41.81 15.90 -87.11
CA GLU H 22 -40.46 16.35 -86.74
C GLU H 22 -39.45 15.21 -86.70
N GLY H 23 -39.45 14.41 -87.77
CA GLY H 23 -38.56 13.27 -87.88
C GLY H 23 -39.27 11.97 -87.58
N PHE H 24 -38.49 10.89 -87.58
CA PHE H 24 -38.99 9.55 -87.33
C PHE H 24 -38.54 9.11 -85.94
N TYR H 25 -39.49 8.82 -85.07
CA TYR H 25 -39.18 8.46 -83.70
C TYR H 25 -40.22 7.48 -83.18
N ILE H 26 -39.81 6.67 -82.22
CA ILE H 26 -40.68 5.68 -81.58
C ILE H 26 -40.46 5.73 -80.08
N ASN H 27 -41.54 5.56 -79.32
CA ASN H 27 -41.48 5.57 -77.87
C ASN H 27 -42.71 4.86 -77.32
N GLY H 28 -42.73 4.68 -76.00
CA GLY H 28 -43.85 4.05 -75.34
C GLY H 28 -44.08 2.60 -75.66
N ILE H 29 -43.01 1.80 -75.69
CA ILE H 29 -43.16 0.37 -75.93
C ILE H 29 -43.81 -0.32 -74.74
N GLN H 30 -43.50 0.15 -73.52
CA GLN H 30 -43.99 -0.31 -72.23
C GLN H 30 -43.35 -1.62 -71.79
N THR H 31 -42.55 -2.27 -72.62
CA THR H 31 -41.88 -3.52 -72.28
C THR H 31 -40.51 -3.52 -72.95
N PRO H 32 -39.56 -4.31 -72.42
CA PRO H 32 -38.29 -4.49 -73.13
C PRO H 32 -38.53 -5.04 -74.53
N PHE H 33 -37.79 -4.50 -75.50
CA PHE H 33 -38.07 -4.81 -76.89
C PHE H 33 -36.78 -4.85 -77.68
N PHE H 34 -36.85 -5.55 -78.82
CA PHE H 34 -35.73 -5.67 -79.76
C PHE H 34 -36.30 -5.41 -81.15
N ILE H 35 -35.88 -4.31 -81.77
CA ILE H 35 -36.42 -3.94 -83.07
C ILE H 35 -35.90 -4.91 -84.13
N LEU H 36 -36.82 -5.45 -84.93
CA LEU H 36 -36.47 -6.43 -85.96
C LEU H 36 -36.42 -5.81 -87.35
N SER H 37 -37.45 -5.07 -87.75
CA SER H 37 -37.51 -4.57 -89.12
C SER H 37 -38.23 -3.23 -89.15
N VAL H 38 -37.92 -2.45 -90.18
CA VAL H 38 -38.51 -1.13 -90.40
C VAL H 38 -39.09 -1.09 -91.80
N PHE H 39 -40.30 -0.56 -91.93
CA PHE H 39 -41.00 -0.45 -93.21
C PHE H 39 -41.40 1.01 -93.41
N ILE H 40 -40.93 1.59 -94.51
CA ILE H 40 -41.26 2.96 -94.89
C ILE H 40 -41.98 2.92 -96.24
N GLY H 41 -43.18 3.47 -96.29
CA GLY H 41 -43.96 3.44 -97.51
C GLY H 41 -44.33 2.03 -97.96
N ASN H 42 -44.67 1.17 -97.01
CA ASN H 42 -45.07 -0.22 -97.28
C ASN H 42 -43.97 -0.99 -98.02
N LYS H 43 -42.72 -0.61 -97.80
CA LYS H 43 -41.57 -1.30 -98.38
C LYS H 43 -40.47 -1.40 -97.34
N ARG H 44 -39.61 -2.41 -97.51
CA ARG H 44 -38.50 -2.63 -96.60
C ARG H 44 -37.30 -1.81 -97.02
N VAL H 45 -36.67 -1.18 -96.04
CA VAL H 45 -35.53 -0.30 -96.27
C VAL H 45 -34.31 -0.84 -95.54
N THR H 46 -33.13 -0.49 -96.04
CA THR H 46 -31.87 -0.91 -95.45
C THR H 46 -30.94 0.30 -95.31
N GLY H 47 -29.97 0.17 -94.41
CA GLY H 47 -29.03 1.24 -94.16
C GLY H 47 -29.46 2.25 -93.13
N VAL H 48 -30.47 1.94 -92.32
CA VAL H 48 -30.93 2.87 -91.30
C VAL H 48 -29.96 2.86 -90.11
N GLU H 49 -30.05 3.92 -89.31
CA GLU H 49 -29.21 4.04 -88.12
C GLU H 49 -29.89 4.97 -87.14
N PHE H 50 -29.44 4.91 -85.88
CA PHE H 50 -29.96 5.76 -84.83
C PHE H 50 -28.94 6.87 -84.54
N ASN H 51 -29.43 8.11 -84.45
CA ASN H 51 -28.57 9.24 -84.16
C ASN H 51 -28.44 9.54 -82.67
N ASN H 52 -29.16 8.80 -81.82
CA ASN H 52 -29.07 8.99 -80.38
C ASN H 52 -28.89 7.71 -79.59
N TYR H 53 -29.11 6.55 -80.20
CA TYR H 53 -28.99 5.26 -79.53
C TYR H 53 -27.93 4.44 -80.23
N ASP H 54 -26.95 3.94 -79.46
CA ASP H 54 -25.85 3.15 -79.99
C ASP H 54 -26.12 1.69 -79.68
N SER H 55 -26.42 0.89 -80.72
CA SER H 55 -26.71 -0.53 -80.55
C SER H 55 -26.42 -1.23 -81.86
N LEU H 56 -25.26 -1.88 -81.93
CA LEU H 56 -24.89 -2.62 -83.14
C LEU H 56 -25.82 -3.80 -83.45
N PRO H 57 -26.21 -4.66 -82.49
CA PRO H 57 -27.01 -5.84 -82.88
C PRO H 57 -28.32 -5.52 -83.58
N MET H 58 -29.05 -4.50 -83.13
CA MET H 58 -30.31 -4.17 -83.80
C MET H 58 -30.06 -3.65 -85.22
N LEU H 59 -28.98 -2.87 -85.40
CA LEU H 59 -28.64 -2.43 -86.74
C LEU H 59 -28.31 -3.62 -87.64
N SER H 60 -27.55 -4.59 -87.12
CA SER H 60 -27.20 -5.76 -87.90
C SER H 60 -28.44 -6.56 -88.27
N VAL H 61 -29.39 -6.71 -87.33
CA VAL H 61 -30.60 -7.47 -87.62
C VAL H 61 -31.46 -6.73 -88.65
N ILE H 62 -31.61 -5.42 -88.49
CA ILE H 62 -32.47 -4.65 -89.40
C ILE H 62 -31.90 -4.66 -90.81
N ASN H 63 -30.59 -4.45 -90.93
CA ASN H 63 -30.00 -4.27 -92.26
C ASN H 63 -30.07 -5.55 -93.09
N ASP H 64 -30.01 -6.71 -92.46
CA ASP H 64 -30.13 -7.97 -93.20
C ASP H 64 -31.55 -8.14 -93.73
N LEU H 65 -31.65 -8.64 -94.96
CA LEU H 65 -32.94 -8.82 -95.61
C LEU H 65 -33.49 -10.23 -95.53
N GLY H 66 -32.62 -11.23 -95.39
CA GLY H 66 -33.08 -12.60 -95.31
C GLY H 66 -33.78 -12.90 -94.00
N ASN H 67 -34.46 -14.04 -93.97
CA ASN H 67 -35.13 -14.49 -92.76
C ASN H 67 -34.13 -14.76 -91.65
N ILE H 68 -34.53 -14.46 -90.41
CA ILE H 68 -33.65 -14.61 -89.27
C ILE H 68 -34.28 -15.58 -88.28
N ASP H 69 -33.45 -16.07 -87.36
CA ASP H 69 -33.86 -16.99 -86.31
C ASP H 69 -33.85 -16.25 -84.98
N LEU H 70 -34.91 -16.41 -84.20
CA LEU H 70 -35.03 -15.73 -82.92
C LEU H 70 -34.33 -16.45 -81.78
N ASN H 71 -33.72 -17.61 -82.05
CA ASN H 71 -33.04 -18.38 -81.01
C ASN H 71 -31.60 -17.94 -80.78
N VAL H 72 -31.08 -17.00 -81.58
CA VAL H 72 -29.68 -16.63 -81.48
C VAL H 72 -29.44 -15.32 -80.73
N ILE H 73 -30.48 -14.50 -80.55
CA ILE H 73 -30.35 -13.22 -79.87
C ILE H 73 -30.69 -13.41 -78.40
N PRO H 74 -29.82 -13.04 -77.47
CA PRO H 74 -30.11 -13.24 -76.04
C PRO H 74 -30.89 -12.08 -75.43
N GLN H 75 -31.16 -12.18 -74.12
CA GLN H 75 -31.84 -11.10 -73.40
C GLN H 75 -30.95 -9.89 -73.21
N ASN H 76 -29.64 -10.02 -73.40
CA ASN H 76 -28.73 -8.90 -73.19
C ASN H 76 -29.00 -7.76 -74.17
N TYR H 77 -29.27 -8.09 -75.43
CA TYR H 77 -29.41 -7.07 -76.46
C TYR H 77 -30.72 -6.31 -76.36
N PHE H 78 -31.66 -6.73 -75.51
CA PHE H 78 -32.94 -6.08 -75.40
C PHE H 78 -32.78 -4.67 -74.82
N ALA H 79 -33.43 -3.71 -75.45
CA ALA H 79 -33.42 -2.34 -74.94
C ALA H 79 -34.42 -2.19 -73.80
N THR H 80 -34.15 -1.23 -72.92
CA THR H 80 -35.01 -1.00 -71.78
C THR H 80 -36.34 -0.39 -72.22
N ALA H 81 -37.36 -0.55 -71.39
CA ALA H 81 -38.70 -0.10 -71.72
C ALA H 81 -38.79 1.42 -71.68
N PHE H 82 -39.82 1.94 -72.36
CA PHE H 82 -40.09 3.38 -72.44
C PHE H 82 -38.88 4.15 -72.99
N THR H 83 -38.29 3.60 -74.06
CA THR H 83 -37.10 4.18 -74.66
C THR H 83 -37.46 4.96 -75.91
N GLU H 84 -36.91 6.16 -76.02
CA GLU H 84 -37.11 7.01 -77.19
C GLU H 84 -36.01 6.71 -78.21
N ILE H 85 -36.41 6.24 -79.39
CA ILE H 85 -35.46 5.86 -80.43
C ILE H 85 -35.78 6.63 -81.69
N TYR H 86 -34.77 7.29 -82.26
CA TYR H 86 -34.90 8.09 -83.46
C TYR H 86 -34.25 7.36 -84.65
N PHE H 87 -34.82 7.56 -85.83
CA PHE H 87 -34.36 6.90 -87.04
C PHE H 87 -33.76 7.93 -88.01
N ASN H 88 -32.71 7.52 -88.71
CA ASN H 88 -32.08 8.32 -89.76
C ASN H 88 -32.09 7.47 -91.03
N ILE H 89 -33.20 7.54 -91.77
CA ILE H 89 -33.35 6.75 -92.99
C ILE H 89 -32.78 7.52 -94.18
N PRO H 90 -31.90 6.91 -94.97
CA PRO H 90 -31.40 7.59 -96.16
C PRO H 90 -32.47 7.73 -97.23
N PHE H 91 -32.32 8.76 -98.06
CA PHE H 91 -33.24 8.99 -99.16
C PHE H 91 -32.60 9.82 -100.26
N UNK I 1 -37.46 -23.83 -78.86
CA UNK I 1 -38.01 -22.83 -77.95
C UNK I 1 -38.67 -21.70 -78.72
N UNK I 2 -37.90 -20.66 -79.02
CA UNK I 2 -38.43 -19.51 -79.74
C UNK I 2 -38.53 -19.82 -81.23
N UNK I 3 -39.65 -19.40 -81.84
CA UNK I 3 -39.89 -19.67 -83.24
C UNK I 3 -39.13 -18.69 -84.13
N UNK I 4 -38.97 -19.07 -85.39
CA UNK I 4 -38.25 -18.26 -86.35
C UNK I 4 -39.15 -17.17 -86.93
N UNK I 5 -38.53 -16.23 -87.62
CA UNK I 5 -39.25 -15.13 -88.24
C UNK I 5 -38.72 -14.84 -89.64
N MET J 1 -16.25 4.16 -10.53
CA MET J 1 -15.55 5.11 -9.68
C MET J 1 -14.36 5.73 -10.41
N LYS J 2 -13.92 6.90 -9.96
CA LYS J 2 -12.79 7.56 -10.57
C LYS J 2 -11.48 6.96 -10.06
N ILE J 3 -10.53 6.79 -10.98
CA ILE J 3 -9.25 6.18 -10.64
C ILE J 3 -8.21 7.27 -10.42
N ALA J 4 -7.91 8.05 -11.46
CA ALA J 4 -6.88 9.07 -11.35
C ALA J 4 -7.06 10.12 -12.43
N THR J 5 -6.42 11.26 -12.22
CA THR J 5 -6.31 12.33 -13.21
C THR J 5 -4.85 12.75 -13.27
N ILE J 6 -4.28 12.77 -14.47
CA ILE J 6 -2.86 13.02 -14.68
C ILE J 6 -2.71 14.28 -15.52
N THR J 7 -1.91 15.21 -15.02
CA THR J 7 -1.55 16.42 -15.75
C THR J 7 -0.17 16.87 -15.30
N GLY J 8 0.49 17.63 -16.16
CA GLY J 8 1.83 18.13 -15.83
C GLY J 8 2.98 17.15 -15.99
N VAL J 9 2.83 15.95 -15.43
CA VAL J 9 3.89 14.95 -15.48
C VAL J 9 3.80 14.18 -16.78
N THR J 10 4.89 13.49 -17.13
CA THR J 10 4.96 12.69 -18.35
C THR J 10 4.89 11.20 -18.07
N LYS J 11 4.58 10.79 -16.85
CA LYS J 11 4.52 9.37 -16.51
C LYS J 11 3.61 9.20 -15.31
N SER J 12 2.50 8.48 -15.50
CA SER J 12 1.57 8.22 -14.41
C SER J 12 2.14 7.17 -13.46
N PRO J 13 1.88 7.30 -12.17
CA PRO J 13 2.31 6.26 -11.23
C PRO J 13 1.53 4.97 -11.42
N GLU J 14 2.08 3.89 -10.88
CA GLU J 14 1.47 2.57 -11.01
C GLU J 14 0.21 2.53 -10.13
N LEU J 15 -0.94 2.82 -10.72
CA LEU J 15 -2.19 2.88 -9.99
C LEU J 15 -2.72 1.48 -9.70
N GLN J 16 -3.19 1.29 -8.47
CA GLN J 16 -3.70 0.01 -8.00
C GLN J 16 -5.20 0.10 -7.76
N VAL J 17 -5.93 -0.89 -8.26
CA VAL J 17 -7.38 -0.99 -8.08
C VAL J 17 -7.67 -2.30 -7.39
N THR J 18 -8.42 -2.24 -6.29
CA THR J 18 -8.83 -3.41 -5.54
C THR J 18 -10.28 -3.81 -5.82
N LYS J 19 -11.14 -2.86 -6.16
CA LYS J 19 -12.50 -3.19 -6.53
C LYS J 19 -12.53 -3.87 -7.90
N ALA J 20 -13.33 -4.92 -8.00
CA ALA J 20 -13.44 -5.68 -9.24
C ALA J 20 -14.16 -4.85 -10.29
N ILE J 21 -13.43 -4.35 -11.27
CA ILE J 21 -14.00 -3.53 -12.33
C ILE J 21 -14.15 -4.38 -13.58
N GLY J 22 -15.02 -3.94 -14.47
CA GLY J 22 -15.29 -4.67 -15.70
C GLY J 22 -14.79 -3.96 -16.95
N ALA J 23 -14.66 -2.64 -16.89
CA ALA J 23 -14.22 -1.88 -18.04
C ALA J 23 -13.54 -0.59 -17.58
N LEU J 24 -12.81 0.03 -18.50
CA LEU J 24 -12.13 1.28 -18.24
C LEU J 24 -12.74 2.38 -19.11
N ILE J 25 -12.64 3.62 -18.63
CA ILE J 25 -13.09 4.80 -19.36
C ILE J 25 -11.90 5.75 -19.44
N LEU J 26 -11.48 6.06 -20.67
CA LEU J 26 -10.35 6.93 -20.94
C LEU J 26 -10.87 8.23 -21.52
N SER J 27 -10.53 9.34 -20.88
CA SER J 27 -10.94 10.66 -21.32
C SER J 27 -9.75 11.59 -21.36
N SER J 28 -9.70 12.44 -22.37
CA SER J 28 -8.60 13.38 -22.53
C SER J 28 -9.07 14.56 -23.38
N ASP J 29 -8.30 15.63 -23.34
CA ASP J 29 -8.59 16.84 -24.08
C ASP J 29 -7.98 16.86 -25.48
N VAL J 30 -7.33 15.77 -25.88
CA VAL J 30 -6.75 15.64 -27.22
C VAL J 30 -7.60 14.65 -28.02
N ALA J 31 -7.81 14.95 -29.29
CA ALA J 31 -8.62 14.11 -30.14
C ALA J 31 -7.96 12.75 -30.36
N LEU J 32 -8.76 11.78 -30.80
CA LEU J 32 -8.25 10.44 -31.05
C LEU J 32 -7.17 10.45 -32.12
N SER J 33 -7.30 11.33 -33.11
CA SER J 33 -6.27 11.42 -34.16
C SER J 33 -4.99 12.08 -33.66
N ALA J 34 -5.06 12.86 -32.58
CA ALA J 34 -3.90 13.59 -32.10
C ALA J 34 -3.01 12.77 -31.18
N LEU J 35 -3.42 11.57 -30.79
CA LEU J 35 -2.58 10.72 -29.95
C LEU J 35 -1.37 10.25 -30.74
N THR J 36 -0.17 10.44 -30.17
CA THR J 36 1.07 10.15 -30.89
C THR J 36 1.87 9.02 -30.25
N THR J 37 2.23 9.13 -28.96
CA THR J 37 3.15 8.19 -28.35
C THR J 37 2.72 7.66 -26.99
N GLU J 38 1.52 8.00 -26.52
CA GLU J 38 1.08 7.55 -25.21
C GLU J 38 0.92 6.03 -25.19
N LYS J 39 1.32 5.42 -24.08
CA LYS J 39 1.28 3.97 -23.93
C LYS J 39 0.61 3.60 -22.62
N ILE J 40 -0.07 2.46 -22.62
CA ILE J 40 -0.81 1.96 -21.47
C ILE J 40 -0.36 0.52 -21.19
N SER J 41 -0.29 0.18 -19.90
CA SER J 41 0.05 -1.17 -19.46
C SER J 41 -0.88 -1.56 -18.34
N ILE J 42 -1.63 -2.64 -18.53
CA ILE J 42 -2.59 -3.14 -17.55
C ILE J 42 -2.23 -4.59 -17.25
N TYR J 43 -2.23 -4.94 -15.96
CA TYR J 43 -2.02 -6.34 -15.60
C TYR J 43 -2.70 -6.64 -14.26
N ILE J 44 -2.80 -7.93 -13.96
CA ILE J 44 -3.39 -8.42 -12.72
C ILE J 44 -2.26 -8.98 -11.87
N GLU J 45 -2.15 -8.46 -10.65
CA GLU J 45 -1.10 -8.84 -9.72
C GLU J 45 -1.67 -9.76 -8.65
N ARG J 46 -1.01 -10.89 -8.44
CA ARG J 46 -1.35 -11.84 -7.39
C ARG J 46 -0.29 -11.81 -6.31
N GLY J 47 -0.72 -11.83 -5.05
CA GLY J 47 0.23 -11.75 -3.95
C GLY J 47 1.18 -12.94 -3.90
N ASN J 48 0.65 -14.14 -4.12
CA ASN J 48 1.45 -15.38 -4.10
C ASN J 48 1.13 -16.17 -5.37
N GLY J 49 1.87 -15.89 -6.44
CA GLY J 49 1.64 -16.58 -7.69
C GLY J 49 2.32 -15.85 -8.83
N SER J 50 1.83 -16.14 -10.03
CA SER J 50 2.36 -15.57 -11.27
C SER J 50 1.44 -14.46 -11.76
N ASN J 51 2.04 -13.36 -12.23
CA ASN J 51 1.28 -12.23 -12.72
C ASN J 51 0.53 -12.59 -13.99
N VAL J 52 -0.56 -11.86 -14.24
CA VAL J 52 -1.36 -12.02 -15.45
C VAL J 52 -1.17 -10.76 -16.29
N ILE J 53 -0.55 -10.91 -17.46
CA ILE J 53 -0.22 -9.78 -18.31
C ILE J 53 -1.25 -9.69 -19.42
N LEU J 54 -2.02 -8.60 -19.42
CA LEU J 54 -3.03 -8.36 -20.45
C LEU J 54 -2.46 -7.48 -21.58
N ALA J 55 -2.02 -6.28 -21.22
CA ALA J 55 -1.39 -5.37 -22.17
C ALA J 55 -0.07 -4.88 -21.58
N ASN J 56 0.96 -4.82 -22.41
CA ASN J 56 2.29 -4.41 -21.98
C ASN J 56 2.78 -3.30 -22.91
N LYS J 57 2.68 -2.05 -22.43
CA LYS J 57 3.13 -0.88 -23.18
C LYS J 57 2.48 -0.81 -24.56
N VAL J 58 1.19 -1.09 -24.60
CA VAL J 58 0.43 -1.03 -25.85
C VAL J 58 0.07 0.41 -26.13
N LEU J 59 0.17 0.81 -27.40
CA LEU J 59 -0.21 2.17 -27.79
C LEU J 59 -1.66 2.45 -27.43
N LEU J 60 -1.89 3.65 -26.90
CA LEU J 60 -3.24 4.02 -26.48
C LEU J 60 -4.19 4.10 -27.67
N LYS J 61 -3.69 4.58 -28.82
CA LYS J 61 -4.51 4.64 -30.02
C LYS J 61 -4.95 3.23 -30.45
N ASP J 62 -4.02 2.29 -30.47
CA ASP J 62 -4.36 0.92 -30.84
C ASP J 62 -5.31 0.29 -29.82
N PHE J 63 -5.09 0.56 -28.53
CA PHE J 63 -5.97 0.04 -27.50
C PHE J 63 -7.40 0.54 -27.70
N ILE J 64 -7.56 1.83 -27.94
CA ILE J 64 -8.89 2.40 -28.14
C ILE J 64 -9.54 1.85 -29.40
N LEU J 65 -8.78 1.79 -30.50
CA LEU J 65 -9.33 1.28 -31.75
C LEU J 65 -9.73 -0.18 -31.65
N ALA J 66 -8.98 -0.98 -30.87
CA ALA J 66 -9.36 -2.37 -30.67
C ALA J 66 -10.61 -2.49 -29.81
N SER J 67 -10.68 -1.72 -28.73
CA SER J 67 -11.79 -1.86 -27.80
C SER J 67 -13.07 -1.17 -28.25
N THR J 68 -13.01 -0.29 -29.25
CA THR J 68 -14.20 0.44 -29.66
C THR J 68 -14.57 0.17 -31.12
N TYR J 69 -14.55 -1.10 -31.53
CA TYR J 69 -14.93 -1.50 -32.87
C TYR J 69 -16.30 -2.14 -32.84
N GLY J 70 -17.21 -1.65 -33.68
CA GLY J 70 -18.56 -2.18 -33.73
C GLY J 70 -19.62 -1.10 -33.77
N THR J 71 -20.75 -1.35 -33.11
CA THR J 71 -21.83 -0.37 -33.10
C THR J 71 -21.40 0.93 -32.40
N GLU J 72 -20.67 0.81 -31.30
CA GLU J 72 -20.25 1.97 -30.53
C GLU J 72 -19.08 2.67 -31.22
N ASN J 73 -18.55 3.70 -30.58
CA ASN J 73 -17.43 4.48 -31.09
C ASN J 73 -16.88 5.31 -29.94
N THR J 74 -15.96 6.22 -30.24
CA THR J 74 -15.43 7.15 -29.26
C THR J 74 -16.16 8.48 -29.42
N GLN J 75 -16.63 9.03 -28.31
CA GLN J 75 -17.42 10.26 -28.33
C GLN J 75 -16.62 11.42 -27.76
N SER J 76 -17.28 12.57 -27.64
CA SER J 76 -16.62 13.76 -27.12
C SER J 76 -17.65 14.70 -26.55
N ASP J 77 -17.22 15.52 -25.59
CA ASP J 77 -18.09 16.50 -24.96
C ASP J 77 -17.43 17.88 -24.95
N ALA J 78 -18.04 18.82 -24.25
CA ALA J 78 -17.43 20.15 -24.13
C ALA J 78 -16.15 20.10 -23.29
N ASP J 79 -16.20 19.40 -22.15
CA ASP J 79 -15.03 19.35 -21.27
C ASP J 79 -13.96 18.43 -21.83
N ASN J 80 -14.34 17.27 -22.36
CA ASN J 80 -13.40 16.28 -22.86
C ASN J 80 -13.51 16.18 -24.37
N ALA J 81 -12.36 16.24 -25.05
CA ALA J 81 -12.31 16.11 -26.49
C ALA J 81 -12.21 14.67 -26.95
N MET J 82 -12.10 13.71 -26.03
CA MET J 82 -12.05 12.30 -26.39
C MET J 82 -12.49 11.48 -25.20
N ILE J 83 -13.55 10.69 -25.37
CA ILE J 83 -14.05 9.77 -24.35
C ILE J 83 -14.24 8.41 -25.00
N ALA J 84 -13.65 7.38 -24.40
CA ALA J 84 -13.75 6.03 -24.92
C ALA J 84 -13.95 5.05 -23.77
N LEU J 85 -14.70 3.99 -24.04
CA LEU J 85 -14.94 2.91 -23.10
C LEU J 85 -14.32 1.64 -23.63
N CYS J 86 -13.46 1.01 -22.83
CA CYS J 86 -12.69 -0.16 -23.23
C CYS J 86 -13.06 -1.34 -22.34
N GLU J 87 -13.48 -2.44 -22.95
CA GLU J 87 -13.89 -3.61 -22.19
C GLU J 87 -12.67 -4.45 -21.80
N LEU J 88 -12.69 -4.96 -20.56
CA LEU J 88 -11.64 -5.82 -20.05
C LEU J 88 -12.02 -7.28 -19.99
N ALA J 89 -13.27 -7.59 -19.65
CA ALA J 89 -13.79 -8.94 -19.65
C ALA J 89 -14.84 -9.10 -20.74
N ASP J 90 -15.44 -10.29 -20.79
CA ASP J 90 -16.42 -10.58 -21.85
C ASP J 90 -17.78 -9.98 -21.54
N GLU J 91 -18.40 -10.41 -20.46
CA GLU J 91 -19.75 -9.95 -20.11
C GLU J 91 -19.86 -9.71 -18.61
N GLY J 92 -18.79 -9.22 -18.01
CA GLY J 92 -18.80 -8.97 -16.59
C GLY J 92 -17.53 -8.30 -16.13
N SER J 93 -17.25 -8.43 -14.84
CA SER J 93 -16.08 -7.86 -14.22
C SER J 93 -15.08 -8.96 -13.87
N ILE J 94 -13.80 -8.60 -13.85
CA ILE J 94 -12.76 -9.56 -13.49
C ILE J 94 -12.92 -9.97 -12.04
N TYR J 95 -12.83 -11.27 -11.78
CA TYR J 95 -13.04 -11.84 -10.46
C TYR J 95 -11.69 -11.99 -9.76
N LEU J 96 -11.55 -11.35 -8.60
CA LEU J 96 -10.34 -11.42 -7.80
C LEU J 96 -10.58 -12.44 -6.68
N ALA J 97 -9.75 -13.49 -6.64
CA ALA J 97 -10.04 -14.62 -5.76
C ALA J 97 -9.58 -14.38 -4.33
N ASP J 98 -8.26 -14.24 -4.12
CA ASP J 98 -7.74 -14.14 -2.76
C ASP J 98 -6.94 -12.87 -2.51
N LYS J 99 -5.92 -12.58 -3.32
CA LYS J 99 -5.09 -11.40 -3.12
C LYS J 99 -4.77 -10.75 -4.46
N GLU J 100 -5.76 -10.63 -5.32
CA GLU J 100 -5.57 -10.10 -6.66
C GLU J 100 -5.88 -8.61 -6.69
N SER J 101 -5.11 -7.88 -7.50
CA SER J 101 -5.33 -6.46 -7.71
C SER J 101 -5.08 -6.15 -9.19
N ILE J 102 -5.54 -4.98 -9.63
CA ILE J 102 -5.36 -4.54 -11.01
C ILE J 102 -4.41 -3.36 -11.02
N LYS J 103 -3.28 -3.51 -11.71
CA LYS J 103 -2.27 -2.47 -11.82
C LYS J 103 -2.34 -1.85 -13.20
N ILE J 104 -2.48 -0.52 -13.25
CA ILE J 104 -2.59 0.23 -14.49
C ILE J 104 -1.51 1.31 -14.50
N THR J 105 -0.84 1.48 -15.64
CA THR J 105 0.21 2.47 -15.77
C THR J 105 0.09 3.15 -17.13
N LEU J 106 0.25 4.48 -17.13
CA LEU J 106 0.30 5.27 -18.35
C LEU J 106 1.68 5.91 -18.48
N GLU J 107 2.28 5.82 -19.67
CA GLU J 107 3.62 6.33 -19.87
C GLU J 107 3.72 7.02 -21.22
N ASP J 108 4.81 7.77 -21.40
CA ASP J 108 5.05 8.57 -22.60
C ASP J 108 3.93 9.58 -22.83
N LEU J 109 3.52 10.25 -21.75
CA LEU J 109 2.49 11.27 -21.82
C LEU J 109 3.08 12.62 -22.18
N ILE J 110 2.23 13.51 -22.66
CA ILE J 110 2.62 14.87 -22.99
C ILE J 110 2.49 15.73 -21.75
N SER J 111 3.36 16.75 -21.64
CA SER J 111 3.45 17.52 -20.41
C SER J 111 2.17 18.30 -20.13
N ASP J 112 1.60 18.96 -21.14
CA ASP J 112 0.51 19.90 -20.95
C ASP J 112 -0.85 19.32 -21.31
N LYS J 113 -1.01 18.00 -21.20
CA LYS J 113 -2.27 17.34 -21.53
C LYS J 113 -2.82 16.63 -20.30
N ARG J 114 -4.15 16.52 -20.24
CA ARG J 114 -4.85 15.90 -19.12
C ARG J 114 -5.37 14.53 -19.55
N TYR J 115 -5.15 13.52 -18.69
CA TYR J 115 -5.61 12.16 -18.95
C TYR J 115 -6.33 11.65 -17.72
N ASP J 116 -7.61 11.31 -17.86
CA ASP J 116 -8.39 10.79 -16.75
C ASP J 116 -8.61 9.29 -16.91
N LEU J 117 -8.89 8.63 -15.80
CA LEU J 117 -9.21 7.21 -15.79
C LEU J 117 -10.45 6.97 -14.94
N HIS J 118 -11.38 6.17 -15.45
CA HIS J 118 -12.54 5.76 -14.69
C HIS J 118 -12.72 4.26 -14.80
N GLY J 119 -13.32 3.67 -13.77
CA GLY J 119 -13.57 2.24 -13.74
C GLY J 119 -15.06 1.95 -13.71
N ILE J 120 -15.47 0.89 -14.41
CA ILE J 120 -16.86 0.46 -14.48
C ILE J 120 -16.93 -0.99 -14.02
N GLU J 121 -17.77 -1.24 -13.02
CA GLU J 121 -17.96 -2.58 -12.48
C GLU J 121 -19.34 -3.10 -12.85
N GLU J 122 -19.47 -4.42 -12.80
CA GLU J 122 -20.68 -5.13 -13.22
C GLU J 122 -21.15 -6.02 -12.09
N PRO J 123 -22.44 -6.36 -12.06
CA PRO J 123 -22.96 -7.28 -11.03
C PRO J 123 -22.62 -8.75 -11.28
N GLN J 124 -21.80 -9.06 -12.28
CA GLN J 124 -21.44 -10.43 -12.59
C GLN J 124 -19.93 -10.56 -12.65
N GLN J 125 -19.43 -11.74 -12.28
CA GLN J 125 -18.01 -12.06 -12.33
C GLN J 125 -17.79 -13.14 -13.37
N THR J 126 -16.76 -12.96 -14.20
CA THR J 126 -16.46 -13.91 -15.26
C THR J 126 -14.95 -14.12 -15.36
N ASN J 127 -14.57 -15.27 -15.91
CA ASN J 127 -13.17 -15.63 -16.06
C ASN J 127 -12.61 -15.33 -17.44
N ASN J 128 -13.45 -14.89 -18.38
CA ASN J 128 -12.97 -14.55 -19.72
C ASN J 128 -12.34 -13.17 -19.71
N LEU J 129 -11.14 -13.05 -20.27
CA LEU J 129 -10.42 -11.78 -20.33
C LEU J 129 -9.87 -11.58 -21.73
N PHE J 130 -9.57 -10.32 -22.03
CA PHE J 130 -9.04 -9.90 -23.32
C PHE J 130 -7.54 -9.68 -23.20
N PHE J 131 -6.79 -10.24 -24.14
CA PHE J 131 -5.34 -10.14 -24.20
C PHE J 131 -4.92 -9.45 -25.49
N PHE J 132 -3.96 -8.54 -25.38
CA PHE J 132 -3.44 -7.78 -26.51
C PHE J 132 -2.00 -8.20 -26.78
N GLU J 133 -1.69 -8.43 -28.06
CA GLU J 133 -0.35 -8.83 -28.47
C GLU J 133 0.11 -7.95 -29.62
N GLN J 134 1.43 -7.80 -29.75
CA GLN J 134 2.03 -6.93 -30.74
C GLN J 134 2.95 -7.74 -31.65
N LYS J 135 2.86 -7.49 -32.95
CA LYS J 135 3.71 -8.12 -33.96
C LYS J 135 4.25 -7.05 -34.90
N SER J 136 5.39 -7.33 -35.51
CA SER J 136 6.06 -6.33 -36.33
C SER J 136 6.63 -6.97 -37.59
N VAL J 137 6.72 -6.15 -38.64
CA VAL J 137 7.37 -6.50 -39.89
C VAL J 137 8.41 -5.42 -40.16
N ALA J 138 9.67 -5.83 -40.30
CA ALA J 138 10.78 -4.89 -40.38
C ALA J 138 10.74 -4.09 -41.68
N SER J 139 11.62 -3.10 -41.76
CA SER J 139 11.69 -2.23 -42.92
C SER J 139 12.69 -2.70 -43.96
N GLU J 140 13.70 -3.48 -43.56
CA GLU J 140 14.71 -3.96 -44.49
C GLU J 140 14.28 -5.21 -45.24
N GLU J 141 13.10 -5.74 -44.95
CA GLU J 141 12.59 -6.96 -45.56
C GLU J 141 11.42 -6.66 -46.48
N PHE J 142 11.19 -7.56 -47.43
CA PHE J 142 10.21 -7.34 -48.48
C PHE J 142 8.83 -7.88 -48.09
N ASN J 143 8.73 -9.17 -47.78
CA ASN J 143 7.46 -9.79 -47.45
C ASN J 143 7.60 -10.63 -46.19
N LYS J 144 6.47 -10.87 -45.54
CA LYS J 144 6.45 -11.68 -44.33
C LYS J 144 5.12 -12.42 -44.22
N LYS J 145 5.12 -13.47 -43.40
CA LYS J 145 3.92 -14.24 -43.10
C LYS J 145 3.78 -14.35 -41.59
N ILE J 146 2.59 -14.06 -41.08
CA ILE J 146 2.31 -14.09 -39.66
C ILE J 146 1.08 -14.97 -39.41
N ASP J 147 1.17 -15.82 -38.39
CA ASP J 147 0.06 -16.70 -38.02
C ASP J 147 -0.85 -15.92 -37.09
N VAL J 148 -2.14 -15.83 -37.46
CA VAL J 148 -3.11 -15.08 -36.68
C VAL J 148 -4.24 -15.99 -36.23
N GLN J 149 -3.94 -17.27 -36.05
CA GLN J 149 -4.95 -18.22 -35.60
C GLN J 149 -5.28 -17.99 -34.14
N GLY J 150 -6.58 -17.96 -33.84
CA GLY J 150 -7.07 -17.76 -32.49
C GLY J 150 -7.51 -16.35 -32.17
N PHE J 151 -7.09 -15.37 -32.98
CA PHE J 151 -7.47 -13.99 -32.76
C PHE J 151 -8.71 -13.63 -33.56
N ASP J 152 -9.33 -12.51 -33.20
CA ASP J 152 -10.56 -12.07 -33.85
C ASP J 152 -10.53 -10.60 -34.27
N LEU J 153 -9.45 -9.88 -34.00
CA LEU J 153 -9.39 -8.46 -34.36
C LEU J 153 -7.93 -8.03 -34.39
N ALA J 154 -7.57 -7.28 -35.43
CA ALA J 154 -6.21 -6.76 -35.56
C ALA J 154 -6.27 -5.29 -35.97
N ILE J 155 -5.20 -4.56 -35.66
CA ILE J 155 -5.03 -3.18 -36.08
C ILE J 155 -3.65 -3.06 -36.69
N MET J 156 -3.60 -2.63 -37.94
CA MET J 156 -2.34 -2.52 -38.67
C MET J 156 -2.05 -1.05 -38.99
N THR J 157 -0.78 -0.68 -38.90
CA THR J 157 -0.37 0.65 -39.32
C THR J 157 -0.52 0.80 -40.83
N VAL J 158 -0.82 2.01 -41.27
CA VAL J 158 -1.07 2.30 -42.68
C VAL J 158 0.10 3.10 -43.23
N ASP J 159 0.70 2.61 -44.30
CA ASP J 159 1.80 3.27 -44.96
C ASP J 159 1.57 3.22 -46.47
N ASP J 160 2.18 4.18 -47.18
CA ASP J 160 2.09 4.26 -48.62
C ASP J 160 3.05 3.32 -49.34
N SER J 161 3.60 2.33 -48.62
CA SER J 161 4.52 1.37 -49.21
C SER J 161 4.01 -0.05 -49.20
N VAL J 162 2.86 -0.32 -48.58
CA VAL J 162 2.30 -1.66 -48.56
C VAL J 162 1.66 -1.95 -49.91
N SER J 163 1.99 -3.12 -50.48
CA SER J 163 1.49 -3.50 -51.79
C SER J 163 0.30 -4.45 -51.71
N ASP J 164 0.47 -5.60 -51.04
CA ASP J 164 -0.56 -6.62 -51.01
C ASP J 164 -0.70 -7.19 -49.61
N LEU J 165 -1.93 -7.60 -49.27
CA LEU J 165 -2.17 -8.33 -48.04
C LEU J 165 -2.97 -9.58 -48.37
N SER J 166 -2.43 -10.75 -48.01
CA SER J 166 -3.02 -12.02 -48.40
C SER J 166 -3.57 -12.73 -47.16
N TYR J 167 -4.80 -13.22 -47.28
CA TYR J 167 -5.47 -13.97 -46.21
C TYR J 167 -5.50 -15.44 -46.59
N GLN J 168 -5.05 -16.28 -45.67
CA GLN J 168 -5.18 -17.74 -45.78
C GLN J 168 -6.17 -18.18 -44.72
N TYR J 169 -7.27 -18.80 -45.17
CA TYR J 169 -8.39 -19.15 -44.32
C TYR J 169 -8.22 -20.56 -43.74
N SER J 170 -9.23 -21.00 -43.00
CA SER J 170 -9.17 -22.31 -42.33
C SER J 170 -9.31 -23.46 -43.31
N ASN J 171 -9.84 -23.22 -44.51
CA ASN J 171 -10.01 -24.27 -45.51
C ASN J 171 -8.91 -24.28 -46.55
N GLY J 172 -7.85 -23.49 -46.34
CA GLY J 172 -6.71 -23.50 -47.23
C GLY J 172 -6.77 -22.51 -48.37
N GLN J 173 -7.89 -21.83 -48.58
CA GLN J 173 -7.99 -20.86 -49.66
C GLN J 173 -7.14 -19.63 -49.36
N VAL J 174 -6.62 -19.02 -50.43
CA VAL J 174 -5.78 -17.84 -50.34
C VAL J 174 -6.43 -16.73 -51.15
N VAL J 175 -6.62 -15.57 -50.52
CA VAL J 175 -7.26 -14.42 -51.15
C VAL J 175 -6.34 -13.20 -51.00
N LYS J 176 -6.03 -12.55 -52.12
CA LYS J 176 -5.19 -11.37 -52.12
C LYS J 176 -6.05 -10.11 -52.08
N TYR J 177 -5.60 -9.11 -51.34
CA TYR J 177 -6.32 -7.86 -51.17
C TYR J 177 -5.39 -6.68 -51.36
N LEU J 178 -5.90 -5.64 -52.00
CA LEU J 178 -5.25 -4.34 -52.06
C LEU J 178 -5.59 -3.56 -50.80
N PRO J 179 -4.74 -2.59 -50.42
CA PRO J 179 -5.06 -1.77 -49.25
C PRO J 179 -6.37 -1.01 -49.37
N PHE J 180 -6.70 -0.51 -50.57
CA PHE J 180 -7.95 0.21 -50.76
C PHE J 180 -9.14 -0.71 -50.56
N GLU J 181 -9.09 -1.91 -51.14
CA GLU J 181 -10.18 -2.87 -50.97
C GLU J 181 -10.32 -3.30 -49.52
N LEU J 182 -9.20 -3.50 -48.83
CA LEU J 182 -9.25 -3.88 -47.43
C LEU J 182 -9.86 -2.78 -46.57
N GLN J 183 -9.49 -1.52 -46.84
CA GLN J 183 -10.09 -0.41 -46.11
C GLN J 183 -11.59 -0.31 -46.38
N THR J 184 -11.99 -0.50 -47.64
CA THR J 184 -13.42 -0.45 -47.98
C THR J 184 -14.19 -1.56 -47.28
N LEU J 185 -13.61 -2.76 -47.21
CA LEU J 185 -14.26 -3.86 -46.50
C LEU J 185 -14.31 -3.59 -45.01
N SER J 186 -13.26 -3.00 -44.45
CA SER J 186 -13.25 -2.69 -43.02
C SER J 186 -14.33 -1.68 -42.67
N ARG J 187 -14.49 -0.65 -43.50
CA ARG J 187 -15.54 0.34 -43.23
C ARG J 187 -16.94 -0.19 -43.50
N ASP J 188 -17.07 -1.36 -44.12
CA ASP J 188 -18.37 -1.95 -44.41
C ASP J 188 -19.05 -2.53 -43.17
N ILE J 189 -18.31 -2.69 -42.07
CA ILE J 189 -18.88 -3.21 -40.83
C ILE J 189 -19.13 -2.09 -39.82
N ASP J 190 -18.15 -1.21 -39.64
CA ASP J 190 -18.28 -0.05 -38.75
C ASP J 190 -18.13 1.21 -39.59
N PRO J 191 -19.24 1.78 -40.08
CA PRO J 191 -19.13 2.96 -40.95
C PRO J 191 -18.51 4.17 -40.28
N ILE J 192 -18.69 4.34 -38.97
CA ILE J 192 -18.27 5.53 -38.25
C ILE J 192 -17.33 5.10 -37.13
N GLN J 193 -16.16 5.75 -37.06
CA GLN J 193 -15.19 5.46 -36.02
C GLN J 193 -15.23 6.45 -34.85
N ALA J 194 -15.52 7.72 -35.10
CA ALA J 194 -15.58 8.69 -34.01
C ALA J 194 -16.46 9.86 -34.40
N VAL J 195 -16.97 10.55 -33.39
CA VAL J 195 -17.80 11.74 -33.55
C VAL J 195 -17.12 12.89 -32.83
N LEU J 196 -16.93 14.00 -33.55
CA LEU J 196 -16.25 15.15 -32.99
C LEU J 196 -17.22 15.98 -32.15
N SER J 197 -16.68 17.03 -31.52
CA SER J 197 -17.49 17.88 -30.66
C SER J 197 -18.42 18.78 -31.46
N ASP J 198 -17.93 19.33 -32.58
CA ASP J 198 -18.75 20.23 -33.38
C ASP J 198 -19.96 19.50 -33.97
N GLY J 199 -19.77 18.26 -34.41
CA GLY J 199 -20.85 17.49 -35.00
C GLY J 199 -20.39 16.63 -36.15
N LYS J 200 -19.22 16.95 -36.70
CA LYS J 200 -18.67 16.16 -37.79
C LYS J 200 -18.21 14.80 -37.28
N VAL J 201 -18.33 13.80 -38.15
CA VAL J 201 -17.97 12.42 -37.83
C VAL J 201 -16.78 12.02 -38.69
N VAL J 202 -15.83 11.31 -38.10
CA VAL J 202 -14.68 10.77 -38.81
C VAL J 202 -14.84 9.26 -38.88
N GLN J 203 -14.75 8.73 -40.09
CA GLN J 203 -15.05 7.33 -40.38
C GLN J 203 -13.80 6.45 -40.40
N GLY J 204 -12.63 7.00 -40.12
CA GLY J 204 -11.42 6.21 -40.08
C GLY J 204 -10.23 7.07 -39.77
N LEU J 205 -9.12 6.41 -39.45
CA LEU J 205 -7.86 7.08 -39.17
C LEU J 205 -6.92 6.90 -40.37
N THR J 206 -6.18 7.96 -40.69
CA THR J 206 -5.36 7.95 -41.90
C THR J 206 -4.15 7.03 -41.78
N ASP J 207 -3.74 6.66 -40.57
CA ASP J 207 -2.56 5.82 -40.38
C ASP J 207 -2.86 4.55 -39.61
N ARG J 208 -4.13 4.15 -39.50
CA ARG J 208 -4.51 2.95 -38.80
C ARG J 208 -5.65 2.26 -39.55
N LEU J 209 -5.61 0.93 -39.61
CA LEU J 209 -6.66 0.15 -40.23
C LEU J 209 -7.06 -1.00 -39.32
N THR J 210 -8.37 -1.20 -39.17
CA THR J 210 -8.91 -2.23 -38.29
C THR J 210 -9.41 -3.39 -39.13
N LEU J 211 -8.84 -4.58 -38.91
CA LEU J 211 -9.16 -5.77 -39.67
C LEU J 211 -9.88 -6.78 -38.78
N PRO J 212 -11.16 -7.05 -39.01
CA PRO J 212 -11.85 -8.13 -38.29
C PRO J 212 -11.57 -9.47 -38.96
N LEU J 213 -10.88 -10.35 -38.25
CA LEU J 213 -10.49 -11.66 -38.77
C LEU J 213 -11.49 -12.71 -38.32
N VAL J 214 -12.09 -13.41 -39.29
CA VAL J 214 -13.03 -14.50 -39.01
C VAL J 214 -12.56 -15.71 -39.80
N ALA J 215 -12.22 -16.78 -39.08
CA ALA J 215 -11.75 -18.03 -39.68
C ALA J 215 -10.56 -17.81 -40.61
N VAL J 216 -9.63 -16.95 -40.17
CA VAL J 216 -8.40 -16.66 -40.91
C VAL J 216 -7.23 -17.20 -40.12
N VAL J 217 -6.37 -17.98 -40.79
CA VAL J 217 -5.23 -18.61 -40.11
C VAL J 217 -3.90 -18.02 -40.52
N GLY J 218 -3.83 -17.23 -41.59
CA GLY J 218 -2.55 -16.63 -41.95
C GLY J 218 -2.66 -15.31 -42.66
N ILE J 219 -1.72 -14.40 -42.40
CA ILE J 219 -1.69 -13.09 -43.06
C ILE J 219 -0.32 -12.89 -43.66
N GLU J 220 -0.27 -12.58 -44.96
CA GLU J 220 0.98 -12.36 -45.67
C GLU J 220 1.05 -10.91 -46.12
N ILE J 221 2.09 -10.20 -45.67
CA ILE J 221 2.29 -8.80 -46.01
C ILE J 221 3.34 -8.72 -47.11
N ASN J 222 3.03 -8.00 -48.18
CA ASN J 222 3.97 -7.77 -49.28
C ASN J 222 4.09 -6.27 -49.48
N LYS J 223 5.31 -5.75 -49.36
CA LYS J 223 5.56 -4.32 -49.41
C LYS J 223 6.94 -4.06 -49.95
N SER J 224 7.40 -2.82 -49.83
CA SER J 224 8.75 -2.41 -50.20
C SER J 224 9.46 -1.82 -48.98
N GLN J 225 10.76 -1.64 -49.12
CA GLN J 225 11.56 -1.12 -48.01
C GLN J 225 11.20 0.33 -47.72
N GLY J 226 11.37 0.73 -46.46
CA GLY J 226 11.16 2.11 -46.08
C GLY J 226 10.51 2.35 -44.74
N SER J 227 9.72 1.40 -44.23
CA SER J 227 9.02 1.61 -42.98
C SER J 227 8.71 0.27 -42.32
N ILE J 228 8.39 0.35 -41.03
CA ILE J 228 8.07 -0.81 -40.20
C ILE J 228 6.55 -0.91 -40.11
N ILE J 229 6.02 -2.12 -40.29
CA ILE J 229 4.58 -2.35 -40.25
C ILE J 229 4.23 -3.01 -38.93
N ASN J 230 3.35 -2.37 -38.16
CA ASN J 230 3.00 -2.81 -36.82
C ASN J 230 1.58 -3.36 -36.79
N PHE J 231 1.41 -4.51 -36.16
CA PHE J 231 0.11 -5.15 -35.95
C PHE J 231 -0.15 -5.29 -34.45
N VAL J 232 -1.38 -5.01 -34.05
CA VAL J 232 -1.83 -5.22 -32.67
C VAL J 232 -3.06 -6.10 -32.73
N VAL J 233 -2.97 -7.29 -32.15
CA VAL J 233 -4.04 -8.28 -32.22
C VAL J 233 -4.67 -8.44 -30.84
N ARG J 234 -5.96 -8.77 -30.84
CA ARG J 234 -6.72 -8.98 -29.62
C ARG J 234 -7.32 -10.38 -29.61
N CYS J 235 -7.32 -11.01 -28.44
CA CYS J 235 -7.91 -12.34 -28.28
C CYS J 235 -8.64 -12.41 -26.95
N LEU J 236 -9.50 -13.42 -26.82
CA LEU J 236 -10.25 -13.67 -25.60
C LEU J 236 -9.93 -15.07 -25.10
N LYS J 237 -9.62 -15.18 -23.81
CA LYS J 237 -9.33 -16.49 -23.23
C LYS J 237 -9.57 -16.46 -21.73
N THR J 238 -9.62 -17.64 -21.13
CA THR J 238 -9.91 -17.80 -19.72
C THR J 238 -8.62 -17.97 -18.93
N VAL J 239 -8.54 -17.33 -17.78
CA VAL J 239 -7.39 -17.43 -16.90
C VAL J 239 -7.77 -18.09 -15.58
N MET K 1 -52.55 8.50 -41.93
CA MET K 1 -53.31 9.67 -42.35
C MET K 1 -52.87 10.91 -41.59
N LYS K 2 -53.38 12.07 -41.99
CA LYS K 2 -53.08 13.32 -41.32
C LYS K 2 -54.14 13.58 -40.26
N ILE K 3 -53.70 13.87 -39.04
CA ILE K 3 -54.62 14.06 -37.92
C ILE K 3 -54.96 15.54 -37.79
N ALA K 4 -53.95 16.37 -37.56
CA ALA K 4 -54.20 17.79 -37.36
C ALA K 4 -52.93 18.59 -37.62
N THR K 5 -53.13 19.89 -37.89
CA THR K 5 -52.06 20.86 -38.05
C THR K 5 -52.37 22.05 -37.17
N ILE K 6 -51.46 22.37 -36.24
CA ILE K 6 -51.68 23.40 -35.24
C ILE K 6 -50.74 24.56 -35.53
N THR K 7 -51.31 25.76 -35.62
CA THR K 7 -50.52 26.97 -35.90
C THR K 7 -51.31 28.17 -35.40
N GLY K 8 -50.75 28.91 -34.45
CA GLY K 8 -51.33 30.15 -33.96
C GLY K 8 -51.89 30.07 -32.56
N VAL K 9 -52.48 28.93 -32.18
CA VAL K 9 -53.12 28.78 -30.89
C VAL K 9 -52.14 28.16 -29.90
N THR K 10 -52.37 28.44 -28.63
CA THR K 10 -51.53 27.93 -27.55
C THR K 10 -52.04 26.62 -26.97
N LYS K 11 -53.18 26.11 -27.45
CA LYS K 11 -53.73 24.85 -26.96
C LYS K 11 -54.44 24.17 -28.11
N SER K 12 -53.93 23.01 -28.52
CA SER K 12 -54.56 22.26 -29.60
C SER K 12 -55.91 21.74 -29.14
N PRO K 13 -56.94 21.78 -30.00
CA PRO K 13 -58.23 21.18 -29.63
C PRO K 13 -58.12 19.68 -29.51
N GLU K 14 -59.02 19.11 -28.71
CA GLU K 14 -59.05 17.66 -28.53
C GLU K 14 -59.32 16.98 -29.87
N LEU K 15 -58.49 15.99 -30.19
CA LEU K 15 -58.56 15.28 -31.46
C LEU K 15 -58.97 13.83 -31.24
N GLN K 16 -59.94 13.37 -32.01
CA GLN K 16 -60.48 12.02 -31.89
C GLN K 16 -60.04 11.19 -33.09
N VAL K 17 -59.52 10.00 -32.81
CA VAL K 17 -59.08 9.06 -33.83
C VAL K 17 -59.88 7.78 -33.68
N THR K 18 -60.51 7.33 -34.77
CA THR K 18 -61.31 6.12 -34.78
C THR K 18 -60.60 4.95 -35.44
N LYS K 19 -59.80 5.20 -36.47
CA LYS K 19 -59.04 4.13 -37.11
C LYS K 19 -57.96 3.59 -36.17
N ALA K 20 -57.67 2.31 -36.30
CA ALA K 20 -56.70 1.63 -35.44
C ALA K 20 -55.29 2.00 -35.91
N ILE K 21 -54.79 3.14 -35.43
CA ILE K 21 -53.45 3.57 -35.77
C ILE K 21 -52.43 2.81 -34.93
N GLY K 22 -51.20 2.74 -35.43
CA GLY K 22 -50.16 2.00 -34.76
C GLY K 22 -49.05 2.86 -34.20
N ALA K 23 -48.83 4.03 -34.80
CA ALA K 23 -47.79 4.93 -34.33
C ALA K 23 -48.16 6.36 -34.70
N LEU K 24 -47.47 7.30 -34.07
CA LEU K 24 -47.67 8.73 -34.32
C LEU K 24 -46.40 9.32 -34.91
N ILE K 25 -46.59 10.34 -35.74
CA ILE K 25 -45.49 11.10 -36.33
C ILE K 25 -45.66 12.55 -35.90
N LEU K 26 -44.66 13.06 -35.18
CA LEU K 26 -44.62 14.45 -34.72
C LEU K 26 -43.65 15.22 -35.61
N SER K 27 -44.15 16.24 -36.30
CA SER K 27 -43.32 17.09 -37.13
C SER K 27 -43.53 18.54 -36.75
N SER K 28 -42.42 19.29 -36.71
CA SER K 28 -42.49 20.70 -36.34
C SER K 28 -41.26 21.41 -36.87
N ASP K 29 -41.35 22.73 -36.93
CA ASP K 29 -40.25 23.59 -37.33
C ASP K 29 -39.36 24.00 -36.17
N VAL K 30 -39.66 23.51 -34.96
CA VAL K 30 -38.86 23.78 -33.77
C VAL K 30 -37.90 22.62 -33.57
N ALA K 31 -36.62 22.93 -33.37
CA ALA K 31 -35.62 21.88 -33.19
C ALA K 31 -35.91 21.06 -31.94
N LEU K 32 -35.35 19.84 -31.91
CA LEU K 32 -35.59 18.95 -30.79
C LEU K 32 -35.08 19.55 -29.49
N SER K 33 -33.91 20.17 -29.51
CA SER K 33 -33.35 20.78 -28.32
C SER K 33 -34.06 22.06 -27.91
N ALA K 34 -34.87 22.65 -28.77
CA ALA K 34 -35.51 23.92 -28.51
C ALA K 34 -36.89 23.81 -27.86
N LEU K 35 -37.42 22.60 -27.69
CA LEU K 35 -38.71 22.44 -27.05
C LEU K 35 -38.59 22.75 -25.55
N THR K 36 -39.53 23.53 -25.05
CA THR K 36 -39.48 23.99 -23.65
C THR K 36 -40.65 23.46 -22.83
N THR K 37 -41.90 23.71 -23.24
CA THR K 37 -43.04 23.41 -22.40
C THR K 37 -44.16 22.64 -23.10
N GLU K 38 -43.98 22.24 -24.35
CA GLU K 38 -45.03 21.51 -25.05
C GLU K 38 -45.30 20.17 -24.38
N LYS K 39 -46.58 19.86 -24.20
CA LYS K 39 -46.99 18.63 -23.53
C LYS K 39 -48.03 17.91 -24.37
N ILE K 40 -48.07 16.58 -24.23
CA ILE K 40 -49.00 15.74 -24.98
C ILE K 40 -49.81 14.92 -23.98
N SER K 41 -51.03 14.57 -24.39
CA SER K 41 -51.91 13.72 -23.59
C SER K 41 -52.71 12.82 -24.52
N ILE K 42 -52.56 11.51 -24.36
CA ILE K 42 -53.24 10.52 -25.17
C ILE K 42 -53.98 9.57 -24.25
N TYR K 43 -55.23 9.28 -24.57
CA TYR K 43 -55.98 8.29 -23.80
C TYR K 43 -57.07 7.66 -24.65
N ILE K 44 -57.34 6.38 -24.39
CA ILE K 44 -58.31 5.61 -25.14
C ILE K 44 -59.60 5.52 -24.34
N GLU K 45 -60.71 5.94 -24.96
CA GLU K 45 -62.04 5.86 -24.35
C GLU K 45 -62.69 4.57 -24.83
N ARG K 46 -63.06 3.70 -23.89
CA ARG K 46 -63.59 2.38 -24.17
C ARG K 46 -65.01 2.27 -23.61
N GLY K 47 -65.92 1.71 -24.40
CA GLY K 47 -67.29 1.54 -24.02
C GLY K 47 -67.59 0.29 -23.20
N ASN K 48 -66.58 -0.52 -22.90
CA ASN K 48 -66.75 -1.75 -22.12
C ASN K 48 -65.56 -1.86 -21.18
N GLY K 49 -65.73 -1.40 -19.94
CA GLY K 49 -64.66 -1.43 -18.97
C GLY K 49 -64.28 -0.05 -18.47
N SER K 50 -62.99 0.27 -18.51
CA SER K 50 -62.49 1.54 -18.04
C SER K 50 -61.56 2.15 -19.09
N ASN K 51 -61.51 3.48 -19.12
CA ASN K 51 -60.64 4.17 -20.06
C ASN K 51 -59.18 3.90 -19.75
N VAL K 52 -58.36 3.90 -20.79
CA VAL K 52 -56.94 3.56 -20.69
C VAL K 52 -56.13 4.85 -20.86
N ILE K 53 -55.40 5.23 -19.83
CA ILE K 53 -54.59 6.44 -19.83
C ILE K 53 -53.17 6.05 -20.21
N LEU K 54 -52.75 6.42 -21.41
CA LEU K 54 -51.40 6.12 -21.89
C LEU K 54 -50.41 7.20 -21.47
N ALA K 55 -50.67 8.45 -21.85
CA ALA K 55 -49.84 9.58 -21.48
C ALA K 55 -50.70 10.64 -20.83
N ASN K 56 -50.29 11.12 -19.66
CA ASN K 56 -51.02 12.12 -18.90
C ASN K 56 -50.13 13.36 -18.78
N LYS K 57 -50.23 14.24 -19.78
CA LYS K 57 -49.48 15.50 -19.83
C LYS K 57 -47.97 15.23 -19.70
N VAL K 58 -47.44 14.51 -20.67
CA VAL K 58 -46.01 14.21 -20.74
C VAL K 58 -45.32 15.24 -21.60
N LEU K 59 -44.16 15.70 -21.14
CA LEU K 59 -43.41 16.70 -21.90
C LEU K 59 -43.02 16.14 -23.27
N LEU K 60 -43.04 17.02 -24.27
CA LEU K 60 -42.81 16.58 -25.64
C LEU K 60 -41.39 16.06 -25.82
N LYS K 61 -40.40 16.72 -25.21
CA LYS K 61 -39.02 16.27 -25.34
C LYS K 61 -38.84 14.87 -24.76
N ASP K 62 -39.38 14.63 -23.57
CA ASP K 62 -39.26 13.32 -22.95
C ASP K 62 -40.02 12.26 -23.73
N PHE K 63 -41.22 12.60 -24.22
CA PHE K 63 -42.00 11.65 -25.01
C PHE K 63 -41.27 11.26 -26.29
N ILE K 64 -40.63 12.24 -26.94
CA ILE K 64 -39.89 11.94 -28.16
C ILE K 64 -38.65 11.11 -27.86
N LEU K 65 -37.90 11.49 -26.82
CA LEU K 65 -36.69 10.75 -26.48
C LEU K 65 -36.97 9.34 -25.99
N ALA K 66 -38.16 9.08 -25.45
CA ALA K 66 -38.49 7.75 -24.97
C ALA K 66 -38.71 6.76 -26.12
N SER K 67 -39.10 7.26 -27.29
CA SER K 67 -39.47 6.39 -28.40
C SER K 67 -38.37 6.21 -29.43
N THR K 68 -37.34 7.06 -29.42
CA THR K 68 -36.29 7.04 -30.43
C THR K 68 -34.96 6.56 -29.87
N TYR K 69 -35.00 5.55 -29.00
CA TYR K 69 -33.80 4.96 -28.43
C TYR K 69 -33.49 3.64 -29.12
N GLY K 70 -32.24 3.47 -29.55
CA GLY K 70 -31.83 2.26 -30.24
C GLY K 70 -31.13 2.57 -31.55
N THR K 71 -31.68 2.07 -32.66
CA THR K 71 -31.14 2.39 -33.97
C THR K 71 -31.83 3.61 -34.60
N GLU K 72 -33.11 3.79 -34.32
CA GLU K 72 -33.84 4.93 -34.85
C GLU K 72 -33.39 6.23 -34.17
N ASN K 73 -33.61 7.34 -34.86
CA ASN K 73 -33.36 8.66 -34.30
C ASN K 73 -34.24 9.68 -35.01
N THR K 74 -34.48 10.79 -34.32
CA THR K 74 -35.27 11.86 -34.91
C THR K 74 -34.52 12.48 -36.08
N GLN K 75 -35.24 12.76 -37.16
CA GLN K 75 -34.62 13.27 -38.38
C GLN K 75 -35.15 14.67 -38.68
N SER K 76 -34.75 15.20 -39.83
CA SER K 76 -35.20 16.52 -40.25
C SER K 76 -35.17 16.61 -41.76
N ASP K 77 -35.98 17.53 -42.29
CA ASP K 77 -36.05 17.76 -43.73
C ASP K 77 -35.90 19.24 -44.02
N ALA K 78 -36.11 19.64 -45.28
CA ALA K 78 -36.06 21.05 -45.62
C ALA K 78 -37.21 21.82 -44.99
N ASP K 79 -38.43 21.30 -45.13
CA ASP K 79 -39.59 21.99 -44.58
C ASP K 79 -39.68 21.83 -43.06
N ASN K 80 -39.40 20.63 -42.55
CA ASN K 80 -39.56 20.33 -41.15
C ASN K 80 -38.21 20.27 -40.46
N ALA K 81 -38.06 21.02 -39.36
CA ALA K 81 -36.83 21.01 -38.59
C ALA K 81 -36.75 19.86 -37.60
N MET K 82 -37.85 19.15 -37.36
CA MET K 82 -37.85 18.03 -36.43
C MET K 82 -38.96 17.07 -36.80
N ILE K 83 -38.61 15.82 -37.07
CA ILE K 83 -39.55 14.76 -37.37
C ILE K 83 -39.22 13.56 -36.50
N ALA K 84 -40.21 13.07 -35.75
CA ALA K 84 -40.04 11.95 -34.84
C ALA K 84 -41.18 10.95 -35.04
N LEU K 85 -40.86 9.67 -34.91
CA LEU K 85 -41.84 8.59 -35.04
C LEU K 85 -41.91 7.86 -33.70
N CYS K 86 -43.05 7.98 -33.01
CA CYS K 86 -43.24 7.40 -31.70
C CYS K 86 -44.27 6.28 -31.79
N GLU K 87 -43.87 5.08 -31.36
CA GLU K 87 -44.76 3.93 -31.41
C GLU K 87 -45.65 3.88 -30.17
N LEU K 88 -46.90 3.46 -30.37
CA LEU K 88 -47.87 3.33 -29.30
C LEU K 88 -48.23 1.89 -28.97
N ALA K 89 -47.89 0.94 -29.83
CA ALA K 89 -48.13 -0.47 -29.61
C ALA K 89 -46.82 -1.24 -29.82
N ASP K 90 -46.82 -2.50 -29.38
CA ASP K 90 -45.60 -3.29 -29.42
C ASP K 90 -45.20 -3.62 -30.85
N GLU K 91 -46.06 -4.34 -31.58
CA GLU K 91 -45.74 -4.74 -32.94
C GLU K 91 -46.86 -4.36 -33.90
N GLY K 92 -48.10 -4.40 -33.44
CA GLY K 92 -49.23 -4.08 -34.28
C GLY K 92 -49.81 -2.71 -33.99
N SER K 93 -51.14 -2.63 -33.85
CA SER K 93 -51.83 -1.39 -33.58
C SER K 93 -52.85 -1.62 -32.48
N ILE K 94 -53.38 -0.52 -31.94
CA ILE K 94 -54.36 -0.60 -30.87
C ILE K 94 -55.67 -1.14 -31.40
N TYR K 95 -56.26 -2.09 -30.67
CA TYR K 95 -57.50 -2.73 -31.08
C TYR K 95 -58.69 -1.94 -30.56
N LEU K 96 -59.56 -1.51 -31.47
CA LEU K 96 -60.81 -0.81 -31.13
C LEU K 96 -61.97 -1.63 -31.66
N ALA K 97 -62.91 -1.98 -30.77
CA ALA K 97 -63.92 -2.98 -31.13
C ALA K 97 -65.07 -2.39 -31.93
N ASP K 98 -65.88 -1.52 -31.31
CA ASP K 98 -67.04 -0.95 -31.98
C ASP K 98 -66.99 0.57 -32.02
N LYS K 99 -66.87 1.23 -30.86
CA LYS K 99 -66.89 2.68 -30.79
C LYS K 99 -65.76 3.27 -29.94
N GLU K 100 -64.99 2.44 -29.25
CA GLU K 100 -63.87 2.95 -28.46
C GLU K 100 -62.87 3.65 -29.38
N SER K 101 -62.38 4.81 -28.93
CA SER K 101 -61.58 5.66 -29.80
C SER K 101 -60.45 6.31 -29.02
N ILE K 102 -59.40 6.69 -29.74
CA ILE K 102 -58.23 7.34 -29.15
C ILE K 102 -58.48 8.84 -29.13
N LYS K 103 -57.98 9.52 -28.11
CA LYS K 103 -58.10 10.97 -28.01
C LYS K 103 -56.75 11.56 -27.66
N ILE K 104 -56.30 12.51 -28.47
CA ILE K 104 -54.99 13.13 -28.34
C ILE K 104 -55.15 14.63 -28.23
N THR K 105 -54.39 15.25 -27.34
CA THR K 105 -54.40 16.70 -27.18
C THR K 105 -53.00 17.19 -26.88
N LEU K 106 -52.73 18.43 -27.29
CA LEU K 106 -51.45 19.09 -27.08
C LEU K 106 -51.67 20.37 -26.27
N GLU K 107 -50.75 20.64 -25.35
CA GLU K 107 -50.89 21.76 -24.43
C GLU K 107 -49.59 22.55 -24.34
N ASP K 108 -49.73 23.83 -24.01
CA ASP K 108 -48.60 24.72 -23.77
C ASP K 108 -47.69 24.82 -25.01
N LEU K 109 -48.27 25.26 -26.11
CA LEU K 109 -47.54 25.45 -27.35
C LEU K 109 -47.05 26.90 -27.43
N ILE K 110 -46.55 27.29 -28.60
CA ILE K 110 -46.09 28.64 -28.85
C ILE K 110 -46.88 29.21 -30.03
N SER K 111 -47.29 30.47 -29.92
CA SER K 111 -48.20 31.05 -30.90
C SER K 111 -47.59 31.10 -32.29
N ASP K 112 -46.31 31.45 -32.39
CA ASP K 112 -45.66 31.68 -33.68
C ASP K 112 -44.85 30.48 -34.15
N LYS K 113 -45.32 29.27 -33.86
CA LYS K 113 -44.67 28.04 -34.30
C LYS K 113 -45.69 27.16 -35.01
N ARG K 114 -45.24 26.00 -35.47
CA ARG K 114 -46.08 25.08 -36.23
C ARG K 114 -45.90 23.67 -35.69
N TYR K 115 -47.00 22.90 -35.68
CA TYR K 115 -46.95 21.51 -35.27
C TYR K 115 -47.87 20.69 -36.17
N ASP K 116 -47.54 19.41 -36.35
CA ASP K 116 -48.37 18.52 -37.13
C ASP K 116 -48.47 17.18 -36.42
N LEU K 117 -49.54 16.44 -36.74
CA LEU K 117 -49.73 15.08 -36.25
C LEU K 117 -50.05 14.17 -37.43
N HIS K 118 -49.36 13.03 -37.49
CA HIS K 118 -49.67 12.01 -38.49
C HIS K 118 -49.87 10.68 -37.80
N GLY K 119 -50.74 9.85 -38.37
CA GLY K 119 -51.04 8.53 -37.83
C GLY K 119 -50.59 7.44 -38.80
N ILE K 120 -50.03 6.37 -38.24
CA ILE K 120 -49.52 5.24 -39.02
C ILE K 120 -50.26 3.99 -38.56
N GLU K 121 -50.92 3.32 -39.49
CA GLU K 121 -51.66 2.09 -39.21
C GLU K 121 -50.81 0.86 -39.51
N GLU K 122 -51.25 -0.27 -38.98
CA GLU K 122 -50.57 -1.54 -39.16
C GLU K 122 -51.57 -2.59 -39.61
N PRO K 123 -51.12 -3.59 -40.37
CA PRO K 123 -52.03 -4.66 -40.81
C PRO K 123 -52.46 -5.59 -39.68
N GLN K 124 -51.83 -5.53 -38.51
CA GLN K 124 -52.14 -6.42 -37.41
C GLN K 124 -52.58 -5.62 -36.19
N GLN K 125 -53.36 -6.25 -35.32
CA GLN K 125 -53.85 -5.66 -34.09
C GLN K 125 -53.27 -6.41 -32.90
N THR K 126 -52.97 -5.66 -31.83
CA THR K 126 -52.38 -6.24 -30.64
C THR K 126 -52.94 -5.54 -29.41
N ASN K 127 -52.84 -6.23 -28.27
CA ASN K 127 -53.28 -5.68 -26.99
C ASN K 127 -52.11 -5.19 -26.14
N ASN K 128 -50.87 -5.36 -26.59
CA ASN K 128 -49.72 -4.84 -25.86
C ASN K 128 -49.59 -3.35 -26.12
N LEU K 129 -49.58 -2.57 -25.04
CA LEU K 129 -49.58 -1.12 -25.12
C LEU K 129 -48.40 -0.56 -24.33
N PHE K 130 -48.00 0.66 -24.72
CA PHE K 130 -46.92 1.39 -24.09
C PHE K 130 -47.49 2.44 -23.17
N PHE K 131 -46.98 2.51 -21.95
CA PHE K 131 -47.42 3.45 -20.93
C PHE K 131 -46.24 4.30 -20.47
N PHE K 132 -46.51 5.58 -20.25
CA PHE K 132 -45.52 6.53 -19.78
C PHE K 132 -45.93 7.04 -18.40
N GLU K 133 -44.99 7.05 -17.46
CA GLU K 133 -45.25 7.52 -16.10
C GLU K 133 -44.17 8.50 -15.69
N GLN K 134 -44.48 9.28 -14.65
CA GLN K 134 -43.58 10.31 -14.16
C GLN K 134 -43.32 10.10 -12.67
N LYS K 135 -42.05 10.12 -12.29
CA LYS K 135 -41.62 10.06 -10.90
C LYS K 135 -40.89 11.35 -10.55
N SER K 136 -40.99 11.77 -9.28
CA SER K 136 -40.44 13.03 -8.85
C SER K 136 -39.63 12.84 -7.57
N VAL K 137 -38.51 13.56 -7.49
CA VAL K 137 -37.69 13.65 -6.29
C VAL K 137 -37.68 15.11 -5.86
N ALA K 138 -38.14 15.36 -4.63
CA ALA K 138 -38.34 16.72 -4.16
C ALA K 138 -37.00 17.44 -3.95
N SER K 139 -37.09 18.75 -3.76
CA SER K 139 -35.89 19.57 -3.60
C SER K 139 -35.25 19.39 -2.23
N GLU K 140 -36.04 19.04 -1.21
CA GLU K 140 -35.56 18.94 0.15
C GLU K 140 -35.11 17.54 0.53
N GLU K 141 -35.15 16.58 -0.40
CA GLU K 141 -34.77 15.21 -0.11
C GLU K 141 -33.31 14.97 -0.48
N PHE K 142 -32.53 14.47 0.48
CA PHE K 142 -31.13 14.17 0.22
C PHE K 142 -30.99 12.97 -0.70
N ASN K 143 -31.76 11.92 -0.47
CA ASN K 143 -31.72 10.72 -1.29
C ASN K 143 -33.13 10.13 -1.39
N LYS K 144 -33.32 9.33 -2.44
CA LYS K 144 -34.63 8.71 -2.66
C LYS K 144 -34.47 7.40 -3.42
N LYS K 145 -35.21 6.40 -3.01
CA LYS K 145 -35.19 5.08 -3.63
C LYS K 145 -36.52 4.80 -4.32
N ILE K 146 -36.47 4.37 -5.58
CA ILE K 146 -37.66 4.09 -6.36
C ILE K 146 -37.56 2.69 -6.95
N ASP K 147 -38.72 2.09 -7.16
CA ASP K 147 -38.84 0.73 -7.68
C ASP K 147 -39.13 0.82 -9.18
N VAL K 148 -38.16 0.44 -10.00
CA VAL K 148 -38.29 0.53 -11.45
C VAL K 148 -38.46 -0.87 -12.04
N GLN K 149 -38.98 -1.79 -11.24
CA GLN K 149 -39.22 -3.15 -11.73
C GLN K 149 -40.38 -3.15 -12.72
N GLY K 150 -40.18 -3.79 -13.87
CA GLY K 150 -41.14 -3.80 -14.94
C GLY K 150 -40.92 -2.73 -15.99
N PHE K 151 -40.15 -1.69 -15.68
CA PHE K 151 -39.82 -0.66 -16.64
C PHE K 151 -38.64 -1.10 -17.51
N ASP K 152 -38.47 -0.43 -18.63
CA ASP K 152 -37.37 -0.75 -19.54
C ASP K 152 -36.61 0.46 -20.06
N LEU K 153 -37.02 1.68 -19.70
CA LEU K 153 -36.34 2.88 -20.19
C LEU K 153 -36.76 4.06 -19.35
N ALA K 154 -35.79 4.92 -19.02
CA ALA K 154 -36.05 6.12 -18.23
C ALA K 154 -35.34 7.31 -18.84
N ILE K 155 -35.90 8.50 -18.60
CA ILE K 155 -35.31 9.76 -19.04
C ILE K 155 -35.25 10.68 -17.83
N MET K 156 -34.08 11.23 -17.58
CA MET K 156 -33.86 12.12 -16.44
C MET K 156 -33.31 13.45 -16.91
N THR K 157 -33.51 14.48 -16.08
CA THR K 157 -32.99 15.81 -16.36
C THR K 157 -31.63 15.96 -15.68
N VAL K 158 -30.61 16.27 -16.48
CA VAL K 158 -29.25 16.38 -15.96
C VAL K 158 -29.14 17.67 -15.16
N ASP K 159 -28.76 17.55 -13.88
CA ASP K 159 -28.61 18.68 -12.99
C ASP K 159 -27.30 18.55 -12.21
N ASP K 160 -26.75 19.69 -11.83
CA ASP K 160 -25.49 19.71 -11.09
C ASP K 160 -25.65 19.24 -9.65
N SER K 161 -26.88 19.22 -9.13
CA SER K 161 -27.10 18.82 -7.74
C SER K 161 -26.99 17.31 -7.55
N VAL K 162 -27.28 16.53 -8.59
CA VAL K 162 -27.22 15.08 -8.48
C VAL K 162 -25.77 14.64 -8.37
N SER K 163 -25.48 13.86 -7.33
CA SER K 163 -24.11 13.39 -7.08
C SER K 163 -23.91 11.93 -7.46
N ASP K 164 -24.81 11.04 -7.05
CA ASP K 164 -24.64 9.62 -7.32
C ASP K 164 -25.98 8.99 -7.67
N LEU K 165 -25.91 7.90 -8.43
CA LEU K 165 -27.12 7.14 -8.75
C LEU K 165 -26.76 5.67 -8.75
N SER K 166 -27.50 4.87 -7.98
CA SER K 166 -27.17 3.48 -7.73
C SER K 166 -28.24 2.56 -8.34
N TYR K 167 -27.79 1.62 -9.16
CA TYR K 167 -28.64 0.55 -9.66
C TYR K 167 -28.65 -0.62 -8.67
N GLN K 168 -29.84 -1.17 -8.46
CA GLN K 168 -30.01 -2.42 -7.72
C GLN K 168 -30.61 -3.45 -8.67
N TYR K 169 -29.87 -4.53 -8.90
CA TYR K 169 -30.23 -5.52 -9.91
C TYR K 169 -31.04 -6.66 -9.27
N SER K 170 -31.47 -7.59 -10.12
CA SER K 170 -32.29 -8.70 -9.65
C SER K 170 -31.52 -9.62 -8.69
N ASN K 171 -30.23 -9.86 -8.99
CA ASN K 171 -29.44 -10.74 -8.15
C ASN K 171 -29.09 -10.14 -6.79
N GLY K 172 -29.35 -8.85 -6.59
CA GLY K 172 -29.14 -8.21 -5.31
C GLY K 172 -27.97 -7.27 -5.25
N GLN K 173 -27.08 -7.29 -6.24
CA GLN K 173 -25.92 -6.41 -6.22
C GLN K 173 -26.33 -4.96 -6.46
N VAL K 174 -25.65 -4.05 -5.77
CA VAL K 174 -25.90 -2.62 -5.88
C VAL K 174 -24.64 -1.97 -6.42
N VAL K 175 -24.77 -1.23 -7.52
CA VAL K 175 -23.63 -0.61 -8.20
C VAL K 175 -23.90 0.89 -8.31
N LYS K 176 -22.94 1.69 -7.88
CA LYS K 176 -23.08 3.15 -7.86
C LYS K 176 -22.36 3.76 -9.06
N TYR K 177 -23.01 4.73 -9.69
CA TYR K 177 -22.46 5.43 -10.85
C TYR K 177 -22.52 6.93 -10.62
N LEU K 178 -21.56 7.63 -11.24
CA LEU K 178 -21.52 9.08 -11.36
C LEU K 178 -22.27 9.50 -12.62
N PRO K 179 -22.67 10.78 -12.71
CA PRO K 179 -23.33 11.24 -13.95
C PRO K 179 -22.48 11.04 -15.19
N PHE K 180 -21.17 11.27 -15.09
CA PHE K 180 -20.29 11.09 -16.25
C PHE K 180 -20.27 9.64 -16.72
N GLU K 181 -20.15 8.71 -15.77
CA GLU K 181 -20.14 7.29 -16.11
C GLU K 181 -21.50 6.86 -16.68
N LEU K 182 -22.58 7.38 -16.10
CA LEU K 182 -23.91 7.06 -16.62
C LEU K 182 -24.07 7.53 -18.06
N GLN K 183 -23.62 8.76 -18.35
CA GLN K 183 -23.70 9.28 -19.71
C GLN K 183 -22.85 8.45 -20.67
N THR K 184 -21.63 8.11 -20.25
CA THR K 184 -20.76 7.31 -21.12
C THR K 184 -21.36 5.94 -21.40
N LEU K 185 -21.94 5.30 -20.39
CA LEU K 185 -22.58 4.01 -20.60
C LEU K 185 -23.81 4.13 -21.50
N SER K 186 -24.58 5.21 -21.34
CA SER K 186 -25.76 5.41 -22.16
C SER K 186 -25.38 5.62 -23.63
N ARG K 187 -24.30 6.35 -23.88
CA ARG K 187 -23.88 6.64 -25.25
C ARG K 187 -23.22 5.44 -25.93
N ASP K 188 -22.99 4.34 -25.21
CA ASP K 188 -22.46 3.13 -25.82
C ASP K 188 -23.53 2.26 -26.45
N ILE K 189 -24.81 2.59 -26.26
CA ILE K 189 -25.91 1.86 -26.86
C ILE K 189 -26.43 2.56 -28.10
N ASP K 190 -26.73 3.86 -27.99
CA ASP K 190 -27.17 4.68 -29.11
C ASP K 190 -26.17 5.83 -29.27
N PRO K 191 -25.15 5.66 -30.10
CA PRO K 191 -24.14 6.72 -30.24
C PRO K 191 -24.70 8.04 -30.77
N ILE K 192 -25.71 7.99 -31.63
CA ILE K 192 -26.25 9.19 -32.28
C ILE K 192 -27.71 9.35 -31.85
N GLN K 193 -28.05 10.54 -31.38
CA GLN K 193 -29.41 10.84 -30.92
C GLN K 193 -30.26 11.53 -31.98
N ALA K 194 -29.68 12.42 -32.78
CA ALA K 194 -30.45 13.10 -33.81
C ALA K 194 -29.52 13.60 -34.90
N VAL K 195 -30.11 13.89 -36.06
CA VAL K 195 -29.39 14.45 -37.20
C VAL K 195 -30.08 15.74 -37.60
N LEU K 196 -29.30 16.81 -37.77
CA LEU K 196 -29.84 18.12 -38.09
C LEU K 196 -30.01 18.29 -39.60
N SER K 197 -30.50 19.47 -40.00
CA SER K 197 -30.75 19.73 -41.41
C SER K 197 -29.48 20.00 -42.18
N ASP K 198 -28.45 20.53 -41.54
CA ASP K 198 -27.20 20.90 -42.22
C ASP K 198 -26.20 19.75 -42.24
N GLY K 199 -26.55 18.58 -41.72
CA GLY K 199 -25.71 17.41 -41.80
C GLY K 199 -24.94 17.08 -40.54
N LYS K 200 -24.97 17.96 -39.53
CA LYS K 200 -24.26 17.72 -38.28
C LYS K 200 -25.14 16.91 -37.34
N VAL K 201 -24.59 15.82 -36.83
CA VAL K 201 -25.32 14.95 -35.90
C VAL K 201 -25.10 15.45 -34.48
N VAL K 202 -26.10 15.23 -33.63
CA VAL K 202 -26.00 15.49 -32.21
C VAL K 202 -26.17 14.16 -31.46
N GLN K 203 -25.23 13.86 -30.58
CA GLN K 203 -25.16 12.59 -29.90
C GLN K 203 -25.86 12.59 -28.54
N GLY K 204 -26.47 13.72 -28.16
CA GLY K 204 -27.19 13.78 -26.91
C GLY K 204 -27.65 15.17 -26.56
N LEU K 205 -28.60 15.27 -25.62
CA LEU K 205 -29.08 16.55 -25.15
C LEU K 205 -28.25 17.03 -23.96
N THR K 206 -28.08 18.35 -23.88
CA THR K 206 -27.29 18.94 -22.80
C THR K 206 -28.05 18.98 -21.48
N ASP K 207 -29.33 18.63 -21.47
CA ASP K 207 -30.11 18.66 -20.24
C ASP K 207 -30.94 17.39 -20.01
N ARG K 208 -30.89 16.42 -20.92
CA ARG K 208 -31.64 15.18 -20.79
C ARG K 208 -30.70 13.99 -20.98
N LEU K 209 -30.89 12.97 -20.14
CA LEU K 209 -30.12 11.74 -20.22
C LEU K 209 -31.07 10.55 -20.28
N THR K 210 -30.75 9.58 -21.12
CA THR K 210 -31.59 8.40 -21.31
C THR K 210 -30.88 7.19 -20.72
N LEU K 211 -31.56 6.48 -19.82
CA LEU K 211 -31.01 5.32 -19.13
C LEU K 211 -31.80 4.08 -19.52
N PRO K 212 -31.16 3.07 -20.14
CA PRO K 212 -31.83 1.80 -20.37
C PRO K 212 -31.71 0.89 -19.15
N LEU K 213 -32.85 0.44 -18.65
CA LEU K 213 -32.91 -0.38 -17.45
C LEU K 213 -33.09 -1.84 -17.87
N VAL K 214 -32.02 -2.62 -17.80
CA VAL K 214 -32.04 -4.04 -18.13
C VAL K 214 -31.72 -4.81 -16.87
N ALA K 215 -32.66 -5.65 -16.42
CA ALA K 215 -32.51 -6.46 -15.22
C ALA K 215 -32.19 -5.60 -14.00
N VAL K 216 -32.82 -4.43 -13.92
CA VAL K 216 -32.66 -3.52 -12.80
C VAL K 216 -33.97 -3.43 -12.06
N VAL K 217 -33.94 -3.62 -10.74
CA VAL K 217 -35.14 -3.63 -9.91
C VAL K 217 -35.20 -2.48 -8.93
N GLY K 218 -34.18 -1.62 -8.89
CA GLY K 218 -34.26 -0.46 -8.02
C GLY K 218 -33.31 0.63 -8.46
N ILE K 219 -33.71 1.88 -8.23
CA ILE K 219 -32.87 3.03 -8.54
C ILE K 219 -32.83 3.94 -7.32
N GLU K 220 -31.62 4.27 -6.87
CA GLU K 220 -31.43 5.18 -5.75
C GLU K 220 -30.71 6.44 -6.24
N ILE K 221 -31.21 7.60 -5.85
CA ILE K 221 -30.65 8.88 -6.25
C ILE K 221 -30.14 9.59 -5.01
N ASN K 222 -28.86 9.97 -5.02
CA ASN K 222 -28.24 10.73 -3.95
C ASN K 222 -27.82 12.08 -4.52
N LYS K 223 -28.31 13.15 -3.90
CA LYS K 223 -28.09 14.50 -4.39
C LYS K 223 -28.05 15.47 -3.21
N SER K 224 -27.83 16.74 -3.51
CA SER K 224 -27.88 17.81 -2.52
C SER K 224 -29.20 18.56 -2.63
N GLN K 225 -29.57 19.21 -1.53
CA GLN K 225 -30.82 19.96 -1.49
C GLN K 225 -30.75 21.17 -2.41
N GLY K 226 -31.91 21.52 -2.98
CA GLY K 226 -32.01 22.74 -3.76
C GLY K 226 -32.80 22.62 -5.05
N SER K 227 -32.82 21.45 -5.66
CA SER K 227 -33.44 21.27 -6.97
C SER K 227 -34.31 20.03 -6.99
N ILE K 228 -35.32 20.06 -7.85
CA ILE K 228 -36.27 18.97 -8.03
C ILE K 228 -35.83 18.15 -9.24
N ILE K 229 -36.03 16.83 -9.17
CA ILE K 229 -35.63 15.91 -10.23
C ILE K 229 -36.86 15.19 -10.75
N ASN K 230 -36.93 15.03 -12.07
CA ASN K 230 -38.07 14.38 -12.72
C ASN K 230 -37.57 13.22 -13.57
N PHE K 231 -38.19 12.05 -13.41
CA PHE K 231 -37.93 10.88 -14.24
C PHE K 231 -39.17 10.56 -15.06
N VAL K 232 -38.97 10.28 -16.34
CA VAL K 232 -40.04 9.82 -17.22
C VAL K 232 -39.72 8.37 -17.60
N VAL K 233 -40.58 7.45 -17.17
CA VAL K 233 -40.33 6.03 -17.35
C VAL K 233 -41.32 5.46 -18.35
N ARG K 234 -40.87 4.47 -19.11
CA ARG K 234 -41.69 3.79 -20.11
C ARG K 234 -41.86 2.33 -19.74
N CYS K 235 -43.02 1.77 -20.06
CA CYS K 235 -43.28 0.36 -19.82
C CYS K 235 -44.20 -0.19 -20.89
N LEU K 236 -44.19 -1.51 -21.02
CA LEU K 236 -45.05 -2.22 -21.96
C LEU K 236 -45.85 -3.26 -21.19
N LYS K 237 -47.16 -3.29 -21.43
CA LYS K 237 -47.99 -4.31 -20.78
C LYS K 237 -49.21 -4.61 -21.61
N THR K 238 -49.79 -5.77 -21.36
CA THR K 238 -50.98 -6.23 -22.08
C THR K 238 -52.23 -5.82 -21.34
N VAL K 239 -53.12 -5.10 -22.03
CA VAL K 239 -54.36 -4.66 -21.43
C VAL K 239 -55.46 -5.68 -21.69
N MET L 1 -9.69 -7.47 -56.96
CA MET L 1 -8.66 -7.02 -57.86
C MET L 1 -9.12 -5.80 -58.65
N LYS L 2 -8.17 -5.03 -59.19
CA LYS L 2 -8.48 -3.85 -59.97
C LYS L 2 -9.08 -4.30 -61.31
N ILE L 3 -10.39 -4.16 -61.46
CA ILE L 3 -11.04 -4.59 -62.70
C ILE L 3 -10.76 -3.60 -63.81
N ALA L 4 -11.11 -2.33 -63.61
CA ALA L 4 -10.89 -1.36 -64.67
C ALA L 4 -10.94 0.07 -64.13
N THR L 5 -10.42 0.99 -64.93
CA THR L 5 -10.54 2.42 -64.70
C THR L 5 -10.96 3.09 -66.00
N ILE L 6 -11.92 4.01 -65.90
CA ILE L 6 -12.52 4.68 -67.05
C ILE L 6 -12.34 6.17 -66.88
N THR L 7 -11.80 6.84 -67.91
CA THR L 7 -11.59 8.27 -67.89
C THR L 7 -11.61 8.79 -69.32
N GLY L 8 -12.34 9.87 -69.54
CA GLY L 8 -12.39 10.50 -70.85
C GLY L 8 -13.50 10.03 -71.78
N VAL L 9 -13.61 8.72 -71.97
CA VAL L 9 -14.61 8.18 -72.88
C VAL L 9 -15.98 8.19 -72.22
N THR L 10 -17.02 8.17 -73.03
CA THR L 10 -18.40 8.18 -72.57
C THR L 10 -19.01 6.79 -72.45
N LYS L 11 -18.26 5.74 -72.77
CA LYS L 11 -18.78 4.38 -72.69
C LYS L 11 -17.63 3.43 -72.40
N SER L 12 -17.77 2.64 -71.35
CA SER L 12 -16.75 1.66 -71.00
C SER L 12 -16.80 0.47 -71.96
N PRO L 13 -15.65 -0.12 -72.25
CA PRO L 13 -15.65 -1.34 -73.07
C PRO L 13 -16.26 -2.51 -72.32
N GLU L 14 -16.41 -3.62 -73.04
CA GLU L 14 -16.99 -4.82 -72.44
C GLU L 14 -16.00 -5.46 -71.48
N LEU L 15 -16.09 -5.12 -70.21
CA LEU L 15 -15.15 -5.63 -69.22
C LEU L 15 -15.46 -7.09 -68.92
N GLN L 16 -14.41 -7.91 -68.93
CA GLN L 16 -14.54 -9.36 -68.74
C GLN L 16 -13.82 -9.78 -67.47
N VAL L 17 -14.50 -10.57 -66.64
CA VAL L 17 -13.93 -11.12 -65.41
C VAL L 17 -14.04 -12.64 -65.49
N THR L 18 -12.91 -13.32 -65.28
CA THR L 18 -12.84 -14.77 -65.41
C THR L 18 -12.82 -15.49 -64.06
N LYS L 19 -12.07 -14.98 -63.09
CA LYS L 19 -12.04 -15.61 -61.78
C LYS L 19 -13.30 -15.28 -60.99
N ALA L 20 -13.56 -16.09 -59.96
CA ALA L 20 -14.79 -15.95 -59.19
C ALA L 20 -14.71 -14.74 -58.27
N ILE L 21 -15.68 -13.83 -58.41
CA ILE L 21 -15.80 -12.66 -57.55
C ILE L 21 -17.21 -12.65 -56.98
N GLY L 22 -17.37 -11.93 -55.87
CA GLY L 22 -18.64 -11.90 -55.18
C GLY L 22 -19.22 -10.50 -54.99
N ALA L 23 -18.37 -9.48 -55.08
CA ALA L 23 -18.81 -8.12 -54.86
C ALA L 23 -18.03 -7.17 -55.74
N LEU L 24 -18.63 -6.03 -56.04
CA LEU L 24 -18.04 -5.00 -56.87
C LEU L 24 -17.89 -3.71 -56.07
N ILE L 25 -16.71 -3.11 -56.14
CA ILE L 25 -16.45 -1.82 -55.52
C ILE L 25 -16.44 -0.78 -56.63
N LEU L 26 -17.37 0.17 -56.55
CA LEU L 26 -17.52 1.24 -57.52
C LEU L 26 -17.03 2.52 -56.86
N SER L 27 -16.03 3.15 -57.45
CA SER L 27 -15.50 4.40 -56.89
C SER L 27 -15.48 5.47 -57.96
N SER L 28 -15.74 6.71 -57.54
CA SER L 28 -15.79 7.83 -58.47
C SER L 28 -15.45 9.11 -57.70
N ASP L 29 -15.02 10.11 -58.46
CA ASP L 29 -14.78 11.45 -57.92
C ASP L 29 -16.01 12.33 -57.95
N VAL L 30 -17.12 11.82 -58.48
CA VAL L 30 -18.40 12.53 -58.49
C VAL L 30 -19.23 12.06 -57.30
N ALA L 31 -19.93 12.99 -56.67
CA ALA L 31 -20.69 12.67 -55.47
C ALA L 31 -21.88 11.77 -55.82
N LEU L 32 -22.42 11.11 -54.78
CA LEU L 32 -23.56 10.23 -54.97
C LEU L 32 -24.79 11.01 -55.45
N SER L 33 -25.01 12.20 -54.88
CA SER L 33 -26.16 13.01 -55.24
C SER L 33 -26.03 13.62 -56.63
N ALA L 34 -24.86 13.57 -57.25
CA ALA L 34 -24.63 14.18 -58.56
C ALA L 34 -24.71 13.19 -59.71
N LEU L 35 -24.98 11.91 -59.44
CA LEU L 35 -25.17 10.94 -60.51
C LEU L 35 -26.49 11.20 -61.22
N THR L 36 -26.44 11.31 -62.54
CA THR L 36 -27.61 11.69 -63.31
C THR L 36 -28.06 10.64 -64.32
N THR L 37 -27.13 10.12 -65.13
CA THR L 37 -27.51 9.32 -66.30
C THR L 37 -26.73 8.01 -66.42
N GLU L 38 -25.62 7.85 -65.71
CA GLU L 38 -24.78 6.67 -65.87
C GLU L 38 -25.56 5.40 -65.57
N LYS L 39 -25.31 4.35 -66.37
CA LYS L 39 -26.00 3.08 -66.25
C LYS L 39 -24.98 1.95 -66.28
N ILE L 40 -25.35 0.82 -65.68
CA ILE L 40 -24.50 -0.36 -65.63
C ILE L 40 -25.27 -1.56 -66.14
N SER L 41 -24.54 -2.53 -66.69
CA SER L 41 -25.13 -3.77 -67.20
C SER L 41 -24.18 -4.91 -66.88
N ILE L 42 -24.66 -5.90 -66.13
CA ILE L 42 -23.86 -7.02 -65.68
C ILE L 42 -24.55 -8.30 -66.09
N TYR L 43 -23.80 -9.24 -66.67
CA TYR L 43 -24.37 -10.55 -66.97
C TYR L 43 -23.27 -11.60 -66.97
N ILE L 44 -23.69 -12.87 -67.01
CA ILE L 44 -22.81 -14.02 -66.99
C ILE L 44 -23.03 -14.80 -68.28
N GLU L 45 -21.97 -15.00 -69.05
CA GLU L 45 -22.06 -15.69 -70.34
C GLU L 45 -21.82 -17.17 -70.11
N ARG L 46 -22.90 -17.95 -70.07
CA ARG L 46 -22.79 -19.37 -69.79
C ARG L 46 -22.24 -20.16 -70.98
N GLY L 47 -22.41 -19.66 -72.20
CA GLY L 47 -21.95 -20.38 -73.37
C GLY L 47 -22.67 -19.98 -74.64
N ASN L 48 -23.18 -20.98 -75.37
CA ASN L 48 -23.92 -20.77 -76.61
C ASN L 48 -25.29 -20.20 -76.25
N GLY L 49 -25.32 -18.90 -76.00
CA GLY L 49 -26.55 -18.28 -75.57
C GLY L 49 -26.90 -18.68 -74.14
N SER L 50 -28.16 -18.41 -73.77
CA SER L 50 -28.70 -18.76 -72.45
C SER L 50 -27.87 -18.13 -71.33
N ASN L 51 -27.40 -16.91 -71.56
CA ASN L 51 -26.66 -16.18 -70.55
C ASN L 51 -27.60 -15.67 -69.46
N VAL L 52 -27.06 -15.48 -68.27
CA VAL L 52 -27.84 -15.07 -67.10
C VAL L 52 -27.68 -13.57 -66.89
N ILE L 53 -28.80 -12.86 -66.82
CA ILE L 53 -28.80 -11.40 -66.74
C ILE L 53 -29.08 -11.01 -65.29
N LEU L 54 -28.12 -10.30 -64.69
CA LEU L 54 -28.28 -9.78 -63.33
C LEU L 54 -28.68 -8.31 -63.29
N ALA L 55 -28.34 -7.55 -64.34
CA ALA L 55 -28.71 -6.14 -64.42
C ALA L 55 -28.62 -5.71 -65.88
N ASN L 56 -29.68 -5.09 -66.38
CA ASN L 56 -29.77 -4.67 -67.78
C ASN L 56 -29.97 -3.16 -67.82
N LYS L 57 -28.86 -2.42 -67.97
CA LYS L 57 -28.88 -0.96 -68.09
C LYS L 57 -29.60 -0.33 -66.89
N VAL L 58 -29.27 -0.79 -65.69
CA VAL L 58 -29.83 -0.24 -64.48
C VAL L 58 -29.08 1.04 -64.11
N LEU L 59 -29.81 2.05 -63.66
CA LEU L 59 -29.20 3.31 -63.27
C LEU L 59 -28.23 3.10 -62.12
N LEU L 60 -27.10 3.81 -62.18
CA LEU L 60 -26.06 3.62 -61.16
C LEU L 60 -26.54 4.05 -59.79
N LYS L 61 -27.30 5.14 -59.71
CA LYS L 61 -27.80 5.61 -58.42
C LYS L 61 -28.72 4.56 -57.78
N ASP L 62 -29.64 4.00 -58.58
CA ASP L 62 -30.53 2.97 -58.06
C ASP L 62 -29.78 1.72 -57.68
N PHE L 63 -28.77 1.34 -58.49
CA PHE L 63 -27.97 0.17 -58.18
C PHE L 63 -27.22 0.34 -56.87
N ILE L 64 -26.68 1.53 -56.62
CA ILE L 64 -25.96 1.78 -55.38
C ILE L 64 -26.92 1.81 -54.20
N LEU L 65 -28.08 2.46 -54.35
CA LEU L 65 -29.03 2.57 -53.25
C LEU L 65 -29.61 1.22 -52.87
N ALA L 66 -29.91 0.36 -53.85
CA ALA L 66 -30.53 -0.92 -53.57
C ALA L 66 -29.57 -1.93 -52.95
N SER L 67 -28.27 -1.65 -52.93
CA SER L 67 -27.29 -2.59 -52.41
C SER L 67 -26.67 -2.17 -51.09
N THR L 68 -26.83 -0.91 -50.67
CA THR L 68 -26.23 -0.38 -49.46
C THR L 68 -27.31 0.04 -48.46
N TYR L 69 -28.35 -0.77 -48.31
CA TYR L 69 -29.43 -0.51 -47.38
C TYR L 69 -29.20 -1.29 -46.10
N GLY L 70 -29.23 -0.58 -44.97
CA GLY L 70 -29.01 -1.21 -43.68
C GLY L 70 -27.94 -0.55 -42.86
N THR L 71 -27.10 -1.36 -42.20
CA THR L 71 -26.05 -0.81 -41.35
C THR L 71 -25.02 -0.04 -42.15
N GLU L 72 -24.68 -0.52 -43.35
CA GLU L 72 -23.65 0.10 -44.16
C GLU L 72 -24.19 1.31 -44.92
N ASN L 73 -23.27 2.07 -45.50
CA ASN L 73 -23.60 3.23 -46.32
C ASN L 73 -22.42 3.52 -47.23
N THR L 74 -22.66 4.38 -48.22
CA THR L 74 -21.59 4.75 -49.15
C THR L 74 -20.51 5.53 -48.41
N GLN L 75 -19.28 5.38 -48.89
CA GLN L 75 -18.10 5.90 -48.21
C GLN L 75 -17.47 7.03 -49.03
N SER L 76 -16.59 7.77 -48.38
CA SER L 76 -15.87 8.86 -49.04
C SER L 76 -14.45 8.92 -48.52
N ASP L 77 -13.57 9.50 -49.32
CA ASP L 77 -12.16 9.62 -48.97
C ASP L 77 -11.65 10.99 -49.43
N ALA L 78 -10.36 11.23 -49.21
CA ALA L 78 -9.72 12.44 -49.71
C ALA L 78 -9.32 12.33 -51.17
N ASP L 79 -9.32 11.14 -51.75
CA ASP L 79 -9.01 10.92 -53.15
C ASP L 79 -10.24 10.56 -53.98
N ASN L 80 -11.18 9.82 -53.40
CA ASN L 80 -12.41 9.43 -54.07
C ASN L 80 -13.59 10.02 -53.33
N ALA L 81 -14.49 10.67 -54.07
CA ALA L 81 -15.65 11.32 -53.47
C ALA L 81 -16.84 10.39 -53.29
N MET L 82 -16.78 9.17 -53.82
CA MET L 82 -17.88 8.22 -53.66
C MET L 82 -17.33 6.81 -53.81
N ILE L 83 -17.60 5.96 -52.82
CA ILE L 83 -17.23 4.55 -52.85
C ILE L 83 -18.44 3.74 -52.43
N ALA L 84 -18.73 2.66 -53.16
CA ALA L 84 -19.87 1.81 -52.84
C ALA L 84 -19.51 0.35 -53.10
N LEU L 85 -19.80 -0.52 -52.14
CA LEU L 85 -19.56 -1.95 -52.25
C LEU L 85 -20.91 -2.64 -52.44
N CYS L 86 -21.14 -3.20 -53.63
CA CYS L 86 -22.39 -3.85 -53.97
C CYS L 86 -22.14 -5.34 -54.14
N GLU L 87 -22.86 -6.16 -53.39
CA GLU L 87 -22.69 -7.60 -53.45
C GLU L 87 -23.51 -8.20 -54.58
N LEU L 88 -23.01 -9.30 -55.13
CA LEU L 88 -23.68 -10.02 -56.21
C LEU L 88 -24.12 -11.43 -55.81
N ALA L 89 -23.76 -11.91 -54.63
CA ALA L 89 -24.13 -13.23 -54.18
C ALA L 89 -24.59 -13.15 -52.73
N ASP L 90 -25.25 -14.22 -52.26
CA ASP L 90 -25.81 -14.22 -50.92
C ASP L 90 -24.73 -14.27 -49.85
N GLU L 91 -23.94 -15.34 -49.86
CA GLU L 91 -22.93 -15.55 -48.83
C GLU L 91 -21.51 -15.68 -49.38
N GLY L 92 -21.34 -16.30 -50.54
CA GLY L 92 -20.01 -16.51 -51.08
C GLY L 92 -19.73 -15.72 -52.35
N SER L 93 -19.54 -16.43 -53.45
CA SER L 93 -19.21 -15.79 -54.72
C SER L 93 -19.75 -16.66 -55.86
N ILE L 94 -19.89 -16.03 -57.03
CA ILE L 94 -20.42 -16.72 -58.21
C ILE L 94 -19.45 -17.80 -58.66
N TYR L 95 -20.00 -18.93 -59.07
CA TYR L 95 -19.21 -20.09 -59.46
C TYR L 95 -19.30 -20.29 -60.97
N LEU L 96 -18.14 -20.30 -61.64
CA LEU L 96 -18.06 -20.50 -63.08
C LEU L 96 -17.36 -21.82 -63.35
N ALA L 97 -17.99 -22.67 -64.17
CA ALA L 97 -17.53 -24.05 -64.28
C ALA L 97 -16.35 -24.20 -65.23
N ASP L 98 -16.55 -23.94 -66.52
CA ASP L 98 -15.51 -24.17 -67.51
C ASP L 98 -15.15 -22.93 -68.32
N LYS L 99 -16.15 -22.21 -68.86
CA LYS L 99 -15.89 -21.09 -69.74
C LYS L 99 -16.75 -19.86 -69.44
N GLU L 100 -17.57 -19.92 -68.40
CA GLU L 100 -18.40 -18.77 -68.07
C GLU L 100 -17.54 -17.59 -67.62
N SER L 101 -17.99 -16.39 -67.98
CA SER L 101 -17.31 -15.16 -67.61
C SER L 101 -18.36 -14.11 -67.27
N ILE L 102 -17.97 -13.17 -66.42
CA ILE L 102 -18.84 -12.09 -66.00
C ILE L 102 -18.50 -10.86 -66.83
N LYS L 103 -19.46 -10.38 -67.61
CA LYS L 103 -19.27 -9.21 -68.46
C LYS L 103 -20.00 -8.02 -67.85
N ILE L 104 -19.28 -6.92 -67.70
CA ILE L 104 -19.76 -5.69 -67.10
C ILE L 104 -19.54 -4.55 -68.08
N THR L 105 -20.57 -3.71 -68.25
CA THR L 105 -20.50 -2.58 -69.16
C THR L 105 -21.08 -1.35 -68.49
N LEU L 106 -20.47 -0.20 -68.75
CA LEU L 106 -20.94 1.09 -68.25
C LEU L 106 -21.35 1.96 -69.44
N GLU L 107 -22.45 2.69 -69.29
CA GLU L 107 -23.00 3.50 -70.36
C GLU L 107 -23.40 4.87 -69.84
N ASP L 108 -23.46 5.83 -70.77
CA ASP L 108 -23.88 7.20 -70.47
C ASP L 108 -22.97 7.88 -69.46
N LEU L 109 -21.68 7.55 -69.48
CA LEU L 109 -20.74 8.16 -68.55
C LEU L 109 -20.45 9.60 -68.94
N ILE L 110 -19.94 10.36 -67.97
CA ILE L 110 -19.59 11.76 -68.19
C ILE L 110 -18.19 11.83 -68.79
N SER L 111 -17.98 12.77 -69.70
CA SER L 111 -16.72 12.85 -70.44
C SER L 111 -15.56 13.20 -69.51
N ASP L 112 -15.75 14.19 -68.63
CA ASP L 112 -14.68 14.69 -67.79
C ASP L 112 -14.72 14.13 -66.37
N LYS L 113 -15.13 12.88 -66.20
CA LYS L 113 -15.20 12.26 -64.89
C LYS L 113 -14.48 10.91 -64.92
N ARG L 114 -14.05 10.48 -63.74
CA ARG L 114 -13.27 9.26 -63.57
C ARG L 114 -14.08 8.22 -62.81
N TYR L 115 -13.98 6.97 -63.22
CA TYR L 115 -14.63 5.86 -62.54
C TYR L 115 -13.66 4.71 -62.39
N ASP L 116 -13.83 3.93 -61.32
CA ASP L 116 -12.98 2.77 -61.06
C ASP L 116 -13.84 1.61 -60.56
N LEU L 117 -13.62 0.44 -61.13
CA LEU L 117 -14.33 -0.78 -60.75
C LEU L 117 -13.32 -1.79 -60.24
N HIS L 118 -13.60 -2.34 -59.05
CA HIS L 118 -12.79 -3.39 -58.44
C HIS L 118 -13.67 -4.59 -58.14
N GLY L 119 -13.07 -5.77 -58.15
CA GLY L 119 -13.77 -7.01 -57.83
C GLY L 119 -13.22 -7.62 -56.56
N ILE L 120 -14.10 -8.22 -55.76
CA ILE L 120 -13.74 -8.81 -54.48
C ILE L 120 -13.92 -10.32 -54.59
N GLU L 121 -12.87 -11.06 -54.29
CA GLU L 121 -12.92 -12.52 -54.28
C GLU L 121 -13.37 -13.03 -52.92
N GLU L 122 -13.92 -14.24 -52.91
CA GLU L 122 -14.40 -14.86 -51.69
C GLU L 122 -13.90 -16.30 -51.63
N PRO L 123 -13.70 -16.84 -50.41
CA PRO L 123 -13.25 -18.23 -50.30
C PRO L 123 -14.35 -19.26 -50.47
N GLN L 124 -15.60 -18.84 -50.60
CA GLN L 124 -16.73 -19.74 -50.72
C GLN L 124 -17.32 -19.65 -52.12
N GLN L 125 -18.23 -20.58 -52.42
CA GLN L 125 -18.98 -20.60 -53.66
C GLN L 125 -20.46 -20.78 -53.34
N THR L 126 -21.32 -20.17 -54.15
CA THR L 126 -22.75 -20.23 -53.91
C THR L 126 -23.50 -20.07 -55.23
N ASN L 127 -24.76 -20.50 -55.23
CA ASN L 127 -25.63 -20.37 -56.39
C ASN L 127 -26.76 -19.38 -56.18
N ASN L 128 -26.81 -18.71 -55.04
CA ASN L 128 -27.84 -17.72 -54.75
C ASN L 128 -27.35 -16.37 -55.24
N LEU L 129 -28.02 -15.81 -56.24
CA LEU L 129 -27.61 -14.58 -56.88
C LEU L 129 -28.70 -13.52 -56.76
N PHE L 130 -28.28 -12.26 -56.85
CA PHE L 130 -29.19 -11.13 -56.79
C PHE L 130 -29.56 -10.69 -58.20
N PHE L 131 -30.85 -10.43 -58.41
CA PHE L 131 -31.38 -10.00 -59.69
C PHE L 131 -32.10 -8.66 -59.52
N PHE L 132 -31.86 -7.76 -60.46
CA PHE L 132 -32.48 -6.44 -60.50
C PHE L 132 -33.48 -6.36 -61.63
N GLU L 133 -34.65 -5.81 -61.35
CA GLU L 133 -35.69 -5.65 -62.36
C GLU L 133 -36.24 -4.24 -62.29
N GLN L 134 -36.81 -3.78 -63.41
CA GLN L 134 -37.32 -2.43 -63.54
C GLN L 134 -38.79 -2.46 -63.91
N LYS L 135 -39.56 -1.57 -63.29
CA LYS L 135 -40.98 -1.39 -63.59
C LYS L 135 -41.26 0.10 -63.72
N SER L 136 -42.24 0.43 -64.57
CA SER L 136 -42.55 1.82 -64.86
C SER L 136 -44.05 1.98 -65.02
N VAL L 137 -44.47 3.22 -65.30
CA VAL L 137 -45.87 3.55 -65.54
C VAL L 137 -45.95 4.34 -66.83
N ALA L 138 -47.13 4.31 -67.45
CA ALA L 138 -47.30 4.90 -68.78
C ALA L 138 -47.26 6.42 -68.77
N SER L 139 -47.30 7.06 -67.60
CA SER L 139 -47.28 8.51 -67.40
C SER L 139 -48.52 9.19 -67.98
N GLU L 140 -49.49 8.44 -68.49
CA GLU L 140 -50.74 9.01 -69.01
C GLU L 140 -51.95 8.44 -68.30
N GLU L 141 -51.76 7.74 -67.18
CA GLU L 141 -52.85 7.15 -66.43
C GLU L 141 -52.71 7.52 -64.97
N PHE L 142 -53.87 7.65 -64.30
CA PHE L 142 -53.88 8.15 -62.93
C PHE L 142 -53.33 7.14 -61.94
N ASN L 143 -53.73 5.88 -62.06
CA ASN L 143 -53.37 4.85 -61.10
C ASN L 143 -52.88 3.59 -61.80
N LYS L 144 -52.08 2.81 -61.08
CA LYS L 144 -51.61 1.54 -61.60
C LYS L 144 -51.20 0.62 -60.45
N LYS L 145 -51.47 -0.67 -60.61
CA LYS L 145 -51.13 -1.66 -59.59
C LYS L 145 -50.05 -2.59 -60.13
N ILE L 146 -49.06 -2.89 -59.29
CA ILE L 146 -47.99 -3.81 -59.61
C ILE L 146 -47.89 -4.85 -58.49
N ASP L 147 -47.33 -5.99 -58.83
CA ASP L 147 -47.17 -7.11 -57.91
C ASP L 147 -45.70 -7.21 -57.55
N VAL L 148 -45.42 -7.21 -56.25
CA VAL L 148 -44.03 -7.18 -55.76
C VAL L 148 -43.76 -8.38 -54.88
N GLN L 149 -44.45 -9.50 -55.13
CA GLN L 149 -44.21 -10.70 -54.34
C GLN L 149 -42.83 -11.27 -54.64
N GLY L 150 -42.13 -11.70 -53.60
CA GLY L 150 -40.79 -12.23 -53.70
C GLY L 150 -39.70 -11.19 -53.52
N PHE L 151 -39.88 -10.00 -54.10
CA PHE L 151 -38.89 -8.94 -53.96
C PHE L 151 -38.87 -8.43 -52.52
N ASP L 152 -37.65 -8.16 -52.03
CA ASP L 152 -37.46 -7.73 -50.64
C ASP L 152 -36.97 -6.29 -50.53
N LEU L 153 -36.79 -5.58 -51.65
CA LEU L 153 -36.31 -4.21 -51.59
C LEU L 153 -36.65 -3.51 -52.90
N ALA L 154 -37.13 -2.27 -52.80
CA ALA L 154 -37.49 -1.48 -53.95
C ALA L 154 -36.93 -0.07 -53.83
N ILE L 155 -36.58 0.51 -54.97
CA ILE L 155 -36.14 1.89 -55.07
C ILE L 155 -37.08 2.62 -55.99
N MET L 156 -37.81 3.60 -55.47
CA MET L 156 -38.81 4.31 -56.24
C MET L 156 -38.36 5.75 -56.48
N THR L 157 -38.70 6.27 -57.65
CA THR L 157 -38.45 7.69 -57.89
C THR L 157 -39.45 8.53 -57.09
N VAL L 158 -39.05 9.77 -56.81
CA VAL L 158 -39.83 10.67 -55.98
C VAL L 158 -40.22 11.89 -56.80
N ASP L 159 -41.52 12.17 -56.87
CA ASP L 159 -42.03 13.34 -57.56
C ASP L 159 -43.20 13.91 -56.77
N ASP L 160 -43.52 15.16 -57.06
CA ASP L 160 -44.62 15.84 -56.38
C ASP L 160 -45.98 15.41 -56.92
N SER L 161 -46.01 14.70 -58.05
CA SER L 161 -47.26 14.28 -58.68
C SER L 161 -47.78 12.96 -58.15
N VAL L 162 -47.08 12.32 -57.22
CA VAL L 162 -47.53 11.06 -56.64
C VAL L 162 -48.33 11.37 -55.38
N SER L 163 -49.59 10.94 -55.35
CA SER L 163 -50.48 11.24 -54.24
C SER L 163 -50.51 10.13 -53.20
N ASP L 164 -50.91 8.92 -53.58
CA ASP L 164 -51.11 7.84 -52.64
C ASP L 164 -50.32 6.60 -53.05
N LEU L 165 -49.85 5.86 -52.05
CA LEU L 165 -49.26 4.54 -52.28
C LEU L 165 -49.98 3.53 -51.39
N SER L 166 -50.57 2.51 -52.00
CA SER L 166 -51.34 1.50 -51.29
C SER L 166 -50.54 0.21 -51.21
N TYR L 167 -50.39 -0.32 -50.01
CA TYR L 167 -49.70 -1.59 -49.77
C TYR L 167 -50.74 -2.66 -49.48
N GLN L 168 -50.67 -3.76 -50.21
CA GLN L 168 -51.51 -4.93 -49.97
C GLN L 168 -50.61 -6.06 -49.48
N TYR L 169 -50.86 -6.52 -48.25
CA TYR L 169 -50.04 -7.52 -47.60
C TYR L 169 -50.56 -8.92 -47.90
N SER L 170 -49.88 -9.93 -47.34
CA SER L 170 -50.23 -11.32 -47.60
C SER L 170 -51.51 -11.73 -46.90
N ASN L 171 -51.94 -11.00 -45.87
CA ASN L 171 -53.15 -11.33 -45.13
C ASN L 171 -54.38 -10.58 -45.65
N GLY L 172 -54.25 -9.81 -46.72
CA GLY L 172 -55.38 -9.14 -47.34
C GLY L 172 -55.59 -7.71 -46.93
N GLN L 173 -54.93 -7.24 -45.87
CA GLN L 173 -55.10 -5.87 -45.42
C GLN L 173 -54.48 -4.90 -46.42
N VAL L 174 -55.12 -3.75 -46.57
CA VAL L 174 -54.67 -2.70 -47.50
C VAL L 174 -54.45 -1.43 -46.69
N VAL L 175 -53.24 -0.87 -46.78
CA VAL L 175 -52.86 0.31 -46.01
C VAL L 175 -52.41 1.40 -46.99
N LYS L 176 -52.97 2.59 -46.82
CA LYS L 176 -52.63 3.74 -47.67
C LYS L 176 -51.61 4.63 -46.99
N TYR L 177 -50.62 5.08 -47.76
CA TYR L 177 -49.55 5.92 -47.25
C TYR L 177 -49.36 7.14 -48.14
N LEU L 178 -48.97 8.24 -47.52
CA LEU L 178 -48.54 9.47 -48.17
C LEU L 178 -47.02 9.46 -48.31
N PRO L 179 -46.47 10.27 -49.23
CA PRO L 179 -45.01 10.28 -49.39
C PRO L 179 -44.25 10.66 -48.13
N PHE L 180 -44.78 11.60 -47.33
CA PHE L 180 -44.09 11.99 -46.11
C PHE L 180 -44.04 10.83 -45.11
N GLU L 181 -45.16 10.14 -44.93
CA GLU L 181 -45.17 8.98 -44.04
C GLU L 181 -44.26 7.88 -44.56
N LEU L 182 -44.25 7.67 -45.88
CA LEU L 182 -43.38 6.66 -46.48
C LEU L 182 -41.91 6.98 -46.20
N GLN L 183 -41.52 8.24 -46.38
CA GLN L 183 -40.15 8.64 -46.12
C GLN L 183 -39.80 8.50 -44.64
N THR L 184 -40.73 8.87 -43.75
CA THR L 184 -40.48 8.75 -42.32
C THR L 184 -40.28 7.29 -41.92
N LEU L 185 -41.10 6.39 -42.45
CA LEU L 185 -40.93 4.97 -42.15
C LEU L 185 -39.65 4.43 -42.76
N SER L 186 -39.28 4.90 -43.95
CA SER L 186 -38.06 4.44 -44.59
C SER L 186 -36.83 4.85 -43.79
N ARG L 187 -36.81 6.08 -43.28
CA ARG L 187 -35.66 6.57 -42.52
C ARG L 187 -35.64 6.07 -41.08
N ASP L 188 -36.50 5.11 -40.73
CA ASP L 188 -36.51 4.56 -39.39
C ASP L 188 -35.66 3.29 -39.25
N ILE L 189 -35.38 2.60 -40.36
CA ILE L 189 -34.55 1.42 -40.36
C ILE L 189 -33.11 1.75 -40.75
N ASP L 190 -32.92 2.67 -41.69
CA ASP L 190 -31.60 3.11 -42.13
C ASP L 190 -31.53 4.62 -41.97
N PRO L 191 -31.17 5.11 -40.77
CA PRO L 191 -31.16 6.56 -40.55
C PRO L 191 -30.18 7.33 -41.43
N ILE L 192 -29.04 6.73 -41.78
CA ILE L 192 -27.98 7.41 -42.50
C ILE L 192 -27.80 6.74 -43.84
N GLN L 193 -27.77 7.55 -44.91
CA GLN L 193 -27.60 7.03 -46.26
C GLN L 193 -26.18 7.19 -46.79
N ALA L 194 -25.51 8.30 -46.50
CA ALA L 194 -24.15 8.48 -46.96
C ALA L 194 -23.41 9.45 -46.04
N VAL L 195 -22.09 9.34 -46.04
CA VAL L 195 -21.21 10.21 -45.26
C VAL L 195 -20.28 10.93 -46.23
N LEU L 196 -20.27 12.26 -46.17
CA LEU L 196 -19.46 13.06 -47.06
C LEU L 196 -18.01 13.08 -46.59
N SER L 197 -17.12 13.51 -47.49
CA SER L 197 -15.69 13.53 -47.18
C SER L 197 -15.38 14.52 -46.07
N ASP L 198 -16.00 15.70 -46.09
CA ASP L 198 -15.70 16.73 -45.10
C ASP L 198 -16.14 16.31 -43.71
N GLY L 199 -17.26 15.61 -43.59
CA GLY L 199 -17.74 15.17 -42.30
C GLY L 199 -19.25 15.19 -42.16
N LYS L 200 -19.92 15.94 -43.03
CA LYS L 200 -21.37 15.96 -43.02
C LYS L 200 -21.93 14.63 -43.50
N VAL L 201 -23.13 14.31 -43.00
CA VAL L 201 -23.82 13.08 -43.37
C VAL L 201 -25.15 13.46 -44.03
N VAL L 202 -25.50 12.74 -45.09
CA VAL L 202 -26.79 12.91 -45.76
C VAL L 202 -27.64 11.68 -45.46
N GLN L 203 -28.86 11.92 -44.98
CA GLN L 203 -29.74 10.87 -44.49
C GLN L 203 -30.77 10.44 -45.54
N GLY L 204 -30.67 10.96 -46.76
CA GLY L 204 -31.58 10.56 -47.81
C GLY L 204 -31.47 11.39 -49.07
N LEU L 205 -31.54 10.73 -50.22
CA LEU L 205 -31.54 11.44 -51.49
C LEU L 205 -32.87 12.18 -51.68
N THR L 206 -32.79 13.33 -52.36
CA THR L 206 -33.95 14.19 -52.51
C THR L 206 -34.95 13.71 -53.55
N ASP L 207 -34.59 12.73 -54.38
CA ASP L 207 -35.50 12.27 -55.42
C ASP L 207 -35.55 10.75 -55.54
N ARG L 208 -35.12 10.01 -54.51
CA ARG L 208 -35.18 8.56 -54.52
C ARG L 208 -35.59 8.08 -53.13
N LEU L 209 -36.42 7.03 -53.10
CA LEU L 209 -36.90 6.47 -51.84
C LEU L 209 -36.67 4.97 -51.82
N THR L 210 -36.22 4.47 -50.68
CA THR L 210 -35.95 3.05 -50.49
C THR L 210 -37.05 2.44 -49.64
N LEU L 211 -37.72 1.43 -50.18
CA LEU L 211 -38.83 0.76 -49.51
C LEU L 211 -38.50 -0.69 -49.26
N PRO L 212 -38.41 -1.13 -47.99
CA PRO L 212 -38.28 -2.56 -47.71
C PRO L 212 -39.65 -3.23 -47.75
N LEU L 213 -39.73 -4.36 -48.44
CA LEU L 213 -40.99 -5.07 -48.66
C LEU L 213 -40.95 -6.38 -47.89
N VAL L 214 -41.68 -6.43 -46.78
CA VAL L 214 -41.81 -7.64 -45.98
C VAL L 214 -43.29 -8.02 -45.94
N ALA L 215 -43.60 -9.24 -46.38
CA ALA L 215 -44.97 -9.75 -46.42
C ALA L 215 -45.90 -8.81 -47.18
N VAL L 216 -45.40 -8.27 -48.28
CA VAL L 216 -46.15 -7.34 -49.14
C VAL L 216 -46.32 -7.99 -50.50
N VAL L 217 -47.55 -8.07 -50.98
CA VAL L 217 -47.85 -8.73 -52.24
C VAL L 217 -48.32 -7.77 -53.33
N GLY L 218 -48.69 -6.53 -52.99
CA GLY L 218 -49.10 -5.60 -54.03
C GLY L 218 -48.85 -4.14 -53.71
N ILE L 219 -48.52 -3.35 -54.72
CA ILE L 219 -48.29 -1.91 -54.56
C ILE L 219 -49.13 -1.17 -55.59
N GLU L 220 -49.96 -0.25 -55.14
CA GLU L 220 -50.80 0.56 -56.00
C GLU L 220 -50.36 2.00 -55.94
N ILE L 221 -50.18 2.62 -57.11
CA ILE L 221 -49.74 4.00 -57.23
C ILE L 221 -50.93 4.83 -57.68
N ASN L 222 -51.23 5.89 -56.93
CA ASN L 222 -52.25 6.88 -57.29
C ASN L 222 -51.53 8.21 -57.50
N LYS L 223 -51.43 8.64 -58.76
CA LYS L 223 -50.65 9.81 -59.13
C LYS L 223 -51.38 10.70 -60.12
N SER L 224 -50.67 11.67 -60.68
CA SER L 224 -51.21 12.58 -61.68
C SER L 224 -50.36 12.53 -62.94
N GLN L 225 -50.98 12.84 -64.08
CA GLN L 225 -50.28 12.78 -65.36
C GLN L 225 -49.20 13.86 -65.44
N GLY L 226 -48.10 13.51 -66.09
CA GLY L 226 -47.04 14.49 -66.34
C GLY L 226 -45.64 14.00 -66.07
N SER L 227 -45.50 12.80 -65.50
CA SER L 227 -44.19 12.29 -65.15
C SER L 227 -44.20 10.76 -65.17
N ILE L 228 -43.01 10.19 -65.29
CA ILE L 228 -42.84 8.73 -65.31
C ILE L 228 -42.27 8.31 -63.97
N ILE L 229 -42.94 7.36 -63.31
CA ILE L 229 -42.51 6.83 -62.02
C ILE L 229 -41.82 5.50 -62.26
N ASN L 230 -40.62 5.34 -61.68
CA ASN L 230 -39.79 4.18 -61.92
C ASN L 230 -39.51 3.46 -60.61
N PHE L 231 -39.65 2.13 -60.63
CA PHE L 231 -39.32 1.26 -59.51
C PHE L 231 -38.22 0.30 -59.94
N VAL L 232 -37.21 0.14 -59.10
CA VAL L 232 -36.15 -0.84 -59.31
C VAL L 232 -36.22 -1.81 -58.14
N VAL L 233 -36.56 -3.06 -58.44
CA VAL L 233 -36.77 -4.08 -57.42
C VAL L 233 -35.60 -5.04 -57.43
N ARG L 234 -35.20 -5.49 -56.23
CA ARG L 234 -34.10 -6.43 -56.08
C ARG L 234 -34.62 -7.72 -55.45
N CYS L 235 -34.18 -8.86 -55.99
CA CYS L 235 -34.59 -10.15 -55.46
C CYS L 235 -33.38 -11.07 -55.39
N LEU L 236 -33.53 -12.16 -54.64
CA LEU L 236 -32.50 -13.18 -54.50
C LEU L 236 -33.08 -14.52 -54.92
N LYS L 237 -32.36 -15.24 -55.78
CA LYS L 237 -32.85 -16.53 -56.22
C LYS L 237 -31.69 -17.39 -56.70
N THR L 238 -31.93 -18.69 -56.79
CA THR L 238 -30.91 -19.66 -57.18
C THR L 238 -30.93 -19.84 -58.69
N VAL L 239 -29.77 -19.71 -59.31
CA VAL L 239 -29.65 -19.88 -60.75
C VAL L 239 -29.49 -21.36 -61.11
#